data_6LVQ
# 
_entry.id   6LVQ 
# 
_audit_conform.dict_name       mmcif_pdbx.dic 
_audit_conform.dict_version    5.380 
_audit_conform.dict_location   http://mmcif.pdb.org/dictionaries/ascii/mmcif_pdbx.dic 
# 
loop_
_database_2.database_id 
_database_2.database_code 
_database_2.pdbx_database_accession 
_database_2.pdbx_DOI 
PDB   6LVQ         pdb_00006lvq 10.2210/pdb6lvq/pdb 
WWPDB D_1300015575 ?            ?                   
# 
_pdbx_database_related.db_name        PDB 
_pdbx_database_related.details        . 
_pdbx_database_related.db_id          6L1S 
_pdbx_database_related.content_type   unspecified 
# 
_pdbx_database_status.status_code                     REL 
_pdbx_database_status.status_code_sf                  REL 
_pdbx_database_status.status_code_mr                  ? 
_pdbx_database_status.entry_id                        6LVQ 
_pdbx_database_status.recvd_initial_deposition_date   2020-02-04 
_pdbx_database_status.SG_entry                        N 
_pdbx_database_status.deposit_site                    PDBJ 
_pdbx_database_status.process_site                    PDBJ 
_pdbx_database_status.status_code_cs                  ? 
_pdbx_database_status.status_code_nmr_data            ? 
_pdbx_database_status.methods_development_category    ? 
_pdbx_database_status.pdb_format_compatible           Y 
# 
loop_
_audit_author.name 
_audit_author.pdbx_ordinal 
_audit_author.identifier_ORCID 
'Lai, C.H.' 1 0000-0002-4899-2817 
'Lyu, P.C.' 2 0000-0002-6824-543X 
# 
_citation.abstract                  ? 
_citation.abstract_id_CAS           ? 
_citation.book_id_ISBN              ? 
_citation.book_publisher            ? 
_citation.book_publisher_city       ? 
_citation.book_title                ? 
_citation.coordinate_linkage        ? 
_citation.country                   CH 
_citation.database_id_Medline       ? 
_citation.details                   ? 
_citation.id                        primary 
_citation.journal_abbrev            'Int J Mol Sci' 
_citation.journal_id_ASTM           ? 
_citation.journal_id_CSD            ? 
_citation.journal_id_ISSN           1422-0067 
_citation.journal_full              ? 
_citation.journal_issue             ? 
_citation.journal_volume            21 
_citation.language                  ? 
_citation.page_first                ? 
_citation.page_last                 ? 
_citation.title                     
'Structural Insights into the Active Site Formation of DUSP22 in N-loop-containing Protein Tyrosine Phosphatases.' 
_citation.year                      2020 
_citation.database_id_CSD           ? 
_citation.pdbx_database_id_DOI      10.3390/ijms21207515 
_citation.pdbx_database_id_PubMed   33053837 
_citation.unpublished_flag          ? 
# 
loop_
_citation_author.citation_id 
_citation_author.name 
_citation_author.ordinal 
_citation_author.identifier_ORCID 
primary 'Lai, C.H.'    1 0000-0002-4899-2817 
primary 'Chang, C.C.'  2 ?                   
primary 'Chuang, H.C.' 3 ?                   
primary 'Tan, T.H.'    4 0000-0003-4969-3170 
primary 'Lyu, P.C.'    5 0000-0002-6824-543X 
# 
_cell.angle_alpha                  90.000 
_cell.angle_alpha_esd              ? 
_cell.angle_beta                   108.130 
_cell.angle_beta_esd               ? 
_cell.angle_gamma                  90.000 
_cell.angle_gamma_esd              ? 
_cell.entry_id                     6LVQ 
_cell.details                      ? 
_cell.formula_units_Z              ? 
_cell.length_a                     36.130 
_cell.length_a_esd                 ? 
_cell.length_b                     49.736 
_cell.length_b_esd                 ? 
_cell.length_c                     39.847 
_cell.length_c_esd                 ? 
_cell.volume                       ? 
_cell.volume_esd                   ? 
_cell.Z_PDB                        2 
_cell.reciprocal_angle_alpha       ? 
_cell.reciprocal_angle_beta        ? 
_cell.reciprocal_angle_gamma       ? 
_cell.reciprocal_angle_alpha_esd   ? 
_cell.reciprocal_angle_beta_esd    ? 
_cell.reciprocal_angle_gamma_esd   ? 
_cell.reciprocal_length_a          ? 
_cell.reciprocal_length_b          ? 
_cell.reciprocal_length_c          ? 
_cell.reciprocal_length_a_esd      ? 
_cell.reciprocal_length_b_esd      ? 
_cell.reciprocal_length_c_esd      ? 
_cell.pdbx_unique_axis             ? 
# 
_symmetry.entry_id                         6LVQ 
_symmetry.cell_setting                     ? 
_symmetry.Int_Tables_number                4 
_symmetry.space_group_name_Hall            ? 
_symmetry.space_group_name_H-M             'P 1 21 1' 
_symmetry.pdbx_full_space_group_name_H-M   ? 
# 
loop_
_entity.id 
_entity.type 
_entity.src_method 
_entity.pdbx_description 
_entity.formula_weight 
_entity.pdbx_number_of_molecules 
_entity.pdbx_ec 
_entity.pdbx_mutation 
_entity.pdbx_fragment 
_entity.details 
1 polymer     man 'Dual specificity protein phosphatase 22' 17811.381 1  3.1.3.16,3.1.3.48 ? ? ? 
2 non-polymer syn 'VANADATE ION'                            114.939   1  ?                 ? ? ? 
3 water       nat water                                     18.015    98 ?                 ? ? ? 
# 
_entity_name_com.entity_id   1 
_entity_name_com.name        
;JNK-stimulatory phosphatase-1,JSP-1,Low molecular weight dual specificity phosphatase 2,LMW-DSP2,Mitogen-activated protein kinase phosphatase x,MKP-x
;
# 
_entity_poly.entity_id                      1 
_entity_poly.type                           'polypeptide(L)' 
_entity_poly.nstd_linkage                   no 
_entity_poly.nstd_monomer                   no 
_entity_poly.pdbx_seq_one_letter_code       
;GPMGNGMNKILPGLYIGNFKDARDAEQLSKNKVTHILSVHDSARPMLEGVKYLCIPAADSPSQNLTRHFKESIKFIHECR
LRGESCLVHCLAGVSRSVTLVIAYIMTVTDFGWEDALHTVRAGRSCANPNVGFQRQLQEFEKHEVHQYRQWLKEEYG
;
_entity_poly.pdbx_seq_one_letter_code_can   
;GPMGNGMNKILPGLYIGNFKDARDAEQLSKNKVTHILSVHDSARPMLEGVKYLCIPAADSPSQNLTRHFKESIKFIHECR
LRGESCLVHCLAGVSRSVTLVIAYIMTVTDFGWEDALHTVRAGRSCANPNVGFQRQLQEFEKHEVHQYRQWLKEEYG
;
_entity_poly.pdbx_strand_id                 A 
_entity_poly.pdbx_target_identifier         ? 
# 
loop_
_entity_poly_seq.entity_id 
_entity_poly_seq.num 
_entity_poly_seq.mon_id 
_entity_poly_seq.hetero 
1 1   GLY n 
1 2   PRO n 
1 3   MET n 
1 4   GLY n 
1 5   ASN n 
1 6   GLY n 
1 7   MET n 
1 8   ASN n 
1 9   LYS n 
1 10  ILE n 
1 11  LEU n 
1 12  PRO n 
1 13  GLY n 
1 14  LEU n 
1 15  TYR n 
1 16  ILE n 
1 17  GLY n 
1 18  ASN n 
1 19  PHE n 
1 20  LYS n 
1 21  ASP n 
1 22  ALA n 
1 23  ARG n 
1 24  ASP n 
1 25  ALA n 
1 26  GLU n 
1 27  GLN n 
1 28  LEU n 
1 29  SER n 
1 30  LYS n 
1 31  ASN n 
1 32  LYS n 
1 33  VAL n 
1 34  THR n 
1 35  HIS n 
1 36  ILE n 
1 37  LEU n 
1 38  SER n 
1 39  VAL n 
1 40  HIS n 
1 41  ASP n 
1 42  SER n 
1 43  ALA n 
1 44  ARG n 
1 45  PRO n 
1 46  MET n 
1 47  LEU n 
1 48  GLU n 
1 49  GLY n 
1 50  VAL n 
1 51  LYS n 
1 52  TYR n 
1 53  LEU n 
1 54  CYS n 
1 55  ILE n 
1 56  PRO n 
1 57  ALA n 
1 58  ALA n 
1 59  ASP n 
1 60  SER n 
1 61  PRO n 
1 62  SER n 
1 63  GLN n 
1 64  ASN n 
1 65  LEU n 
1 66  THR n 
1 67  ARG n 
1 68  HIS n 
1 69  PHE n 
1 70  LYS n 
1 71  GLU n 
1 72  SER n 
1 73  ILE n 
1 74  LYS n 
1 75  PHE n 
1 76  ILE n 
1 77  HIS n 
1 78  GLU n 
1 79  CYS n 
1 80  ARG n 
1 81  LEU n 
1 82  ARG n 
1 83  GLY n 
1 84  GLU n 
1 85  SER n 
1 86  CYS n 
1 87  LEU n 
1 88  VAL n 
1 89  HIS n 
1 90  CYS n 
1 91  LEU n 
1 92  ALA n 
1 93  GLY n 
1 94  VAL n 
1 95  SER n 
1 96  ARG n 
1 97  SER n 
1 98  VAL n 
1 99  THR n 
1 100 LEU n 
1 101 VAL n 
1 102 ILE n 
1 103 ALA n 
1 104 TYR n 
1 105 ILE n 
1 106 MET n 
1 107 THR n 
1 108 VAL n 
1 109 THR n 
1 110 ASP n 
1 111 PHE n 
1 112 GLY n 
1 113 TRP n 
1 114 GLU n 
1 115 ASP n 
1 116 ALA n 
1 117 LEU n 
1 118 HIS n 
1 119 THR n 
1 120 VAL n 
1 121 ARG n 
1 122 ALA n 
1 123 GLY n 
1 124 ARG n 
1 125 SER n 
1 126 CYS n 
1 127 ALA n 
1 128 ASN n 
1 129 PRO n 
1 130 ASN n 
1 131 VAL n 
1 132 GLY n 
1 133 PHE n 
1 134 GLN n 
1 135 ARG n 
1 136 GLN n 
1 137 LEU n 
1 138 GLN n 
1 139 GLU n 
1 140 PHE n 
1 141 GLU n 
1 142 LYS n 
1 143 HIS n 
1 144 GLU n 
1 145 VAL n 
1 146 HIS n 
1 147 GLN n 
1 148 TYR n 
1 149 ARG n 
1 150 GLN n 
1 151 TRP n 
1 152 LEU n 
1 153 LYS n 
1 154 GLU n 
1 155 GLU n 
1 156 TYR n 
1 157 GLY n 
# 
_entity_src_gen.entity_id                          1 
_entity_src_gen.pdbx_src_id                        1 
_entity_src_gen.pdbx_alt_source_flag               sample 
_entity_src_gen.pdbx_seq_type                      'Biological sequence' 
_entity_src_gen.pdbx_beg_seq_num                   1 
_entity_src_gen.pdbx_end_seq_num                   157 
_entity_src_gen.gene_src_common_name               Human 
_entity_src_gen.gene_src_genus                     ? 
_entity_src_gen.pdbx_gene_src_gene                 'DUSP22, JSP1, LMWDSP2, MKPX' 
_entity_src_gen.gene_src_species                   ? 
_entity_src_gen.gene_src_strain                    ? 
_entity_src_gen.gene_src_tissue                    ? 
_entity_src_gen.gene_src_tissue_fraction           ? 
_entity_src_gen.gene_src_details                   ? 
_entity_src_gen.pdbx_gene_src_fragment             ? 
_entity_src_gen.pdbx_gene_src_scientific_name      'Homo sapiens' 
_entity_src_gen.pdbx_gene_src_ncbi_taxonomy_id     9606 
_entity_src_gen.pdbx_gene_src_variant              ? 
_entity_src_gen.pdbx_gene_src_cell_line            ? 
_entity_src_gen.pdbx_gene_src_atcc                 ? 
_entity_src_gen.pdbx_gene_src_organ                ? 
_entity_src_gen.pdbx_gene_src_organelle            ? 
_entity_src_gen.pdbx_gene_src_cell                 ? 
_entity_src_gen.pdbx_gene_src_cellular_location    ? 
_entity_src_gen.host_org_common_name               ? 
_entity_src_gen.pdbx_host_org_scientific_name      'Escherichia coli' 
_entity_src_gen.pdbx_host_org_ncbi_taxonomy_id     562 
_entity_src_gen.host_org_genus                     ? 
_entity_src_gen.pdbx_host_org_gene                 ? 
_entity_src_gen.pdbx_host_org_organ                ? 
_entity_src_gen.host_org_species                   ? 
_entity_src_gen.pdbx_host_org_tissue               ? 
_entity_src_gen.pdbx_host_org_tissue_fraction      ? 
_entity_src_gen.pdbx_host_org_strain               ? 
_entity_src_gen.pdbx_host_org_variant              ? 
_entity_src_gen.pdbx_host_org_cell_line            ? 
_entity_src_gen.pdbx_host_org_atcc                 ? 
_entity_src_gen.pdbx_host_org_culture_collection   ? 
_entity_src_gen.pdbx_host_org_cell                 ? 
_entity_src_gen.pdbx_host_org_organelle            ? 
_entity_src_gen.pdbx_host_org_cellular_location    ? 
_entity_src_gen.pdbx_host_org_vector_type          ? 
_entity_src_gen.pdbx_host_org_vector               ? 
_entity_src_gen.host_org_details                   ? 
_entity_src_gen.expression_system_id               ? 
_entity_src_gen.plasmid_name                       ? 
_entity_src_gen.plasmid_details                    ? 
_entity_src_gen.pdbx_description                   ? 
# 
_struct_ref.id                         1 
_struct_ref.db_name                    UNP 
_struct_ref.db_code                    DUS22_HUMAN 
_struct_ref.pdbx_db_accession          Q9NRW4 
_struct_ref.pdbx_db_isoform            ? 
_struct_ref.entity_id                  1 
_struct_ref.pdbx_seq_one_letter_code   
;MGNGMNKILPGLYIGNFKDARDAEQLSKNKVTHILSVHDSARPMLEGVKYLCIPAADSPSQNLTRHFKESIKFIHECRLR
GESCLVHCLAGVSRSVTLVIAYIMTVTDFGWEDALHTVRAGRSCANPNVGFQRQLQEFEKHEVHQYRQWLKEEYG
;
_struct_ref.pdbx_align_begin           1 
# 
_struct_ref_seq.align_id                      1 
_struct_ref_seq.ref_id                        1 
_struct_ref_seq.pdbx_PDB_id_code              6LVQ 
_struct_ref_seq.pdbx_strand_id                A 
_struct_ref_seq.seq_align_beg                 3 
_struct_ref_seq.pdbx_seq_align_beg_ins_code   ? 
_struct_ref_seq.seq_align_end                 157 
_struct_ref_seq.pdbx_seq_align_end_ins_code   ? 
_struct_ref_seq.pdbx_db_accession             Q9NRW4 
_struct_ref_seq.db_align_beg                  1 
_struct_ref_seq.pdbx_db_align_beg_ins_code    ? 
_struct_ref_seq.db_align_end                  155 
_struct_ref_seq.pdbx_db_align_end_ins_code    ? 
_struct_ref_seq.pdbx_auth_seq_align_beg       1 
_struct_ref_seq.pdbx_auth_seq_align_end       155 
# 
loop_
_struct_ref_seq_dif.align_id 
_struct_ref_seq_dif.pdbx_pdb_id_code 
_struct_ref_seq_dif.mon_id 
_struct_ref_seq_dif.pdbx_pdb_strand_id 
_struct_ref_seq_dif.seq_num 
_struct_ref_seq_dif.pdbx_pdb_ins_code 
_struct_ref_seq_dif.pdbx_seq_db_name 
_struct_ref_seq_dif.pdbx_seq_db_accession_code 
_struct_ref_seq_dif.db_mon_id 
_struct_ref_seq_dif.pdbx_seq_db_seq_num 
_struct_ref_seq_dif.details 
_struct_ref_seq_dif.pdbx_auth_seq_num 
_struct_ref_seq_dif.pdbx_ordinal 
1 6LVQ GLY A 1 ? UNP Q9NRW4 ? ? 'expression tag' -1 1 
1 6LVQ PRO A 2 ? UNP Q9NRW4 ? ? 'expression tag' 0  2 
# 
loop_
_chem_comp.id 
_chem_comp.type 
_chem_comp.mon_nstd_flag 
_chem_comp.name 
_chem_comp.pdbx_synonyms 
_chem_comp.formula 
_chem_comp.formula_weight 
ALA 'L-peptide linking' y ALANINE         ? 'C3 H7 N O2'     89.093  
ARG 'L-peptide linking' y ARGININE        ? 'C6 H15 N4 O2 1' 175.209 
ASN 'L-peptide linking' y ASPARAGINE      ? 'C4 H8 N2 O3'    132.118 
ASP 'L-peptide linking' y 'ASPARTIC ACID' ? 'C4 H7 N O4'     133.103 
CYS 'L-peptide linking' y CYSTEINE        ? 'C3 H7 N O2 S'   121.158 
GLN 'L-peptide linking' y GLUTAMINE       ? 'C5 H10 N2 O3'   146.144 
GLU 'L-peptide linking' y 'GLUTAMIC ACID' ? 'C5 H9 N O4'     147.129 
GLY 'peptide linking'   y GLYCINE         ? 'C2 H5 N O2'     75.067  
HIS 'L-peptide linking' y HISTIDINE       ? 'C6 H10 N3 O2 1' 156.162 
HOH non-polymer         . WATER           ? 'H2 O'           18.015  
ILE 'L-peptide linking' y ISOLEUCINE      ? 'C6 H13 N O2'    131.173 
LEU 'L-peptide linking' y LEUCINE         ? 'C6 H13 N O2'    131.173 
LYS 'L-peptide linking' y LYSINE          ? 'C6 H15 N2 O2 1' 147.195 
MET 'L-peptide linking' y METHIONINE      ? 'C5 H11 N O2 S'  149.211 
PHE 'L-peptide linking' y PHENYLALANINE   ? 'C9 H11 N O2'    165.189 
PRO 'L-peptide linking' y PROLINE         ? 'C5 H9 N O2'     115.130 
SER 'L-peptide linking' y SERINE          ? 'C3 H7 N O3'     105.093 
THR 'L-peptide linking' y THREONINE       ? 'C4 H9 N O3'     119.119 
TRP 'L-peptide linking' y TRYPTOPHAN      ? 'C11 H12 N2 O2'  204.225 
TYR 'L-peptide linking' y TYROSINE        ? 'C9 H11 N O3'    181.189 
VAL 'L-peptide linking' y VALINE          ? 'C5 H11 N O2'    117.146 
VO4 non-polymer         . 'VANADATE ION'  ? 'O4 V -3'        114.939 
# 
_exptl.absorpt_coefficient_mu     ? 
_exptl.absorpt_correction_T_max   ? 
_exptl.absorpt_correction_T_min   ? 
_exptl.absorpt_correction_type    ? 
_exptl.absorpt_process_details    ? 
_exptl.entry_id                   6LVQ 
_exptl.crystals_number            1 
_exptl.details                    ? 
_exptl.method                     'X-RAY DIFFRACTION' 
_exptl.method_details             ? 
# 
_exptl_crystal.colour                      ? 
_exptl_crystal.density_diffrn              ? 
_exptl_crystal.density_Matthews            1.91 
_exptl_crystal.density_method              ? 
_exptl_crystal.density_percent_sol         35.61 
_exptl_crystal.description                 ? 
_exptl_crystal.F_000                       ? 
_exptl_crystal.id                          1 
_exptl_crystal.preparation                 ? 
_exptl_crystal.size_max                    ? 
_exptl_crystal.size_mid                    ? 
_exptl_crystal.size_min                    ? 
_exptl_crystal.size_rad                    ? 
_exptl_crystal.colour_lustre               ? 
_exptl_crystal.colour_modifier             ? 
_exptl_crystal.colour_primary              ? 
_exptl_crystal.density_meas                ? 
_exptl_crystal.density_meas_esd            ? 
_exptl_crystal.density_meas_gt             ? 
_exptl_crystal.density_meas_lt             ? 
_exptl_crystal.density_meas_temp           ? 
_exptl_crystal.density_meas_temp_esd       ? 
_exptl_crystal.density_meas_temp_gt        ? 
_exptl_crystal.density_meas_temp_lt        ? 
_exptl_crystal.pdbx_crystal_image_url      ? 
_exptl_crystal.pdbx_crystal_image_format   ? 
_exptl_crystal.pdbx_mosaicity              ? 
_exptl_crystal.pdbx_mosaicity_esd          ? 
# 
_exptl_crystal_grow.apparatus       ? 
_exptl_crystal_grow.atmosphere      ? 
_exptl_crystal_grow.crystal_id      1 
_exptl_crystal_grow.details         ? 
_exptl_crystal_grow.method          'VAPOR DIFFUSION, HANGING DROP' 
_exptl_crystal_grow.method_ref      ? 
_exptl_crystal_grow.pH              6.5 
_exptl_crystal_grow.pressure        ? 
_exptl_crystal_grow.pressure_esd    ? 
_exptl_crystal_grow.seeding         ? 
_exptl_crystal_grow.seeding_ref     ? 
_exptl_crystal_grow.temp            293 
_exptl_crystal_grow.temp_details    ? 
_exptl_crystal_grow.temp_esd        ? 
_exptl_crystal_grow.time            ? 
_exptl_crystal_grow.pdbx_details    '0.1 M MES, 2 mM MnCl2, 0.1 mM VO4, 25% PEG 4000' 
_exptl_crystal_grow.pdbx_pH_range   ? 
# 
_diffrn.ambient_environment              ? 
_diffrn.ambient_temp                     100 
_diffrn.ambient_temp_details             ? 
_diffrn.ambient_temp_esd                 ? 
_diffrn.crystal_id                       1 
_diffrn.crystal_support                  ? 
_diffrn.crystal_treatment                ? 
_diffrn.details                          ? 
_diffrn.id                               1 
_diffrn.ambient_pressure                 ? 
_diffrn.ambient_pressure_esd             ? 
_diffrn.ambient_pressure_gt              ? 
_diffrn.ambient_pressure_lt              ? 
_diffrn.ambient_temp_gt                  ? 
_diffrn.ambient_temp_lt                  ? 
_diffrn.pdbx_serial_crystal_experiment   N 
# 
_diffrn_detector.details                      ? 
_diffrn_detector.detector                     CCD 
_diffrn_detector.diffrn_id                    1 
_diffrn_detector.type                         'RAYONIX MX300-HS' 
_diffrn_detector.area_resol_mean              ? 
_diffrn_detector.dtime                        ? 
_diffrn_detector.pdbx_frames_total            ? 
_diffrn_detector.pdbx_collection_time_total   ? 
_diffrn_detector.pdbx_collection_date         2017-02-26 
_diffrn_detector.pdbx_frequency               ? 
# 
_diffrn_radiation.collimation                      ? 
_diffrn_radiation.diffrn_id                        1 
_diffrn_radiation.filter_edge                      ? 
_diffrn_radiation.inhomogeneity                    ? 
_diffrn_radiation.monochromator                    ? 
_diffrn_radiation.polarisn_norm                    ? 
_diffrn_radiation.polarisn_ratio                   ? 
_diffrn_radiation.probe                            ? 
_diffrn_radiation.type                             ? 
_diffrn_radiation.xray_symbol                      ? 
_diffrn_radiation.wavelength_id                    1 
_diffrn_radiation.pdbx_monochromatic_or_laue_m_l   M 
_diffrn_radiation.pdbx_wavelength_list             ? 
_diffrn_radiation.pdbx_wavelength                  ? 
_diffrn_radiation.pdbx_diffrn_protocol             'SINGLE WAVELENGTH' 
_diffrn_radiation.pdbx_analyzer                    ? 
_diffrn_radiation.pdbx_scattering_type             x-ray 
# 
_diffrn_radiation_wavelength.id           1 
_diffrn_radiation_wavelength.wavelength   0.99987 
_diffrn_radiation_wavelength.wt           1.0 
# 
_diffrn_source.current                     ? 
_diffrn_source.details                     ? 
_diffrn_source.diffrn_id                   1 
_diffrn_source.power                       ? 
_diffrn_source.size                        ? 
_diffrn_source.source                      SYNCHROTRON 
_diffrn_source.target                      ? 
_diffrn_source.type                        'NSRRC BEAMLINE TPS 05A' 
_diffrn_source.voltage                     ? 
_diffrn_source.take-off_angle              ? 
_diffrn_source.pdbx_wavelength_list        0.99987 
_diffrn_source.pdbx_wavelength             ? 
_diffrn_source.pdbx_synchrotron_beamline   'TPS 05A' 
_diffrn_source.pdbx_synchrotron_site       NSRRC 
# 
_reflns.B_iso_Wilson_estimate            ? 
_reflns.entry_id                         6LVQ 
_reflns.data_reduction_details           ? 
_reflns.data_reduction_method            ? 
_reflns.d_resolution_high                1.380 
_reflns.d_resolution_low                 50.000 
_reflns.details                          ? 
_reflns.limit_h_max                      ? 
_reflns.limit_h_min                      ? 
_reflns.limit_k_max                      ? 
_reflns.limit_k_min                      ? 
_reflns.limit_l_max                      ? 
_reflns.limit_l_min                      ? 
_reflns.number_all                       ? 
_reflns.number_obs                       27144 
_reflns.observed_criterion               ? 
_reflns.observed_criterion_F_max         ? 
_reflns.observed_criterion_F_min         ? 
_reflns.observed_criterion_I_max         ? 
_reflns.observed_criterion_I_min         ? 
_reflns.observed_criterion_sigma_F       ? 
_reflns.observed_criterion_sigma_I       ? 
_reflns.percent_possible_obs             97.900 
_reflns.R_free_details                   ? 
_reflns.Rmerge_F_all                     ? 
_reflns.Rmerge_F_obs                     ? 
_reflns.Friedel_coverage                 ? 
_reflns.number_gt                        ? 
_reflns.threshold_expression             ? 
_reflns.pdbx_redundancy                  5.600 
_reflns.pdbx_Rmerge_I_obs                0.107 
_reflns.pdbx_Rmerge_I_all                ? 
_reflns.pdbx_Rsym_value                  ? 
_reflns.pdbx_netI_over_av_sigmaI         ? 
_reflns.pdbx_netI_over_sigmaI            9.800 
_reflns.pdbx_res_netI_over_av_sigmaI_2   ? 
_reflns.pdbx_res_netI_over_sigmaI_2      ? 
_reflns.pdbx_chi_squared                 1.062 
_reflns.pdbx_scaling_rejects             ? 
_reflns.pdbx_d_res_high_opt              ? 
_reflns.pdbx_d_res_low_opt               ? 
_reflns.pdbx_d_res_opt_method            ? 
_reflns.phase_calculation_details        ? 
_reflns.pdbx_Rrim_I_all                  0.118 
_reflns.pdbx_Rpim_I_all                  0.048 
_reflns.pdbx_d_opt                       ? 
_reflns.pdbx_number_measured_all         152760 
_reflns.pdbx_diffrn_id                   1 
_reflns.pdbx_ordinal                     1 
_reflns.pdbx_CC_half                     ? 
_reflns.pdbx_CC_star                     ? 
_reflns.pdbx_R_split                     ? 
# 
loop_
_reflns_shell.d_res_high 
_reflns_shell.d_res_low 
_reflns_shell.meanI_over_sigI_all 
_reflns_shell.meanI_over_sigI_obs 
_reflns_shell.number_measured_all 
_reflns_shell.number_measured_obs 
_reflns_shell.number_possible 
_reflns_shell.number_unique_all 
_reflns_shell.number_unique_obs 
_reflns_shell.percent_possible_all 
_reflns_shell.percent_possible_obs 
_reflns_shell.Rmerge_F_all 
_reflns_shell.Rmerge_F_obs 
_reflns_shell.Rmerge_I_all 
_reflns_shell.Rmerge_I_obs 
_reflns_shell.meanI_over_sigI_gt 
_reflns_shell.meanI_over_uI_all 
_reflns_shell.meanI_over_uI_gt 
_reflns_shell.number_measured_gt 
_reflns_shell.number_unique_gt 
_reflns_shell.percent_possible_gt 
_reflns_shell.Rmerge_F_gt 
_reflns_shell.Rmerge_I_gt 
_reflns_shell.pdbx_redundancy 
_reflns_shell.pdbx_Rsym_value 
_reflns_shell.pdbx_chi_squared 
_reflns_shell.pdbx_netI_over_sigmaI_all 
_reflns_shell.pdbx_netI_over_sigmaI_obs 
_reflns_shell.pdbx_Rrim_I_all 
_reflns_shell.pdbx_Rpim_I_all 
_reflns_shell.pdbx_rejects 
_reflns_shell.pdbx_ordinal 
_reflns_shell.pdbx_diffrn_id 
_reflns_shell.pdbx_CC_half 
_reflns_shell.pdbx_CC_star 
_reflns_shell.pdbx_R_split 
1.380 1.430  ? ? ? ? ? ? 2622 95.100 ? ? ? ? 0.578 ? ? ? ? ? ? ? ? 3.300 ? 1.087 ? ? 0.680 0.353 ? 1  1 0.806 ? ? 
1.430 1.490  ? ? ? ? ? ? 2672 97.100 ? ? ? ? 0.613 ? ? ? ? ? ? ? ? 3.700 ? 1.094 ? ? 0.703 0.339 ? 2  1 0.746 ? ? 
1.490 1.550  ? ? ? ? ? ? 2671 97.300 ? ? ? ? 0.691 ? ? ? ? ? ? ? ? 4.500 ? 1.076 ? ? 0.767 0.329 ? 3  1 0.880 ? ? 
1.550 1.640  ? ? ? ? ? ? 2731 98.000 ? ? ? ? 0.802 ? ? ? ? ? ? ? ? 6.000 ? 1.075 ? ? 0.872 0.339 ? 4  1 0.899 ? ? 
1.640 1.740  ? ? ? ? ? ? 2698 98.200 ? ? ? ? 0.614 ? ? ? ? ? ? ? ? 6.900 ? 1.087 ? ? 0.663 0.247 ? 5  1 0.955 ? ? 
1.740 1.870  ? ? ? ? ? ? 2726 98.500 ? ? ? ? 0.356 ? ? ? ? ? ? ? ? 7.000 ? 1.068 ? ? 0.384 0.143 ? 6  1 0.980 ? ? 
1.870 2.060  ? ? ? ? ? ? 2741 99.000 ? ? ? ? 0.180 ? ? ? ? ? ? ? ? 6.800 ? 1.052 ? ? 0.195 0.074 ? 7  1 0.992 ? ? 
2.060 2.360  ? ? ? ? ? ? 2763 99.000 ? ? ? ? 0.104 ? ? ? ? ? ? ? ? 6.600 ? 1.044 ? ? 0.113 0.043 ? 8  1 0.994 ? ? 
2.360 2.970  ? ? ? ? ? ? 2757 99.500 ? ? ? ? 0.073 ? ? ? ? ? ? ? ? 6.600 ? 1.049 ? ? 0.079 0.031 ? 9  1 0.996 ? ? 
2.970 50.000 ? ? ? ? ? ? 2763 96.800 ? ? ? ? 0.044 ? ? ? ? ? ? ? ? 4.700 ? 1.005 ? ? 0.051 0.024 ? 10 1 0.995 ? ? 
# 
_refine.aniso_B[1][1]                            ? 
_refine.aniso_B[1][2]                            ? 
_refine.aniso_B[1][3]                            ? 
_refine.aniso_B[2][2]                            ? 
_refine.aniso_B[2][3]                            ? 
_refine.aniso_B[3][3]                            ? 
_refine.B_iso_max                                45.740 
_refine.B_iso_mean                               20.2221 
_refine.B_iso_min                                8.900 
_refine.correlation_coeff_Fo_to_Fc               ? 
_refine.correlation_coeff_Fo_to_Fc_free          ? 
_refine.details                                  ? 
_refine.diff_density_max                         ? 
_refine.diff_density_max_esd                     ? 
_refine.diff_density_min                         ? 
_refine.diff_density_min_esd                     ? 
_refine.diff_density_rms                         ? 
_refine.diff_density_rms_esd                     ? 
_refine.entry_id                                 6LVQ 
_refine.pdbx_refine_id                           'X-RAY DIFFRACTION' 
_refine.ls_abs_structure_details                 ? 
_refine.ls_abs_structure_Flack                   ? 
_refine.ls_abs_structure_Flack_esd               ? 
_refine.ls_abs_structure_Rogers                  ? 
_refine.ls_abs_structure_Rogers_esd              ? 
_refine.ls_d_res_high                            1.3800 
_refine.ls_d_res_low                             28.2624 
_refine.ls_extinction_coef                       ? 
_refine.ls_extinction_coef_esd                   ? 
_refine.ls_extinction_expression                 ? 
_refine.ls_extinction_method                     ? 
_refine.ls_goodness_of_fit_all                   ? 
_refine.ls_goodness_of_fit_all_esd               ? 
_refine.ls_goodness_of_fit_obs                   ? 
_refine.ls_goodness_of_fit_obs_esd               ? 
_refine.ls_hydrogen_treatment                    ? 
_refine.ls_matrix_type                           ? 
_refine.ls_number_constraints                    ? 
_refine.ls_number_parameters                     ? 
_refine.ls_number_reflns_all                     ? 
_refine.ls_number_reflns_obs                     27061 
_refine.ls_number_reflns_R_free                  2000 
_refine.ls_number_reflns_R_work                  ? 
_refine.ls_number_restraints                     ? 
_refine.ls_percent_reflns_obs                    97.7800 
_refine.ls_percent_reflns_R_free                 7.3900 
_refine.ls_R_factor_all                          ? 
_refine.ls_R_factor_obs                          0.2060 
_refine.ls_R_factor_R_free                       0.2287 
_refine.ls_R_factor_R_free_error                 ? 
_refine.ls_R_factor_R_free_error_details         ? 
_refine.ls_R_factor_R_work                       0.2041 
_refine.ls_R_Fsqd_factor_obs                     ? 
_refine.ls_R_I_factor_obs                        ? 
_refine.ls_redundancy_reflns_all                 ? 
_refine.ls_redundancy_reflns_obs                 ? 
_refine.ls_restrained_S_all                      ? 
_refine.ls_restrained_S_obs                      ? 
_refine.ls_shift_over_esd_max                    ? 
_refine.ls_shift_over_esd_mean                   ? 
_refine.ls_structure_factor_coef                 ? 
_refine.ls_weighting_details                     ? 
_refine.ls_weighting_scheme                      ? 
_refine.ls_wR_factor_all                         ? 
_refine.ls_wR_factor_obs                         ? 
_refine.ls_wR_factor_R_free                      ? 
_refine.ls_wR_factor_R_work                      ? 
_refine.occupancy_max                            ? 
_refine.occupancy_min                            ? 
_refine.solvent_model_details                    ? 
_refine.solvent_model_param_bsol                 ? 
_refine.solvent_model_param_ksol                 ? 
_refine.pdbx_R_complete                          ? 
_refine.ls_R_factor_gt                           ? 
_refine.ls_goodness_of_fit_gt                    ? 
_refine.ls_goodness_of_fit_ref                   ? 
_refine.ls_shift_over_su_max                     ? 
_refine.ls_shift_over_su_max_lt                  ? 
_refine.ls_shift_over_su_mean                    ? 
_refine.ls_shift_over_su_mean_lt                 ? 
_refine.pdbx_ls_sigma_I                          ? 
_refine.pdbx_ls_sigma_F                          1.370 
_refine.pdbx_ls_sigma_Fsqd                       ? 
_refine.pdbx_data_cutoff_high_absF               ? 
_refine.pdbx_data_cutoff_high_rms_absF           ? 
_refine.pdbx_data_cutoff_low_absF                ? 
_refine.pdbx_isotropic_thermal_model             ? 
_refine.pdbx_ls_cross_valid_method               THROUGHOUT 
_refine.pdbx_method_to_determine_struct          'MOLECULAR REPLACEMENT' 
_refine.pdbx_starting_model                      1WRM 
_refine.pdbx_stereochemistry_target_values       ? 
_refine.pdbx_R_Free_selection_details            ? 
_refine.pdbx_stereochem_target_val_spec_case     ? 
_refine.pdbx_overall_ESU_R                       ? 
_refine.pdbx_overall_ESU_R_Free                  ? 
_refine.pdbx_solvent_vdw_probe_radii             1.1100 
_refine.pdbx_solvent_ion_probe_radii             ? 
_refine.pdbx_solvent_shrinkage_radii             0.9000 
_refine.pdbx_real_space_R                        ? 
_refine.pdbx_density_correlation                 ? 
_refine.pdbx_pd_number_of_powder_patterns        ? 
_refine.pdbx_pd_number_of_points                 ? 
_refine.pdbx_pd_meas_number_of_points            ? 
_refine.pdbx_pd_proc_ls_prof_R_factor            ? 
_refine.pdbx_pd_proc_ls_prof_wR_factor           ? 
_refine.pdbx_pd_Marquardt_correlation_coeff      ? 
_refine.pdbx_pd_Fsqrd_R_factor                   ? 
_refine.pdbx_pd_ls_matrix_band_width             ? 
_refine.pdbx_overall_phase_error                 24.9500 
_refine.pdbx_overall_SU_R_free_Cruickshank_DPI   ? 
_refine.pdbx_overall_SU_R_free_Blow_DPI          ? 
_refine.pdbx_overall_SU_R_Blow_DPI               ? 
_refine.pdbx_TLS_residual_ADP_flag               ? 
_refine.pdbx_diffrn_id                           1 
_refine.overall_SU_B                             ? 
_refine.overall_SU_ML                            0.1500 
_refine.overall_SU_R_Cruickshank_DPI             ? 
_refine.overall_SU_R_free                        ? 
_refine.overall_FOM_free_R_set                   ? 
_refine.overall_FOM_work_R_set                   ? 
_refine.pdbx_average_fsc_overall                 ? 
_refine.pdbx_average_fsc_work                    ? 
_refine.pdbx_average_fsc_free                    ? 
# 
_refine_hist.pdbx_refine_id                   'X-RAY DIFFRACTION' 
_refine_hist.cycle_id                         final 
_refine_hist.details                          ? 
_refine_hist.d_res_high                       1.3800 
_refine_hist.d_res_low                        28.2624 
_refine_hist.number_atoms_solvent             98 
_refine_hist.number_atoms_total               1351 
_refine_hist.number_reflns_all                ? 
_refine_hist.number_reflns_obs                ? 
_refine_hist.number_reflns_R_free             ? 
_refine_hist.number_reflns_R_work             ? 
_refine_hist.R_factor_all                     ? 
_refine_hist.R_factor_obs                     ? 
_refine_hist.R_factor_R_free                  ? 
_refine_hist.R_factor_R_work                  ? 
_refine_hist.pdbx_number_residues_total       157 
_refine_hist.pdbx_B_iso_mean_ligand           16.48 
_refine_hist.pdbx_B_iso_mean_solvent          28.37 
_refine_hist.pdbx_number_atoms_protein        1248 
_refine_hist.pdbx_number_atoms_nucleic_acid   0 
_refine_hist.pdbx_number_atoms_ligand         5 
_refine_hist.pdbx_number_atoms_lipid          ? 
_refine_hist.pdbx_number_atoms_carb           ? 
_refine_hist.pdbx_pseudo_atom_details         ? 
# 
loop_
_refine_ls_shell.pdbx_refine_id 
_refine_ls_shell.d_res_high 
_refine_ls_shell.d_res_low 
_refine_ls_shell.number_reflns_all 
_refine_ls_shell.number_reflns_obs 
_refine_ls_shell.number_reflns_R_free 
_refine_ls_shell.number_reflns_R_work 
_refine_ls_shell.percent_reflns_obs 
_refine_ls_shell.percent_reflns_R_free 
_refine_ls_shell.R_factor_all 
_refine_ls_shell.R_factor_obs 
_refine_ls_shell.R_factor_R_free 
_refine_ls_shell.R_factor_R_free_error 
_refine_ls_shell.R_factor_R_work 
_refine_ls_shell.redundancy_reflns_all 
_refine_ls_shell.redundancy_reflns_obs 
_refine_ls_shell.wR_factor_all 
_refine_ls_shell.wR_factor_obs 
_refine_ls_shell.wR_factor_R_free 
_refine_ls_shell.wR_factor_R_work 
_refine_ls_shell.pdbx_R_complete 
_refine_ls_shell.pdbx_total_number_of_bins_used 
_refine_ls_shell.pdbx_phase_error 
_refine_ls_shell.pdbx_fsc_work 
_refine_ls_shell.pdbx_fsc_free 
'X-RAY DIFFRACTION' 1.3800 1.4145  . . 135 1689 93.0000  . . . 0.2922 0.0000 0.2772 . . . . . . . . . . . 
'X-RAY DIFFRACTION' 1.4145 1.4528  . . 139 1755 97.0000  . . . 0.2610 0.0000 0.2491 . . . . . . . . . . . 
'X-RAY DIFFRACTION' 1.4528 1.4955  . . 143 1775 97.0000  . . . 0.2997 0.0000 0.2483 . . . . . . . . . . . 
'X-RAY DIFFRACTION' 1.4955 1.5438  . . 140 1764 97.0000  . . . 0.2989 0.0000 0.2349 . . . . . . . . . . . 
'X-RAY DIFFRACTION' 1.5438 1.5989  . . 144 1797 98.0000  . . . 0.2287 0.0000 0.2235 . . . . . . . . . . . 
'X-RAY DIFFRACTION' 1.5989 1.6630  . . 142 1781 98.0000  . . . 0.2529 0.0000 0.2302 . . . . . . . . . . . 
'X-RAY DIFFRACTION' 1.6630 1.7386  . . 142 1785 99.0000  . . . 0.2652 0.0000 0.2201 . . . . . . . . . . . 
'X-RAY DIFFRACTION' 1.7386 1.8303  . . 144 1796 98.0000  . . . 0.2545 0.0000 0.2068 . . . . . . . . . . . 
'X-RAY DIFFRACTION' 1.8303 1.9449  . . 144 1813 99.0000  . . . 0.2020 0.0000 0.2067 . . . . . . . . . . . 
'X-RAY DIFFRACTION' 1.9449 2.0951  . . 145 1811 99.0000  . . . 0.2612 0.0000 0.2081 . . . . . . . . . . . 
'X-RAY DIFFRACTION' 2.0951 2.3058  . . 144 1814 99.0000  . . . 0.2234 0.0000 0.1986 . . . . . . . . . . . 
'X-RAY DIFFRACTION' 2.3058 2.6392  . . 148 1846 100.0000 . . . 0.2287 0.0000 0.2029 . . . . . . . . . . . 
'X-RAY DIFFRACTION' 2.6392 3.3243  . . 146 1836 99.0000  . . . 0.2140 0.0000 0.1953 . . . . . . . . . . . 
'X-RAY DIFFRACTION' 3.3243 28.2624 . . 144 1799 96.0000  . . . 0.2045 0.0000 0.1864 . . . . . . . . . . . 
# 
_struct.entry_id                     6LVQ 
_struct.title                        'Crystal structure of DUSP22_VO4' 
_struct.pdbx_model_details           ? 
_struct.pdbx_formula_weight          ? 
_struct.pdbx_formula_weight_method   ? 
_struct.pdbx_model_type_details      ? 
_struct.pdbx_CASP_flag               N 
# 
_struct_keywords.entry_id        6LVQ 
_struct_keywords.text            
'DUSP22, atypical DUSPs, Cysteine based protein tyrosine phosphatases (Cys-based PTPs), active site of DUSPs, HYDROLASE' 
_struct_keywords.pdbx_keywords   HYDROLASE 
# 
loop_
_struct_asym.id 
_struct_asym.pdbx_blank_PDB_chainid_flag 
_struct_asym.pdbx_modified 
_struct_asym.entity_id 
_struct_asym.details 
A N N 1 ? 
B N N 2 ? 
C N N 3 ? 
# 
loop_
_struct_conf.conf_type_id 
_struct_conf.id 
_struct_conf.pdbx_PDB_helix_id 
_struct_conf.beg_label_comp_id 
_struct_conf.beg_label_asym_id 
_struct_conf.beg_label_seq_id 
_struct_conf.pdbx_beg_PDB_ins_code 
_struct_conf.end_label_comp_id 
_struct_conf.end_label_asym_id 
_struct_conf.end_label_seq_id 
_struct_conf.pdbx_end_PDB_ins_code 
_struct_conf.beg_auth_comp_id 
_struct_conf.beg_auth_asym_id 
_struct_conf.beg_auth_seq_id 
_struct_conf.end_auth_comp_id 
_struct_conf.end_auth_asym_id 
_struct_conf.end_auth_seq_id 
_struct_conf.pdbx_PDB_helix_class 
_struct_conf.details 
_struct_conf.pdbx_PDB_helix_length 
HELX_P HELX_P1 AA1 LYS A 20  ? ARG A 23  ? LYS A 18  ARG A 21  5 ? 4  
HELX_P HELX_P2 AA2 ASP A 24  ? ASN A 31  ? ASP A 22  ASN A 29  1 ? 8  
HELX_P HELX_P3 AA3 LEU A 65  ? ARG A 67  ? LEU A 63  ARG A 65  5 ? 3  
HELX_P HELX_P4 AA4 HIS A 68  ? ARG A 82  ? HIS A 66  ARG A 80  1 ? 15 
HELX_P HELX_P5 AA5 SER A 95  ? THR A 109 ? SER A 93  THR A 107 1 ? 15 
HELX_P HELX_P6 AA6 GLY A 112 ? ARG A 124 ? GLY A 110 ARG A 122 1 ? 13 
HELX_P HELX_P7 AA7 ASN A 130 ? GLU A 144 ? ASN A 128 GLU A 142 1 ? 15 
HELX_P HELX_P8 AA8 GLU A 144 ? GLY A 157 ? GLU A 142 GLY A 155 1 ? 14 
# 
_struct_conf_type.id          HELX_P 
_struct_conf_type.criteria    ? 
_struct_conf_type.reference   ? 
# 
_struct_sheet.id               AA1 
_struct_sheet.type             ? 
_struct_sheet.number_strands   5 
_struct_sheet.details          ? 
# 
loop_
_struct_sheet_order.sheet_id 
_struct_sheet_order.range_id_1 
_struct_sheet_order.range_id_2 
_struct_sheet_order.offset 
_struct_sheet_order.sense 
AA1 1 2 ? anti-parallel 
AA1 2 3 ? parallel      
AA1 3 4 ? parallel      
AA1 4 5 ? parallel      
# 
loop_
_struct_sheet_range.sheet_id 
_struct_sheet_range.id 
_struct_sheet_range.beg_label_comp_id 
_struct_sheet_range.beg_label_asym_id 
_struct_sheet_range.beg_label_seq_id 
_struct_sheet_range.pdbx_beg_PDB_ins_code 
_struct_sheet_range.end_label_comp_id 
_struct_sheet_range.end_label_asym_id 
_struct_sheet_range.end_label_seq_id 
_struct_sheet_range.pdbx_end_PDB_ins_code 
_struct_sheet_range.beg_auth_comp_id 
_struct_sheet_range.beg_auth_asym_id 
_struct_sheet_range.beg_auth_seq_id 
_struct_sheet_range.end_auth_comp_id 
_struct_sheet_range.end_auth_asym_id 
_struct_sheet_range.end_auth_seq_id 
AA1 1 ASN A 8  ? LEU A 11 ? ASN A 6  LEU A 9  
AA1 2 LEU A 14 ? GLY A 17 ? LEU A 12 GLY A 15 
AA1 3 SER A 85 ? HIS A 89 ? SER A 83 HIS A 87 
AA1 4 VAL A 33 ? HIS A 40 ? VAL A 31 HIS A 38 
AA1 5 LYS A 51 ? PRO A 56 ? LYS A 49 PRO A 54 
# 
loop_
_pdbx_struct_sheet_hbond.sheet_id 
_pdbx_struct_sheet_hbond.range_id_1 
_pdbx_struct_sheet_hbond.range_id_2 
_pdbx_struct_sheet_hbond.range_1_label_atom_id 
_pdbx_struct_sheet_hbond.range_1_label_comp_id 
_pdbx_struct_sheet_hbond.range_1_label_asym_id 
_pdbx_struct_sheet_hbond.range_1_label_seq_id 
_pdbx_struct_sheet_hbond.range_1_PDB_ins_code 
_pdbx_struct_sheet_hbond.range_1_auth_atom_id 
_pdbx_struct_sheet_hbond.range_1_auth_comp_id 
_pdbx_struct_sheet_hbond.range_1_auth_asym_id 
_pdbx_struct_sheet_hbond.range_1_auth_seq_id 
_pdbx_struct_sheet_hbond.range_2_label_atom_id 
_pdbx_struct_sheet_hbond.range_2_label_comp_id 
_pdbx_struct_sheet_hbond.range_2_label_asym_id 
_pdbx_struct_sheet_hbond.range_2_label_seq_id 
_pdbx_struct_sheet_hbond.range_2_PDB_ins_code 
_pdbx_struct_sheet_hbond.range_2_auth_atom_id 
_pdbx_struct_sheet_hbond.range_2_auth_comp_id 
_pdbx_struct_sheet_hbond.range_2_auth_asym_id 
_pdbx_struct_sheet_hbond.range_2_auth_seq_id 
AA1 1 2 N ILE A 10 ? N ILE A 8  O LEU A 14 ? O LEU A 12 
AA1 2 3 N TYR A 15 ? N TYR A 13 O VAL A 88 ? O VAL A 86 
AA1 3 4 O LEU A 87 ? O LEU A 85 N LEU A 37 ? N LEU A 35 
AA1 4 5 N SER A 38 ? N SER A 36 O ILE A 55 ? O ILE A 53 
# 
_struct_site.id                   AC1 
_struct_site.pdbx_evidence_code   Software 
_struct_site.pdbx_auth_asym_id    A 
_struct_site.pdbx_auth_comp_id    VO4 
_struct_site.pdbx_auth_seq_id     201 
_struct_site.pdbx_auth_ins_code   ? 
_struct_site.pdbx_num_residues    9 
_struct_site.details              'binding site for residue VO4 A 201' 
# 
loop_
_struct_site_gen.id 
_struct_site_gen.site_id 
_struct_site_gen.pdbx_num_res 
_struct_site_gen.label_comp_id 
_struct_site_gen.label_asym_id 
_struct_site_gen.label_seq_id 
_struct_site_gen.pdbx_auth_ins_code 
_struct_site_gen.auth_comp_id 
_struct_site_gen.auth_asym_id 
_struct_site_gen.auth_seq_id 
_struct_site_gen.label_atom_id 
_struct_site_gen.label_alt_id 
_struct_site_gen.symmetry 
_struct_site_gen.details 
1 AC1 9 ASP A 59 ? ASP A 57  . ? 1_555 ? 
2 AC1 9 CYS A 90 ? CYS A 88  . ? 1_555 ? 
3 AC1 9 LEU A 91 ? LEU A 89  . ? 1_555 ? 
4 AC1 9 ALA A 92 ? ALA A 90  . ? 1_555 ? 
5 AC1 9 GLY A 93 ? GLY A 91  . ? 1_555 ? 
6 AC1 9 VAL A 94 ? VAL A 92  . ? 1_555 ? 
7 AC1 9 SER A 95 ? SER A 93  . ? 1_555 ? 
8 AC1 9 ARG A 96 ? ARG A 94  . ? 1_555 ? 
9 AC1 9 HOH C .  ? HOH A 370 . ? 1_555 ? 
# 
_atom_sites.entry_id                    6LVQ 
_atom_sites.Cartn_transf_matrix[1][1]   ? 
_atom_sites.Cartn_transf_matrix[1][2]   ? 
_atom_sites.Cartn_transf_matrix[1][3]   ? 
_atom_sites.Cartn_transf_matrix[2][1]   ? 
_atom_sites.Cartn_transf_matrix[2][2]   ? 
_atom_sites.Cartn_transf_matrix[2][3]   ? 
_atom_sites.Cartn_transf_matrix[3][1]   ? 
_atom_sites.Cartn_transf_matrix[3][2]   ? 
_atom_sites.Cartn_transf_matrix[3][3]   ? 
_atom_sites.Cartn_transf_vector[1]      ? 
_atom_sites.Cartn_transf_vector[2]      ? 
_atom_sites.Cartn_transf_vector[3]      ? 
_atom_sites.fract_transf_matrix[1][1]   0.01032064 
_atom_sites.fract_transf_matrix[1][2]   -0.02317648 
_atom_sites.fract_transf_matrix[1][3]   0.01430191 
_atom_sites.fract_transf_matrix[2][1]   -0.01140960 
_atom_sites.fract_transf_matrix[2][2]   -0.01207173 
_atom_sites.fract_transf_matrix[2][3]   -0.01132897 
_atom_sites.fract_transf_matrix[3][1]   0.02156414 
_atom_sites.fract_transf_matrix[3][2]   -0.00852181 
_atom_sites.fract_transf_matrix[3][3]   -0.01263710 
_atom_sites.fract_transf_vector[1]      0.302221 
_atom_sites.fract_transf_vector[2]      0.018147 
_atom_sites.fract_transf_vector[3]      0.322777 
_atom_sites.solution_primary            ? 
_atom_sites.solution_secondary          ? 
_atom_sites.solution_hydrogens          ? 
_atom_sites.special_details             ? 
# 
loop_
_atom_type.symbol 
C 
N 
O 
S 
V 
# 
loop_
_atom_site.group_PDB 
_atom_site.id 
_atom_site.type_symbol 
_atom_site.label_atom_id 
_atom_site.label_alt_id 
_atom_site.label_comp_id 
_atom_site.label_asym_id 
_atom_site.label_entity_id 
_atom_site.label_seq_id 
_atom_site.pdbx_PDB_ins_code 
_atom_site.Cartn_x 
_atom_site.Cartn_y 
_atom_site.Cartn_z 
_atom_site.occupancy 
_atom_site.B_iso_or_equiv 
_atom_site.pdbx_formal_charge 
_atom_site.auth_seq_id 
_atom_site.auth_comp_id 
_atom_site.auth_asym_id 
_atom_site.auth_atom_id 
_atom_site.pdbx_PDB_model_num 
ATOM   1    N N   . GLY A 1 1   ? 17.358  -7.302  2.837   1.00 26.56 ? -1  GLY A N   1 
ATOM   2    C CA  . GLY A 1 1   ? 17.719  -6.332  3.853   1.00 20.49 ? -1  GLY A CA  1 
ATOM   3    C C   . GLY A 1 1   ? 16.551  -5.570  4.460   1.00 19.03 ? -1  GLY A C   1 
ATOM   4    O O   . GLY A 1 1   ? 15.408  -5.717  4.030   1.00 18.76 ? -1  GLY A O   1 
ATOM   5    N N   . PRO A 1 2   ? 16.847  -4.723  5.449   1.00 15.34 ? 0   PRO A N   1 
ATOM   6    C CA  . PRO A 1 2   ? 15.774  -4.070  6.222   1.00 14.40 ? 0   PRO A CA  1 
ATOM   7    C C   . PRO A 1 2   ? 15.041  -2.968  5.474   1.00 16.05 ? 0   PRO A C   1 
ATOM   8    O O   . PRO A 1 2   ? 14.032  -2.461  5.985   1.00 17.64 ? 0   PRO A O   1 
ATOM   9    C CB  . PRO A 1 2   ? 16.519  -3.516  7.441   1.00 16.53 ? 0   PRO A CB  1 
ATOM   10   C CG  . PRO A 1 2   ? 17.883  -3.268  6.934   1.00 15.79 ? 0   PRO A CG  1 
ATOM   11   C CD  . PRO A 1 2   ? 18.177  -4.392  5.987   1.00 17.93 ? 0   PRO A CD  1 
ATOM   12   N N   . MET A 1 3   ? 15.516  -2.569  4.302   1.00 14.40 ? 1   MET A N   1 
ATOM   13   C CA  . MET A 1 3   ? 14.797  -1.622  3.458   1.00 14.36 ? 1   MET A CA  1 
ATOM   14   C C   . MET A 1 3   ? 14.535  -2.210  2.082   1.00 15.71 ? 1   MET A C   1 
ATOM   15   O O   . MET A 1 3   ? 14.311  -1.469  1.121   1.00 14.52 ? 1   MET A O   1 
ATOM   16   C CB  . MET A 1 3   ? 15.552  -0.297  3.362   1.00 15.97 ? 1   MET A CB  1 
ATOM   17   C CG  . MET A 1 3   ? 15.869  0.277   4.740   1.00 17.33 ? 1   MET A CG  1 
ATOM   18   S SD  . MET A 1 3   ? 16.759  1.829   4.719   1.00 18.26 ? 1   MET A SD  1 
ATOM   19   C CE  . MET A 1 3   ? 15.411  2.979   4.421   1.00 15.41 ? 1   MET A CE  1 
ATOM   20   N N   . GLY A 1 4   ? 14.549  -3.540  1.979   1.00 14.68 ? 2   GLY A N   1 
ATOM   21   C CA  . GLY A 1 4   ? 14.290  -4.222  0.729   1.00 16.09 ? 2   GLY A CA  1 
ATOM   22   C C   . GLY A 1 4   ? 15.458  -4.145  -0.232  1.00 17.19 ? 2   GLY A C   1 
ATOM   23   O O   . GLY A 1 4   ? 16.527  -3.595  0.056   1.00 18.35 ? 2   GLY A O   1 
ATOM   24   N N   . ASN A 1 5   ? 15.213  -4.678  -1.439  1.00 17.22 ? 3   ASN A N   1 
ATOM   25   C CA  . ASN A 1 5   ? 16.218  -4.793  -2.497  1.00 19.37 ? 3   ASN A CA  1 
ATOM   26   C C   . ASN A 1 5   ? 15.860  -3.981  -3.745  1.00 24.79 ? 3   ASN A C   1 
ATOM   27   O O   . ASN A 1 5   ? 16.423  -4.213  -4.821  1.00 25.34 ? 3   ASN A O   1 
ATOM   28   C CB  . ASN A 1 5   ? 16.413  -6.265  -2.876  1.00 22.80 ? 3   ASN A CB  1 
ATOM   29   C CG  . ASN A 1 5   ? 15.232  -6.834  -3.658  1.00 29.07 ? 3   ASN A CG  1 
ATOM   30   O OD1 . ASN A 1 5   ? 14.138  -6.264  -3.672  1.00 27.86 ? 3   ASN A OD1 1 
ATOM   31   N ND2 . ASN A 1 5   ? 15.449  -7.975  -4.301  1.00 32.05 ? 3   ASN A ND2 1 
ATOM   32   N N   . GLY A 1 6   ? 14.957  -3.020  -3.620  1.00 21.09 ? 4   GLY A N   1 
ATOM   33   C CA  . GLY A 1 6   ? 14.295  -2.398  -4.748  1.00 19.49 ? 4   GLY A CA  1 
ATOM   34   C C   . GLY A 1 6   ? 12.798  -2.622  -4.660  1.00 13.90 ? 4   GLY A C   1 
ATOM   35   O O   . GLY A 1 6   ? 12.311  -3.404  -3.856  1.00 17.08 ? 4   GLY A O   1 
ATOM   36   N N   . MET A 1 7   ? 12.058  -1.862  -5.462  1.00 17.16 ? 5   MET A N   1 
ATOM   37   C CA  . MET A 1 7   ? 10.612  -2.021  -5.379  1.00 17.39 ? 5   MET A CA  1 
ATOM   38   C C   . MET A 1 7   ? 10.205  -3.403  -5.882  1.00 13.83 ? 5   MET A C   1 
ATOM   39   O O   . MET A 1 7   ? 10.827  -3.971  -6.792  1.00 17.52 ? 5   MET A O   1 
ATOM   40   C CB  . MET A 1 7   ? 9.832   -0.888  -6.062  1.00 17.60 ? 5   MET A CB  1 
ATOM   41   C CG  . MET A 1 7   ? 9.790   -0.965  -7.571  1.00 14.97 ? 5   MET A CG  1 
ATOM   42   S SD  . MET A 1 7   ? 8.905   0.429   -8.318  1.00 16.12 ? 5   MET A SD  1 
ATOM   43   C CE  . MET A 1 7   ? 9.944   1.781   -7.798  1.00 18.40 ? 5   MET A CE  1 
ATOM   44   N N   . ASN A 1 8   ? 9.195   -3.970  -5.244  1.00 12.56 ? 6   ASN A N   1 
ATOM   45   C CA  . ASN A 1 8   ? 8.790   -5.342  -5.496  1.00 12.29 ? 6   ASN A CA  1 
ATOM   46   C C   . ASN A 1 8   ? 7.338   -5.365  -5.922  1.00 14.10 ? 6   ASN A C   1 
ATOM   47   O O   . ASN A 1 8   ? 6.489   -4.727  -5.294  1.00 12.35 ? 6   ASN A O   1 
ATOM   48   C CB  . ASN A 1 8   ? 8.917   -6.204  -4.242  1.00 13.88 ? 6   ASN A CB  1 
ATOM   49   C CG  . ASN A 1 8   ? 10.312  -6.211  -3.670  1.00 15.33 ? 6   ASN A CG  1 
ATOM   50   O OD1 . ASN A 1 8   ? 10.522  -5.816  -2.532  1.00 15.84 ? 6   ASN A OD1 1 
ATOM   51   N ND2 . ASN A 1 8   ? 11.282  -6.658  -4.466  1.00 18.36 ? 6   ASN A ND2 1 
ATOM   52   N N   . LYS A 1 9   ? 7.059   -6.125  -6.966  1.00 13.59 ? 7   LYS A N   1 
ATOM   53   C CA  . LYS A 1 9   ? 5.689   -6.380  -7.363  1.00 11.48 ? 7   LYS A CA  1 
ATOM   54   C C   . LYS A 1 9   ? 5.004   -7.259  -6.326  1.00 14.66 ? 7   LYS A C   1 
ATOM   55   O O   . LYS A 1 9   ? 5.540   -8.287  -5.908  1.00 15.62 ? 7   LYS A O   1 
ATOM   56   C CB  . LYS A 1 9   ? 5.704   -7.094  -8.715  1.00 14.53 ? 7   LYS A CB  1 
ATOM   57   C CG  . LYS A 1 9   ? 4.344   -7.158  -9.372  1.00 18.67 ? 7   LYS A CG  1 
ATOM   58   C CD  . LYS A 1 9   ? 4.413   -7.799  -10.758 1.00 21.47 ? 7   LYS A CD  1 
ATOM   59   C CE  . LYS A 1 9   ? 4.583   -9.300  -10.666 1.00 26.66 ? 7   LYS A CE  1 
ATOM   60   N NZ  . LYS A 1 9   ? 3.837   -10.019 -11.751 1.00 36.37 ? 7   LYS A NZ  1 
ATOM   61   N N   . ILE A 1 10  ? 3.831   -6.835  -5.882  1.00 11.58 ? 8   ILE A N   1 
ATOM   62   C CA  . ILE A 1 10  ? 3.011   -7.604  -4.956  1.00 13.23 ? 8   ILE A CA  1 
ATOM   63   C C   . ILE A 1 10  ? 1.868   -8.296  -5.690  1.00 13.71 ? 8   ILE A C   1 
ATOM   64   O O   . ILE A 1 10  ? 1.619   -9.493  -5.505  1.00 15.65 ? 8   ILE A O   1 
ATOM   65   C CB  . ILE A 1 10  ? 2.492   -6.676  -3.833  1.00 13.19 ? 8   ILE A CB  1 
ATOM   66   C CG1 . ILE A 1 10  ? 3.642   -5.872  -3.203  1.00 13.40 ? 8   ILE A CG1 1 
ATOM   67   C CG2 . ILE A 1 10  ? 1.714   -7.474  -2.779  1.00 13.81 ? 8   ILE A CG2 1 
ATOM   68   C CD1 . ILE A 1 10  ? 4.797   -6.704  -2.629  1.00 12.74 ? 8   ILE A CD1 1 
ATOM   69   N N   . LEU A 1 11  ? 1.162   -7.540  -6.518  1.00 15.06 ? 9   LEU A N   1 
ATOM   70   C CA  . LEU A 1 11  ? 0.099   -7.990  -7.403  1.00 15.74 ? 9   LEU A CA  1 
ATOM   71   C C   . LEU A 1 11  ? 0.348   -7.284  -8.722  1.00 17.57 ? 9   LEU A C   1 
ATOM   72   O O   . LEU A 1 11  ? 1.082   -6.291  -8.762  1.00 14.63 ? 9   LEU A O   1 
ATOM   73   C CB  . LEU A 1 11  ? -1.266  -7.516  -6.881  1.00 19.39 ? 9   LEU A CB  1 
ATOM   74   C CG  . LEU A 1 11  ? -1.765  -8.048  -5.538  1.00 22.84 ? 9   LEU A CG  1 
ATOM   75   C CD1 . LEU A 1 11  ? -3.060  -7.364  -5.098  1.00 24.56 ? 9   LEU A CD1 1 
ATOM   76   C CD2 . LEU A 1 11  ? -1.946  -9.541  -5.651  1.00 25.09 ? 9   LEU A CD2 1 
ATOM   77   N N   . PRO A 1 12  ? -0.253  -7.740  -9.815  1.00 18.12 ? 10  PRO A N   1 
ATOM   78   C CA  . PRO A 1 12  ? -0.118  -6.965  -11.056 1.00 16.48 ? 10  PRO A CA  1 
ATOM   79   C C   . PRO A 1 12  ? -0.516  -5.510  -10.820 1.00 15.63 ? 10  PRO A C   1 
ATOM   80   O O   . PRO A 1 12  ? -1.573  -5.216  -10.253 1.00 16.63 ? 10  PRO A O   1 
ATOM   81   C CB  . PRO A 1 12  ? -1.075  -7.671  -12.021 1.00 18.88 ? 10  PRO A CB  1 
ATOM   82   C CG  . PRO A 1 12  ? -1.137  -9.076  -11.504 1.00 21.19 ? 10  PRO A CG  1 
ATOM   83   C CD  . PRO A 1 12  ? -1.041  -8.970  -10.015 1.00 21.02 ? 10  PRO A CD  1 
ATOM   84   N N   . GLY A 1 13  ? 0.373   -4.597  -11.204 1.00 14.62 ? 11  GLY A N   1 
ATOM   85   C CA  . GLY A 1 13  ? 0.123   -3.181  -11.062 1.00 14.67 ? 11  GLY A CA  1 
ATOM   86   C C   . GLY A 1 13  ? 0.278   -2.614  -9.667  1.00 12.79 ? 11  GLY A C   1 
ATOM   87   O O   . GLY A 1 13  ? -0.142  -1.478  -9.437  1.00 13.59 ? 11  GLY A O   1 
ATOM   88   N N   . LEU A 1 14  ? 0.853   -3.354  -8.719  1.00 11.12 ? 12  LEU A N   1 
ATOM   89   C CA  . LEU A 1 14  ? 0.969   -2.862  -7.349  1.00 11.16 ? 12  LEU A CA  1 
ATOM   90   C C   . LEU A 1 14  ? 2.332   -3.243  -6.793  1.00 10.61 ? 12  LEU A C   1 
ATOM   91   O O   . LEU A 1 14  ? 2.662   -4.433  -6.690  1.00 11.16 ? 12  LEU A O   1 
ATOM   92   C CB  . LEU A 1 14  ? -0.158  -3.399  -6.470  1.00 12.65 ? 12  LEU A CB  1 
ATOM   93   C CG  . LEU A 1 14  ? -0.165  -2.917  -5.012  1.00 12.49 ? 12  LEU A CG  1 
ATOM   94   C CD1 . LEU A 1 14  ? -0.248  -1.426  -4.968  1.00 15.52 ? 12  LEU A CD1 1 
ATOM   95   C CD2 . LEU A 1 14  ? -1.346  -3.520  -4.284  1.00 14.19 ? 12  LEU A CD2 1 
ATOM   96   N N   . TYR A 1 15  ? 3.107   -2.224  -6.439  1.00 10.11 ? 13  TYR A N   1 
ATOM   97   C CA  . TYR A 1 15  ? 4.485   -2.372  -6.001  1.00 9.56  ? 13  TYR A CA  1 
ATOM   98   C C   . TYR A 1 15  ? 4.654   -1.702  -4.648  1.00 10.09 ? 13  TYR A C   1 
ATOM   99   O O   . TYR A 1 15  ? 3.944   -0.746  -4.316  1.00 10.37 ? 13  TYR A O   1 
ATOM   100  C CB  . TYR A 1 15  ? 5.449   -1.685  -6.992  1.00 11.89 ? 13  TYR A CB  1 
ATOM   101  C CG  . TYR A 1 15  ? 5.469   -2.356  -8.360  1.00 11.89 ? 13  TYR A CG  1 
ATOM   102  C CD1 . TYR A 1 15  ? 4.432   -2.151  -9.266  1.00 12.65 ? 13  TYR A CD1 1 
ATOM   103  C CD2 . TYR A 1 15  ? 6.506   -3.218  -8.730  1.00 12.38 ? 13  TYR A CD2 1 
ATOM   104  C CE1 . TYR A 1 15  ? 4.425   -2.788  -10.499 1.00 15.22 ? 13  TYR A CE1 1 
ATOM   105  C CE2 . TYR A 1 15  ? 6.498   -3.855  -9.970  1.00 14.45 ? 13  TYR A CE2 1 
ATOM   106  C CZ  . TYR A 1 15  ? 5.463   -3.625  -10.835 1.00 16.42 ? 13  TYR A CZ  1 
ATOM   107  O OH  . TYR A 1 15  ? 5.443   -4.241  -12.064 1.00 17.90 ? 13  TYR A OH  1 
ATOM   108  N N   . ILE A 1 16  ? 5.594   -2.216  -3.860  1.00 9.18  ? 14  ILE A N   1 
ATOM   109  C CA  . ILE A 1 16  ? 6.027   -1.590  -2.617  1.00 11.23 ? 14  ILE A CA  1 
ATOM   110  C C   . ILE A 1 16  ? 7.524   -1.350  -2.708  1.00 10.70 ? 14  ILE A C   1 
ATOM   111  O O   . ILE A 1 16  ? 8.274   -2.200  -3.205  1.00 12.35 ? 14  ILE A O   1 
ATOM   112  C CB  . ILE A 1 16  ? 5.703   -2.424  -1.363  1.00 11.66 ? 14  ILE A CB  1 
ATOM   113  C CG1 . ILE A 1 16  ? 4.195   -2.629  -1.216  1.00 9.91  ? 14  ILE A CG1 1 
ATOM   114  C CG2 . ILE A 1 16  ? 6.292   -1.745  -0.104  1.00 12.21 ? 14  ILE A CG2 1 
ATOM   115  C CD1 . ILE A 1 16  ? 3.835   -3.566  -0.084  1.00 13.58 ? 14  ILE A CD1 1 
ATOM   116  N N   . GLY A 1 17  ? 7.960   -0.193  -2.232  1.00 11.56 ? 15  GLY A N   1 
ATOM   117  C CA  . GLY A 1 17  ? 9.375   0.062   -2.121  1.00 13.49 ? 15  GLY A CA  1 
ATOM   118  C C   . GLY A 1 17  ? 9.710   1.040   -1.014  1.00 9.99  ? 15  GLY A C   1 
ATOM   119  O O   . GLY A 1 17  ? 8.845   1.432   -0.209  1.00 11.19 ? 15  GLY A O   1 
ATOM   120  N N   . ASN A 1 18  ? 10.982  1.433   -0.993  1.00 11.51 ? 16  ASN A N   1 
ATOM   121  C CA  . ASN A 1 18  ? 11.486  2.428   -0.059  1.00 12.03 ? 16  ASN A CA  1 
ATOM   122  C C   . ASN A 1 18  ? 11.531  3.798   -0.732  1.00 12.44 ? 16  ASN A C   1 
ATOM   123  O O   . ASN A 1 18  ? 11.166  3.950   -1.906  1.00 12.39 ? 16  ASN A O   1 
ATOM   124  C CB  . ASN A 1 18  ? 12.820  1.985   0.553   1.00 13.51 ? 16  ASN A CB  1 
ATOM   125  C CG  . ASN A 1 18  ? 13.950  1.936   -0.457  1.00 13.61 ? 16  ASN A CG  1 
ATOM   126  O OD1 . ASN A 1 18  ? 14.060  2.789   -1.328  1.00 12.76 ? 16  ASN A OD1 1 
ATOM   127  N ND2 . ASN A 1 18  ? 14.821  0.952   -0.317  1.00 13.84 ? 16  ASN A ND2 1 
ATOM   128  N N   . PHE A 1 19  ? 11.971  4.817   0.014   1.00 11.25 ? 17  PHE A N   1 
ATOM   129  C CA  . PHE A 1 19  ? 11.884  6.177   -0.517  1.00 12.65 ? 17  PHE A CA  1 
ATOM   130  C C   . PHE A 1 19  ? 12.829  6.369   -1.694  1.00 14.80 ? 17  PHE A C   1 
ATOM   131  O O   . PHE A 1 19  ? 12.555  7.195   -2.571  1.00 13.74 ? 17  PHE A O   1 
ATOM   132  C CB  . PHE A 1 19  ? 12.177  7.231   0.564   1.00 14.37 ? 17  PHE A CB  1 
ATOM   133  C CG  . PHE A 1 19  ? 13.637  7.383   0.872   1.00 13.66 ? 17  PHE A CG  1 
ATOM   134  C CD1 . PHE A 1 19  ? 14.420  8.317   0.199   1.00 16.86 ? 17  PHE A CD1 1 
ATOM   135  C CD2 . PHE A 1 19  ? 14.240  6.557   1.824   1.00 15.40 ? 17  PHE A CD2 1 
ATOM   136  C CE1 . PHE A 1 19  ? 15.773  8.426   0.456   1.00 16.98 ? 17  PHE A CE1 1 
ATOM   137  C CE2 . PHE A 1 19  ? 15.597  6.662   2.093   1.00 17.08 ? 17  PHE A CE2 1 
ATOM   138  C CZ  . PHE A 1 19  ? 16.363  7.611   1.417   1.00 17.52 ? 17  PHE A CZ  1 
ATOM   139  N N   . LYS A 1 20  ? 13.949  5.631   -1.722  1.00 12.26 ? 18  LYS A N   1 
ATOM   140  C CA  . LYS A 1 20  ? 14.890  5.734   -2.832  1.00 14.26 ? 18  LYS A CA  1 
ATOM   141  C C   . LYS A 1 20  ? 14.299  5.114   -4.086  1.00 15.04 ? 18  LYS A C   1 
ATOM   142  O O   . LYS A 1 20  ? 14.369  5.706   -5.163  1.00 14.91 ? 18  LYS A O   1 
ATOM   143  C CB  . LYS A 1 20  ? 16.220  5.062   -2.468  1.00 16.39 ? 18  LYS A CB  1 
ATOM   144  C CG  . LYS A 1 20  ? 17.203  5.000   -3.653  1.00 18.05 ? 18  LYS A CG  1 
ATOM   145  C CD  . LYS A 1 20  ? 18.448  4.151   -3.394  1.00 19.61 ? 18  LYS A CD  1 
ATOM   146  C CE  . LYS A 1 20  ? 19.213  3.923   -4.699  1.00 22.67 ? 18  LYS A CE  1 
ATOM   147  N NZ  . LYS A 1 20  ? 20.475  3.185   -4.475  1.00 26.16 ? 18  LYS A NZ  1 
ATOM   148  N N   . ASP A 1 21  ? 13.696  3.930   -3.953  1.00 14.56 ? 19  ASP A N   1 
ATOM   149  C CA  . ASP A 1 21  ? 12.996  3.321   -5.080  1.00 14.97 ? 19  ASP A CA  1 
ATOM   150  C C   . ASP A 1 21  ? 11.978  4.278   -5.682  1.00 14.44 ? 19  ASP A C   1 
ATOM   151  O O   . ASP A 1 21  ? 11.810  4.335   -6.905  1.00 15.96 ? 19  ASP A O   1 
ATOM   152  C CB  . ASP A 1 21  ? 12.283  2.043   -4.645  1.00 15.91 ? 19  ASP A CB  1 
ATOM   153  C CG  . ASP A 1 21  ? 13.195  1.064   -3.912  1.00 18.27 ? 19  ASP A CG  1 
ATOM   154  O OD1 . ASP A 1 21  ? 14.390  0.940   -4.293  1.00 16.84 ? 19  ASP A OD1 1 
ATOM   155  O OD2 . ASP A 1 21  ? 12.711  0.410   -2.955  1.00 14.87 ? 19  ASP A OD2 1 
ATOM   156  N N   . ALA A 1 22  ? 11.285  5.042   -4.835  1.00 12.45 ? 20  ALA A N   1 
ATOM   157  C CA  . ALA A 1 22  ? 10.212  5.906   -5.292  1.00 12.28 ? 20  ALA A CA  1 
ATOM   158  C C   . ALA A 1 22  ? 10.691  7.072   -6.130  1.00 16.81 ? 20  ALA A C   1 
ATOM   159  O O   . ALA A 1 22  ? 9.873   7.692   -6.818  1.00 16.59 ? 20  ALA A O   1 
ATOM   160  C CB  . ALA A 1 22  ? 9.445   6.447   -4.087  1.00 13.75 ? 20  ALA A CB  1 
ATOM   161  N N   . ARG A 1 23  ? 11.976  7.399   -6.093  1.00 15.67 ? 21  ARG A N   1 
ATOM   162  C CA  . ARG A 1 23  ? 12.504  8.425   -6.974  1.00 19.02 ? 21  ARG A CA  1 
ATOM   163  C C   . ARG A 1 23  ? 13.485  7.852   -7.982  1.00 17.77 ? 21  ARG A C   1 
ATOM   164  O O   . ARG A 1 23  ? 14.172  8.609   -8.677  1.00 19.53 ? 21  ARG A O   1 
ATOM   165  C CB  . ARG A 1 23  ? 13.100  9.574   -6.162  1.00 18.62 ? 21  ARG A CB  1 
ATOM   166  C CG  . ARG A 1 23  ? 12.050  10.250  -5.297  1.00 27.22 ? 21  ARG A CG  1 
ATOM   167  C CD  . ARG A 1 23  ? 12.534  11.577  -4.772  1.00 30.85 ? 21  ARG A CD  1 
ATOM   168  N NE  . ARG A 1 23  ? 12.652  11.578  -3.319  1.00 30.87 ? 21  ARG A NE  1 
ATOM   169  C CZ  . ARG A 1 23  ? 13.570  12.274  -2.656  1.00 33.62 ? 21  ARG A CZ  1 
ATOM   170  N NH1 . ARG A 1 23  ? 14.443  13.024  -3.323  1.00 28.52 ? 21  ARG A NH1 1 
ATOM   171  N NH2 . ARG A 1 23  ? 13.616  12.224  -1.333  1.00 33.94 ? 21  ARG A NH2 1 
ATOM   172  N N   . ASP A 1 24  ? 13.555  6.528   -8.093  1.00 18.31 ? 22  ASP A N   1 
ATOM   173  C CA  . ASP A 1 24  ? 14.493  5.879   -9.011  1.00 20.56 ? 22  ASP A CA  1 
ATOM   174  C C   . ASP A 1 24  ? 13.839  5.851   -10.388 1.00 18.73 ? 22  ASP A C   1 
ATOM   175  O O   . ASP A 1 24  ? 12.946  5.048   -10.647 1.00 19.69 ? 22  ASP A O   1 
ATOM   176  C CB  . ASP A 1 24  ? 14.813  4.478   -8.492  1.00 21.14 ? 22  ASP A CB  1 
ATOM   177  C CG  . ASP A 1 24  ? 15.938  3.795   -9.254  1.00 23.40 ? 22  ASP A CG  1 
ATOM   178  O OD1 . ASP A 1 24  ? 16.050  3.983   -10.480 1.00 24.26 ? 22  ASP A OD1 1 
ATOM   179  O OD2 . ASP A 1 24  ? 16.700  3.037   -8.609  1.00 25.79 ? 22  ASP A OD2 1 
ATOM   180  N N   . ALA A 1 25  ? 14.287  6.732   -11.289 1.00 23.92 ? 23  ALA A N   1 
ATOM   181  C CA  . ALA A 1 25  ? 13.651  6.819   -12.602 1.00 23.11 ? 23  ALA A CA  1 
ATOM   182  C C   . ALA A 1 25  ? 13.738  5.501   -13.361 1.00 21.93 ? 23  ALA A C   1 
ATOM   183  O O   . ALA A 1 25  ? 12.823  5.161   -14.119 1.00 23.46 ? 23  ALA A O   1 
ATOM   184  C CB  . ALA A 1 25  ? 14.254  7.970   -13.411 1.00 26.17 ? 23  ALA A CB  1 
ATOM   185  N N   . GLU A 1 26  ? 14.801  4.730   -13.133 1.00 23.18 ? 24  GLU A N   1 
ATOM   186  C CA  . GLU A 1 26  ? 14.954  3.452   -13.817 1.00 23.95 ? 24  GLU A CA  1 
ATOM   187  C C   . GLU A 1 26  ? 13.933  2.439   -13.329 1.00 19.49 ? 24  GLU A C   1 
ATOM   188  O O   . GLU A 1 26  ? 13.362  1.683   -14.126 1.00 20.89 ? 24  GLU A O   1 
ATOM   189  C CB  . GLU A 1 26  ? 16.355  2.909   -13.579 1.00 23.45 ? 24  GLU A CB  1 
ATOM   190  C CG  . GLU A 1 26  ? 17.356  3.371   -14.588 1.00 27.61 ? 24  GLU A CG  1 
ATOM   191  C CD  . GLU A 1 26  ? 18.643  2.621   -14.431 1.00 32.00 ? 24  GLU A CD  1 
ATOM   192  O OE1 . GLU A 1 26  ? 19.363  2.878   -13.440 1.00 31.45 ? 24  GLU A OE1 1 
ATOM   193  O OE2 . GLU A 1 26  ? 18.924  1.761   -15.290 1.00 30.49 ? 24  GLU A OE2 1 
ATOM   194  N N   . GLN A 1 27  ? 13.718  2.373   -12.011 1.00 19.65 ? 25  GLN A N   1 
ATOM   195  C CA  . GLN A 1 27  ? 12.733  1.435   -11.494 1.00 18.64 ? 25  GLN A CA  1 
ATOM   196  C C   . GLN A 1 27  ? 11.331  1.864   -11.892 1.00 17.02 ? 25  GLN A C   1 
ATOM   197  O O   . GLN A 1 27  ? 10.495  1.019   -12.221 1.00 17.62 ? 25  GLN A O   1 
ATOM   198  C CB  . GLN A 1 27  ? 12.830  1.340   -9.976  1.00 21.05 ? 25  GLN A CB  1 
ATOM   199  C CG  . GLN A 1 27  ? 14.064  0.641   -9.433  1.00 20.53 ? 25  GLN A CG  1 
ATOM   200  C CD  . GLN A 1 27  ? 13.954  0.430   -7.926  1.00 22.84 ? 25  GLN A CD  1 
ATOM   201  O OE1 . GLN A 1 27  ? 13.067  -0.283  -7.458  1.00 23.69 ? 25  GLN A OE1 1 
ATOM   202  N NE2 . GLN A 1 27  ? 14.848  1.056   -7.158  1.00 21.21 ? 25  GLN A NE2 1 
ATOM   203  N N   . LEU A 1 28  ? 11.062  3.178   -11.873 1.00 15.74 ? 26  LEU A N   1 
ATOM   204  C CA  . LEU A 1 28  ? 9.721   3.657   -12.189 1.00 16.33 ? 26  LEU A CA  1 
ATOM   205  C C   . LEU A 1 28  ? 9.364   3.366   -13.636 1.00 17.57 ? 26  LEU A C   1 
ATOM   206  O O   . LEU A 1 28  ? 8.220   3.020   -13.944 1.00 18.02 ? 26  LEU A O   1 
ATOM   207  C CB  . LEU A 1 28  ? 9.589   5.154   -11.897 1.00 17.30 ? 26  LEU A CB  1 
ATOM   208  C CG  . LEU A 1 28  ? 9.626   5.591   -10.423 1.00 15.72 ? 26  LEU A CG  1 
ATOM   209  C CD1 . LEU A 1 28  ? 9.635   7.097   -10.340 1.00 19.65 ? 26  LEU A CD1 1 
ATOM   210  C CD2 . LEU A 1 28  ? 8.449   5.042   -9.638  1.00 16.96 ? 26  LEU A CD2 1 
ATOM   211  N N   . SER A 1 29  ? 10.331  3.517   -14.543 1.00 17.94 ? 27  SER A N   1 
ATOM   212  C CA  . SER A 1 29  ? 10.045  3.248   -15.948 1.00 19.03 ? 27  SER A CA  1 
ATOM   213  C C   . SER A 1 29  ? 9.970   1.752   -16.211 1.00 17.58 ? 27  SER A C   1 
ATOM   214  O O   . SER A 1 29  ? 9.067   1.288   -16.910 1.00 23.46 ? 27  SER A O   1 
ATOM   215  C CB  . SER A 1 29  ? 11.080  3.925   -16.839 1.00 25.70 ? 27  SER A CB  1 
ATOM   216  O OG  . SER A 1 29  ? 12.342  3.308   -16.688 1.00 28.11 ? 27  SER A OG  1 
ATOM   217  N N   . LYS A 1 30  ? 10.899  0.978   -15.644 1.00 18.56 ? 28  LYS A N   1 
ATOM   218  C CA  . LYS A 1 30  ? 10.870  -0.470  -15.828 1.00 22.05 ? 28  LYS A CA  1 
ATOM   219  C C   . LYS A 1 30  ? 9.545   -1.067  -15.359 1.00 23.52 ? 28  LYS A C   1 
ATOM   220  O O   . LYS A 1 30  ? 9.007   -1.984  -15.993 1.00 22.96 ? 28  LYS A O   1 
ATOM   221  C CB  . LYS A 1 30  ? 12.061  -1.102  -15.104 1.00 24.65 ? 28  LYS A CB  1 
ATOM   222  C CG  . LYS A 1 30  ? 11.854  -2.527  -14.632 1.00 31.06 ? 28  LYS A CG  1 
ATOM   223  C CD  . LYS A 1 30  ? 13.107  -3.089  -13.965 1.00 29.28 ? 28  LYS A CD  1 
ATOM   224  C CE  . LYS A 1 30  ? 13.243  -2.632  -12.515 1.00 29.13 ? 28  LYS A CE  1 
ATOM   225  N NZ  . LYS A 1 30  ? 14.669  -2.688  -12.048 1.00 30.64 ? 28  LYS A NZ  1 
ATOM   226  N N   . ASN A 1 31  ? 8.993   -0.559  -14.255 1.00 20.79 ? 29  ASN A N   1 
ATOM   227  C CA  . ASN A 1 31  ? 7.746   -1.079  -13.712 1.00 20.98 ? 29  ASN A CA  1 
ATOM   228  C C   . ASN A 1 31  ? 6.521   -0.278  -14.150 1.00 19.23 ? 29  ASN A C   1 
ATOM   229  O O   . ASN A 1 31  ? 5.412   -0.564  -13.684 1.00 18.87 ? 29  ASN A O   1 
ATOM   230  C CB  . ASN A 1 31  ? 7.844   -1.163  -12.187 1.00 19.09 ? 29  ASN A CB  1 
ATOM   231  C CG  . ASN A 1 31  ? 8.886   -2.162  -11.731 1.00 16.79 ? 29  ASN A CG  1 
ATOM   232  O OD1 . ASN A 1 31  ? 8.947   -3.284  -12.231 1.00 21.79 ? 29  ASN A OD1 1 
ATOM   233  N ND2 . ASN A 1 31  ? 9.719   -1.761  -10.783 1.00 18.20 ? 29  ASN A ND2 1 
ATOM   234  N N   . LYS A 1 32  ? 6.704   0.719   -15.023 1.00 19.57 ? 30  LYS A N   1 
ATOM   235  C CA  . LYS A 1 32  ? 5.609   1.514   -15.593 1.00 17.08 ? 30  LYS A CA  1 
ATOM   236  C C   . LYS A 1 32  ? 4.756   2.193   -14.521 1.00 18.82 ? 30  LYS A C   1 
ATOM   237  O O   . LYS A 1 32  ? 3.530   2.276   -14.624 1.00 18.68 ? 30  LYS A O   1 
ATOM   238  C CB  . LYS A 1 32  ? 4.738   0.701   -16.557 1.00 21.43 ? 30  LYS A CB  1 
ATOM   239  C CG  . LYS A 1 32  ? 5.502   -0.218  -17.492 1.00 27.39 ? 30  LYS A CG  1 
ATOM   240  C CD  . LYS A 1 32  ? 6.319   0.562   -18.492 1.00 29.06 ? 30  LYS A CD  1 
ATOM   241  C CE  . LYS A 1 32  ? 7.251   -0.372  -19.275 1.00 29.29 ? 30  LYS A CE  1 
ATOM   242  N NZ  . LYS A 1 32  ? 8.421   0.347   -19.851 1.00 33.38 ? 30  LYS A NZ  1 
ATOM   243  N N   . VAL A 1 33  ? 5.408   2.722   -13.499 1.00 16.82 ? 31  VAL A N   1 
ATOM   244  C CA  . VAL A 1 33  ? 4.689   3.322   -12.378 1.00 16.60 ? 31  VAL A CA  1 
ATOM   245  C C   . VAL A 1 33  ? 4.224   4.720   -12.766 1.00 14.27 ? 31  VAL A C   1 
ATOM   246  O O   . VAL A 1 33  ? 5.041   5.586   -13.089 1.00 17.58 ? 31  VAL A O   1 
ATOM   247  C CB  . VAL A 1 33  ? 5.597   3.366   -11.146 1.00 14.82 ? 31  VAL A CB  1 
ATOM   248  C CG1 . VAL A 1 33  ? 4.969   4.209   -10.035 1.00 13.16 ? 31  VAL A CG1 1 
ATOM   249  C CG2 . VAL A 1 33  ? 5.899   1.958   -10.654 1.00 19.26 ? 31  VAL A CG2 1 
ATOM   250  N N   . THR A 1 34  ? 2.911   4.949   -12.711 1.00 15.68 ? 32  THR A N   1 
ATOM   251  C CA  . THR A 1 34  ? 2.339   6.259   -12.975 1.00 15.00 ? 32  THR A CA  1 
ATOM   252  C C   . THR A 1 34  ? 1.640   6.860   -11.770 1.00 15.48 ? 32  THR A C   1 
ATOM   253  O O   . THR A 1 34  ? 1.239   8.026   -11.828 1.00 15.19 ? 32  THR A O   1 
ATOM   254  C CB  . THR A 1 34  ? 1.328   6.186   -14.120 1.00 19.16 ? 32  THR A CB  1 
ATOM   255  O OG1 . THR A 1 34  ? 0.332   5.215   -13.792 1.00 19.73 ? 32  THR A OG1 1 
ATOM   256  C CG2 . THR A 1 34  ? 2.025   5.797   -15.425 1.00 22.63 ? 32  THR A CG2 1 
ATOM   257  N N   . HIS A 1 35  ? 1.498   6.102   -10.680 1.00 14.07 ? 33  HIS A N   1 
ATOM   258  C CA  . HIS A 1 35  ? 0.807   6.543   -9.480  1.00 12.53 ? 33  HIS A CA  1 
ATOM   259  C C   . HIS A 1 35  ? 1.689   6.169   -8.303  1.00 11.68 ? 33  HIS A C   1 
ATOM   260  O O   . HIS A 1 35  ? 2.178   5.034   -8.239  1.00 11.49 ? 33  HIS A O   1 
ATOM   261  C CB  . HIS A 1 35  ? -0.521  5.785   -9.331  1.00 13.26 ? 33  HIS A CB  1 
ATOM   262  C CG  . HIS A 1 35  ? -1.597  6.234   -10.270 1.00 17.20 ? 33  HIS A CG  1 
ATOM   263  N ND1 . HIS A 1 35  ? -1.522  6.045   -11.632 1.00 19.15 ? 33  HIS A ND1 1 
ATOM   264  C CD2 . HIS A 1 35  ? -2.796  6.820   -10.034 1.00 21.62 ? 33  HIS A CD2 1 
ATOM   265  C CE1 . HIS A 1 35  ? -2.614  6.528   -12.200 1.00 20.40 ? 33  HIS A CE1 1 
ATOM   266  N NE2 . HIS A 1 35  ? -3.407  6.995   -11.252 1.00 20.26 ? 33  HIS A NE2 1 
ATOM   267  N N   . ILE A 1 36  ? 1.869   7.096   -7.365  1.00 10.64 ? 34  ILE A N   1 
ATOM   268  C CA  . ILE A 1 36  ? 2.655   6.837   -6.167  1.00 10.12 ? 34  ILE A CA  1 
ATOM   269  C C   . ILE A 1 36  ? 1.834   7.246   -4.953  1.00 10.80 ? 34  ILE A C   1 
ATOM   270  O O   . ILE A 1 36  ? 1.325   8.370   -4.891  1.00 12.47 ? 34  ILE A O   1 
ATOM   271  C CB  . ILE A 1 36  ? 4.001   7.580   -6.202  1.00 10.87 ? 34  ILE A CB  1 
ATOM   272  C CG1 . ILE A 1 36  ? 4.894   7.005   -7.297  1.00 14.35 ? 34  ILE A CG1 1 
ATOM   273  C CG2 . ILE A 1 36  ? 4.740   7.415   -4.895  1.00 12.75 ? 34  ILE A CG2 1 
ATOM   274  C CD1 . ILE A 1 36  ? 6.199   7.752   -7.440  1.00 14.58 ? 34  ILE A CD1 1 
ATOM   275  N N   . LEU A 1 37  ? 1.684   6.320   -4.019  1.00 10.53 ? 35  LEU A N   1 
ATOM   276  C CA  . LEU A 1 37  ? 1.071   6.574   -2.720  1.00 9.90  ? 35  LEU A CA  1 
ATOM   277  C C   . LEU A 1 37  ? 2.219   6.676   -1.725  1.00 11.10 ? 35  LEU A C   1 
ATOM   278  O O   . LEU A 1 37  ? 2.882   5.676   -1.427  1.00 11.27 ? 35  LEU A O   1 
ATOM   279  C CB  . LEU A 1 37  ? 0.095   5.454   -2.366  1.00 12.09 ? 35  LEU A CB  1 
ATOM   280  C CG  . LEU A 1 37  ? -0.914  5.757   -1.244  1.00 13.25 ? 35  LEU A CG  1 
ATOM   281  C CD1 . LEU A 1 37  ? -1.922  4.602   -1.105  1.00 15.10 ? 35  LEU A CD1 1 
ATOM   282  C CD2 . LEU A 1 37  ? -0.237  6.101   0.101   1.00 14.71 ? 35  LEU A CD2 1 
ATOM   283  N N   . SER A 1 38  ? 2.502   7.900   -1.267  1.00 12.06 ? 36  SER A N   1 
ATOM   284  C CA  . SER A 1 38  ? 3.606   8.176   -0.355  1.00 12.57 ? 36  SER A CA  1 
ATOM   285  C C   . SER A 1 38  ? 3.022   8.320   1.049   1.00 13.14 ? 36  SER A C   1 
ATOM   286  O O   . SER A 1 38  ? 2.252   9.253   1.322   1.00 14.38 ? 36  SER A O   1 
ATOM   287  C CB  . SER A 1 38  ? 4.329   9.464   -0.755  1.00 15.50 ? 36  SER A CB  1 
ATOM   288  O OG  . SER A 1 38  ? 4.898   9.354   -2.050  1.00 17.70 ? 36  SER A OG  1 
ATOM   289  N N   . VAL A 1 39  ? 3.350   7.396   1.929   1.00 12.69 ? 37  VAL A N   1 
ATOM   290  C CA  . VAL A 1 39  ? 2.786   7.412   3.282   1.00 14.53 ? 37  VAL A CA  1 
ATOM   291  C C   . VAL A 1 39  ? 3.948   7.511   4.262   1.00 14.76 ? 37  VAL A C   1 
ATOM   292  O O   . VAL A 1 39  ? 4.564   6.516   4.656   1.00 17.30 ? 37  VAL A O   1 
ATOM   293  C CB  . VAL A 1 39  ? 1.835   6.242   3.574   1.00 13.95 ? 37  VAL A CB  1 
ATOM   294  C CG1 . VAL A 1 39  ? 2.414   4.881   3.225   1.00 13.15 ? 37  VAL A CG1 1 
ATOM   295  C CG2 . VAL A 1 39  ? 1.394   6.285   5.040   1.00 16.23 ? 37  VAL A CG2 1 
ATOM   296  N N   . HIS A 1 40  ? 4.286   8.735   4.656   1.00 19.39 ? 38  HIS A N   1 
ATOM   297  C CA  . HIS A 1 40  ? 5.397   8.955   5.578   1.00 23.22 ? 38  HIS A CA  1 
ATOM   298  C C   . HIS A 1 40  ? 5.311   10.390  6.085   1.00 26.65 ? 38  HIS A C   1 
ATOM   299  O O   . HIS A 1 40  ? 4.389   11.134  5.741   1.00 26.93 ? 38  HIS A O   1 
ATOM   300  C CB  . HIS A 1 40  ? 6.754   8.611   4.955   1.00 21.75 ? 38  HIS A CB  1 
ATOM   301  C CG  . HIS A 1 40  ? 7.190   9.559   3.883   1.00 24.99 ? 38  HIS A CG  1 
ATOM   302  N ND1 . HIS A 1 40  ? 6.949   9.330   2.544   1.00 25.67 ? 38  HIS A ND1 1 
ATOM   303  C CD2 . HIS A 1 40  ? 7.866   10.729  3.950   1.00 29.15 ? 38  HIS A CD2 1 
ATOM   304  C CE1 . HIS A 1 40  ? 7.452   10.325  1.833   1.00 23.72 ? 38  HIS A CE1 1 
ATOM   305  N NE2 . HIS A 1 40  ? 8.014   11.187  2.663   1.00 30.67 ? 38  HIS A NE2 1 
ATOM   306  N N   . ASP A 1 41  ? 6.304   10.771  6.892   1.00 32.59 ? 39  ASP A N   1 
ATOM   307  C CA  . ASP A 1 41  ? 6.209   11.989  7.695   1.00 35.49 ? 39  ASP A CA  1 
ATOM   308  C C   . ASP A 1 41  ? 6.021   13.235  6.831   1.00 36.66 ? 39  ASP A C   1 
ATOM   309  O O   . ASP A 1 41  ? 5.068   14.000  7.026   1.00 41.48 ? 39  ASP A O   1 
ATOM   310  C CB  . ASP A 1 41  ? 7.440   12.111  8.597   1.00 38.79 ? 39  ASP A CB  1 
ATOM   311  C CG  . ASP A 1 41  ? 7.719   10.831  9.379   1.00 38.79 ? 39  ASP A CG  1 
ATOM   312  O OD1 . ASP A 1 41  ? 7.356   10.759  10.575  1.00 41.34 ? 39  ASP A OD1 1 
ATOM   313  O OD2 . ASP A 1 41  ? 8.298   9.895   8.788   1.00 39.55 ? 39  ASP A OD2 1 
ATOM   314  N N   . SER A 1 42  ? 6.907   13.454  5.865   1.00 36.89 ? 40  SER A N   1 
ATOM   315  C CA  . SER A 1 42  ? 6.899   14.675  5.063   1.00 37.13 ? 40  SER A CA  1 
ATOM   316  C C   . SER A 1 42  ? 6.441   14.426  3.627   1.00 33.57 ? 40  SER A C   1 
ATOM   317  O O   . SER A 1 42  ? 6.929   15.058  2.689   1.00 33.82 ? 40  SER A O   1 
ATOM   318  C CB  . SER A 1 42  ? 8.267   15.355  5.096   1.00 40.59 ? 40  SER A CB  1 
ATOM   319  O OG  . SER A 1 42  ? 8.514   15.943  6.365   1.00 44.84 ? 40  SER A OG  1 
ATOM   320  N N   . ALA A 1 43  ? 5.482   13.522  3.441   1.00 30.82 ? 41  ALA A N   1 
ATOM   321  C CA  . ALA A 1 43  ? 5.120   13.084  2.097   1.00 29.87 ? 41  ALA A CA  1 
ATOM   322  C C   . ALA A 1 43  ? 4.595   14.242  1.255   1.00 30.90 ? 41  ALA A C   1 
ATOM   323  O O   . ALA A 1 43  ? 3.717   14.995  1.683   1.00 31.21 ? 41  ALA A O   1 
ATOM   324  C CB  . ALA A 1 43  ? 4.072   11.974  2.180   1.00 25.09 ? 41  ALA A CB  1 
ATOM   325  N N   . ARG A 1 44  ? 5.137   14.372  0.045   1.00 28.87 ? 42  ARG A N   1 
ATOM   326  C CA  . ARG A 1 44  ? 4.769   15.425  -0.889  1.00 25.82 ? 42  ARG A CA  1 
ATOM   327  C C   . ARG A 1 44  ? 5.083   14.942  -2.297  1.00 26.78 ? 42  ARG A C   1 
ATOM   328  O O   . ARG A 1 44  ? 5.970   14.096  -2.473  1.00 27.89 ? 42  ARG A O   1 
ATOM   329  C CB  . ARG A 1 44  ? 5.545   16.724  -0.604  1.00 30.22 ? 42  ARG A CB  1 
ATOM   330  C CG  . ARG A 1 44  ? 7.063   16.548  -0.505  1.00 32.54 ? 42  ARG A CG  1 
ATOM   331  C CD  . ARG A 1 44  ? 7.750   17.814  0.019   1.00 34.07 ? 42  ARG A CD  1 
ATOM   332  N NE  . ARG A 1 44  ? 9.005   18.107  -0.674  1.00 35.83 ? 42  ARG A NE  1 
ATOM   333  C CZ  . ARG A 1 44  ? 9.082   18.579  -1.915  1.00 34.59 ? 42  ARG A CZ  1 
ATOM   334  N NH1 . ARG A 1 44  ? 7.976   18.822  -2.605  1.00 36.67 ? 42  ARG A NH1 1 
ATOM   335  N NH2 . ARG A 1 44  ? 10.266  18.815  -2.466  1.00 34.79 ? 42  ARG A NH2 1 
ATOM   336  N N   . PRO A 1 45  ? 4.371   15.441  -3.306  1.00 25.05 ? 43  PRO A N   1 
ATOM   337  C CA  . PRO A 1 45  ? 4.687   15.059  -4.687  1.00 28.06 ? 43  PRO A CA  1 
ATOM   338  C C   . PRO A 1 45  ? 6.093   15.506  -5.051  1.00 29.21 ? 43  PRO A C   1 
ATOM   339  O O   . PRO A 1 45  ? 6.497   16.639  -4.779  1.00 32.76 ? 43  PRO A O   1 
ATOM   340  C CB  . PRO A 1 45  ? 3.625   15.800  -5.507  1.00 27.98 ? 43  PRO A CB  1 
ATOM   341  C CG  . PRO A 1 45  ? 2.499   16.032  -4.532  1.00 24.41 ? 43  PRO A CG  1 
ATOM   342  C CD  . PRO A 1 45  ? 3.198   16.328  -3.245  1.00 26.69 ? 43  PRO A CD  1 
ATOM   343  N N   . MET A 1 46  ? 6.855   14.591  -5.642  1.00 25.96 ? 44  MET A N   1 
ATOM   344  C CA  . MET A 1 46  ? 8.236   14.868  -6.009  1.00 28.96 ? 44  MET A CA  1 
ATOM   345  C C   . MET A 1 46  ? 8.412   14.981  -7.516  1.00 28.09 ? 44  MET A C   1 
ATOM   346  O O   . MET A 1 46  ? 8.812   16.034  -8.022  1.00 29.61 ? 44  MET A O   1 
ATOM   347  C CB  . MET A 1 46  ? 9.157   13.787  -5.432  1.00 27.23 ? 44  MET A CB  1 
ATOM   348  C CG  . MET A 1 46  ? 9.113   13.696  -3.920  1.00 30.09 ? 44  MET A CG  1 
ATOM   349  S SD  . MET A 1 46  ? 9.715   15.218  -3.160  1.00 39.84 ? 44  MET A SD  1 
ATOM   350  C CE  . MET A 1 46  ? 11.484  14.981  -3.305  1.00 27.09 ? 44  MET A CE  1 
ATOM   351  N N   . LEU A 1 47  ? 8.100   13.929  -8.256  1.00 26.26 ? 45  LEU A N   1 
ATOM   352  C CA  . LEU A 1 47  ? 8.475   13.827  -9.657  1.00 25.14 ? 45  LEU A CA  1 
ATOM   353  C C   . LEU A 1 47  ? 7.331   14.248  -10.570 1.00 26.93 ? 45  LEU A C   1 
ATOM   354  O O   . LEU A 1 47  ? 6.164   13.934  -10.320 1.00 27.30 ? 45  LEU A O   1 
ATOM   355  C CB  . LEU A 1 47  ? 8.892   12.396  -9.986  1.00 24.42 ? 45  LEU A CB  1 
ATOM   356  C CG  . LEU A 1 47  ? 9.946   11.795  -9.055  1.00 26.57 ? 45  LEU A CG  1 
ATOM   357  C CD1 . LEU A 1 47  ? 10.130  10.329  -9.373  1.00 24.08 ? 45  LEU A CD1 1 
ATOM   358  C CD2 . LEU A 1 47  ? 11.262  12.533  -9.165  1.00 24.16 ? 45  LEU A CD2 1 
ATOM   359  N N   . GLU A 1 48  ? 7.672   14.954  -11.643 1.00 31.07 ? 46  GLU A N   1 
ATOM   360  C CA  . GLU A 1 48  ? 6.653   15.308  -12.616 1.00 26.32 ? 46  GLU A CA  1 
ATOM   361  C C   . GLU A 1 48  ? 6.215   14.069  -13.394 1.00 28.51 ? 46  GLU A C   1 
ATOM   362  O O   . GLU A 1 48  ? 6.957   13.091  -13.525 1.00 30.37 ? 46  GLU A O   1 
ATOM   363  C CB  . GLU A 1 48  ? 7.157   16.405  -13.558 1.00 31.84 ? 46  GLU A CB  1 
ATOM   364  C CG  . GLU A 1 48  ? 8.214   15.963  -14.553 1.00 36.94 ? 46  GLU A CG  1 
ATOM   365  C CD  . GLU A 1 48  ? 8.596   17.070  -15.521 1.00 36.55 ? 46  GLU A CD  1 
ATOM   366  O OE1 . GLU A 1 48  ? 8.603   16.815  -16.742 1.00 39.12 ? 46  GLU A OE1 1 
ATOM   367  O OE2 . GLU A 1 48  ? 8.886   18.193  -15.058 1.00 37.80 ? 46  GLU A OE2 1 
ATOM   368  N N   . GLY A 1 49  ? 4.981   14.107  -13.895 1.00 26.21 ? 47  GLY A N   1 
ATOM   369  C CA  . GLY A 1 49  ? 4.445   13.016  -14.679 1.00 25.54 ? 47  GLY A CA  1 
ATOM   370  C C   . GLY A 1 49  ? 3.872   11.878  -13.873 1.00 23.91 ? 47  GLY A C   1 
ATOM   371  O O   . GLY A 1 49  ? 3.419   10.886  -14.462 1.00 27.43 ? 47  GLY A O   1 
ATOM   372  N N   . VAL A 1 50  ? 3.872   11.988  -12.546 1.00 21.85 ? 48  VAL A N   1 
ATOM   373  C CA  . VAL A 1 50  ? 3.343   10.962  -11.657 1.00 21.02 ? 48  VAL A CA  1 
ATOM   374  C C   . VAL A 1 50  ? 2.201   11.567  -10.851 1.00 19.08 ? 48  VAL A C   1 
ATOM   375  O O   . VAL A 1 50  ? 2.295   12.714  -10.395 1.00 19.77 ? 48  VAL A O   1 
ATOM   376  C CB  . VAL A 1 50  ? 4.446   10.432  -10.715 1.00 19.69 ? 48  VAL A CB  1 
ATOM   377  C CG1 . VAL A 1 50  ? 3.850   9.548   -9.626  1.00 18.40 ? 48  VAL A CG1 1 
ATOM   378  C CG2 . VAL A 1 50  ? 5.487   9.666   -11.505 1.00 19.71 ? 48  VAL A CG2 1 
ATOM   379  N N   . LYS A 1 51  ? 1.128   10.792  -10.675 1.00 16.85 ? 49  LYS A N   1 
ATOM   380  C CA  . LYS A 1 51  ? 0.009   11.170  -9.818  1.00 17.12 ? 49  LYS A CA  1 
ATOM   381  C C   . LYS A 1 51  ? 0.259   10.651  -8.408  1.00 16.43 ? 49  LYS A C   1 
ATOM   382  O O   . LYS A 1 51  ? 0.563   9.468   -8.229  1.00 15.71 ? 49  LYS A O   1 
ATOM   383  C CB  . LYS A 1 51  ? -1.274  10.545  -10.360 1.00 18.08 ? 49  LYS A CB  1 
ATOM   384  C CG  . LYS A 1 51  ? -2.526  10.913  -9.586  1.00 21.33 ? 49  LYS A CG  1 
ATOM   385  C CD  . LYS A 1 51  ? -3.753  10.270  -10.211 1.00 25.47 ? 49  LYS A CD  1 
ATOM   386  C CE  . LYS A 1 51  ? -5.001  10.495  -9.381  1.00 30.42 ? 49  LYS A CE  1 
ATOM   387  N NZ  . LYS A 1 51  ? -6.236  10.296  -10.198 1.00 31.77 ? 49  LYS A NZ  1 
ATOM   388  N N   . TYR A 1 52  ? 0.118   11.521  -7.411  1.00 16.07 ? 50  TYR A N   1 
ATOM   389  C CA  . TYR A 1 52  ? 0.475   11.205  -6.033  1.00 17.88 ? 50  TYR A CA  1 
ATOM   390  C C   . TYR A 1 52  ? -0.742  11.246  -5.118  1.00 16.98 ? 50  TYR A C   1 
ATOM   391  O O   . TYR A 1 52  ? -1.658  12.057  -5.311  1.00 16.82 ? 50  TYR A O   1 
ATOM   392  C CB  . TYR A 1 52  ? 1.482   12.228  -5.498  1.00 17.26 ? 50  TYR A CB  1 
ATOM   393  C CG  . TYR A 1 52  ? 2.912   12.040  -5.954  1.00 18.65 ? 50  TYR A CG  1 
ATOM   394  C CD1 . TYR A 1 52  ? 3.371   12.647  -7.108  1.00 21.25 ? 50  TYR A CD1 1 
ATOM   395  C CD2 . TYR A 1 52  ? 3.813   11.291  -5.204  1.00 18.40 ? 50  TYR A CD2 1 
ATOM   396  C CE1 . TYR A 1 52  ? 4.670   12.497  -7.521  1.00 20.75 ? 50  TYR A CE1 1 
ATOM   397  C CE2 . TYR A 1 52  ? 5.127   11.132  -5.614  1.00 18.30 ? 50  TYR A CE2 1 
ATOM   398  C CZ  . TYR A 1 52  ? 5.549   11.749  -6.773  1.00 18.26 ? 50  TYR A CZ  1 
ATOM   399  O OH  . TYR A 1 52  ? 6.846   11.618  -7.212  1.00 21.39 ? 50  TYR A OH  1 
ATOM   400  N N   . LEU A 1 53  ? -0.741  10.359  -4.121  1.00 13.93 ? 51  LEU A N   1 
ATOM   401  C CA  . LEU A 1 53  ? -1.579  10.466  -2.933  1.00 13.34 ? 51  LEU A CA  1 
ATOM   402  C C   . LEU A 1 53  ? -0.605  10.484  -1.767  1.00 16.44 ? 51  LEU A C   1 
ATOM   403  O O   . LEU A 1 53  ? 0.150   9.525   -1.576  1.00 13.80 ? 51  LEU A O   1 
ATOM   404  C CB  . LEU A 1 53  ? -2.518  9.263   -2.817  1.00 15.27 ? 51  LEU A CB  1 
ATOM   405  C CG  . LEU A 1 53  ? -3.328  9.186   -1.517  1.00 15.84 ? 51  LEU A CG  1 
ATOM   406  C CD1 . LEU A 1 53  ? -4.152  10.466  -1.265  1.00 19.52 ? 51  LEU A CD1 1 
ATOM   407  C CD2 . LEU A 1 53  ? -4.230  7.938   -1.489  1.00 18.45 ? 51  LEU A CD2 1 
ATOM   408  N N   . CYS A 1 54  ? -0.591  11.572  -1.007  1.00 15.14 ? 52  CYS A N   1 
ATOM   409  C CA  . CYS A 1 54  ? 0.348   11.734  0.091   1.00 15.26 ? 52  CYS A CA  1 
ATOM   410  C C   . CYS A 1 54  ? -0.421  11.644  1.397   1.00 18.22 ? 52  CYS A C   1 
ATOM   411  O O   . CYS A 1 54  ? -1.439  12.323  1.573   1.00 18.24 ? 52  CYS A O   1 
ATOM   412  C CB  . CYS A 1 54  ? 1.074   13.068  -0.015  1.00 18.09 ? 52  CYS A CB  1 
ATOM   413  S SG  . CYS A 1 54  ? 2.022   13.177  -1.551  1.00 20.02 ? 52  CYS A SG  1 
ATOM   414  N N   . ILE A 1 55  ? 0.054   10.787  2.292   1.00 16.13 ? 53  ILE A N   1 
ATOM   415  C CA  . ILE A 1 55  ? -0.573  10.562  3.587   1.00 18.15 ? 53  ILE A CA  1 
ATOM   416  C C   . ILE A 1 55  ? 0.473   10.852  4.650   1.00 22.06 ? 53  ILE A C   1 
ATOM   417  O O   . ILE A 1 55  ? 1.490   10.147  4.740   1.00 18.86 ? 53  ILE A O   1 
ATOM   418  C CB  . ILE A 1 55  ? -1.116  9.132   3.681   1.00 17.01 ? 53  ILE A CB  1 
ATOM   419  C CG1 . ILE A 1 55  ? -2.126  8.893   2.568   1.00 19.14 ? 53  ILE A CG1 1 
ATOM   420  C CG2 . ILE A 1 55  ? -1.745  8.880   5.072   1.00 20.87 ? 53  ILE A CG2 1 
ATOM   421  C CD1 . ILE A 1 55  ? -2.658  7.492   2.540   1.00 21.30 ? 53  ILE A CD1 1 
ATOM   422  N N   . PRO A 1 56  ? 0.278   11.883  5.456   1.00 26.81 ? 54  PRO A N   1 
ATOM   423  C CA  . PRO A 1 56  ? 1.217   12.168  6.549   1.00 24.29 ? 54  PRO A CA  1 
ATOM   424  C C   . PRO A 1 56  ? 0.952   11.227  7.707   1.00 26.07 ? 54  PRO A C   1 
ATOM   425  O O   . PRO A 1 56  ? -0.058  11.344  8.411   1.00 32.55 ? 54  PRO A O   1 
ATOM   426  C CB  . PRO A 1 56  ? 0.891   13.628  6.908   1.00 29.72 ? 54  PRO A CB  1 
ATOM   427  C CG  . PRO A 1 56  ? -0.485  13.888  6.379   1.00 30.01 ? 54  PRO A CG  1 
ATOM   428  C CD  . PRO A 1 56  ? -0.884  12.785  5.449   1.00 27.14 ? 54  PRO A CD  1 
ATOM   429  N N   . ALA A 1 57  ? 1.860   10.276  7.913   1.00 22.22 ? 55  ALA A N   1 
ATOM   430  C CA  . ALA A 1 57  ? 1.690   9.283   8.963   1.00 20.49 ? 55  ALA A CA  1 
ATOM   431  C C   . ALA A 1 57  ? 3.042   8.900   9.551   1.00 25.29 ? 55  ALA A C   1 
ATOM   432  O O   . ALA A 1 57  ? 4.038   8.808   8.829   1.00 23.82 ? 55  ALA A O   1 
ATOM   433  C CB  . ALA A 1 57  ? 0.989   8.035   8.427   1.00 22.38 ? 55  ALA A CB  1 
ATOM   434  N N   . ALA A 1 58  ? 3.071   8.669   10.865  1.00 23.43 ? 56  ALA A N   1 
ATOM   435  C CA  . ALA A 1 58  ? 4.265   8.189   11.540  1.00 25.44 ? 56  ALA A CA  1 
ATOM   436  C C   . ALA A 1 58  ? 4.258   6.667   11.581  1.00 17.40 ? 56  ALA A C   1 
ATOM   437  O O   . ALA A 1 58  ? 3.198   6.036   11.561  1.00 24.76 ? 56  ALA A O   1 
ATOM   438  C CB  . ALA A 1 58  ? 4.311   8.725   12.973  1.00 25.81 ? 56  ALA A CB  1 
ATOM   439  N N   . ASP A 1 59  ? 5.454   6.073   11.643  1.00 21.09 ? 57  ASP A N   1 
ATOM   440  C CA  . ASP A 1 59  ? 5.571   4.627   11.863  1.00 20.24 ? 57  ASP A CA  1 
ATOM   441  C C   . ASP A 1 59  ? 5.593   4.324   13.360  1.00 23.77 ? 57  ASP A C   1 
ATOM   442  O O   . ASP A 1 59  ? 6.553   3.790   13.914  1.00 29.13 ? 57  ASP A O   1 
ATOM   443  C CB  . ASP A 1 59  ? 6.790   4.039   11.159  1.00 21.40 ? 57  ASP A CB  1 
ATOM   444  C CG  . ASP A 1 59  ? 6.839   2.509   11.266  1.00 21.08 ? 57  ASP A CG  1 
ATOM   445  O OD1 . ASP A 1 59  ? 5.774   1.898   11.486  1.00 21.95 ? 57  ASP A OD1 1 
ATOM   446  O OD2 . ASP A 1 59  ? 7.935   1.921   11.132  1.00 22.12 ? 57  ASP A OD2 1 
ATOM   447  N N   . SER A 1 60  ? 4.500   4.686   14.009  1.00 25.78 ? 58  SER A N   1 
ATOM   448  C CA  . SER A 1 60  ? 4.350   4.475   15.435  1.00 25.06 ? 58  SER A CA  1 
ATOM   449  C C   . SER A 1 60  ? 3.045   3.741   15.691  1.00 22.67 ? 58  SER A C   1 
ATOM   450  O O   . SER A 1 60  ? 2.067   3.933   14.964  1.00 20.44 ? 58  SER A O   1 
ATOM   451  C CB  . SER A 1 60  ? 4.326   5.824   16.167  1.00 28.37 ? 58  SER A CB  1 
ATOM   452  O OG  . SER A 1 60  ? 4.024   5.657   17.543  1.00 29.54 ? 58  SER A OG  1 
ATOM   453  N N   . PRO A 1 61  ? 2.998   2.887   16.717  1.00 23.89 ? 59  PRO A N   1 
ATOM   454  C CA  . PRO A 1 61  ? 1.726   2.235   17.055  1.00 25.33 ? 59  PRO A CA  1 
ATOM   455  C C   . PRO A 1 61  ? 0.632   3.223   17.421  1.00 20.75 ? 59  PRO A C   1 
ATOM   456  O O   . PRO A 1 61  ? -0.553  2.865   17.368  1.00 22.23 ? 59  PRO A O   1 
ATOM   457  C CB  . PRO A 1 61  ? 2.086   1.310   18.231  1.00 22.21 ? 59  PRO A CB  1 
ATOM   458  C CG  . PRO A 1 61  ? 3.514   1.628   18.588  1.00 28.41 ? 59  PRO A CG  1 
ATOM   459  C CD  . PRO A 1 61  ? 4.149   2.299   17.419  1.00 24.35 ? 59  PRO A CD  1 
ATOM   460  N N   . SER A 1 62  ? 0.990   4.460   17.787  1.00 21.69 ? 60  SER A N   1 
ATOM   461  C CA  . SER A 1 62  ? -0.016  5.474   18.063  1.00 23.26 ? 60  SER A CA  1 
ATOM   462  C C   . SER A 1 62  ? -0.594  6.093   16.798  1.00 24.29 ? 60  SER A C   1 
ATOM   463  O O   . SER A 1 62  ? -1.622  6.773   16.874  1.00 26.44 ? 60  SER A O   1 
ATOM   464  C CB  . SER A 1 62  ? 0.549   6.584   18.961  1.00 26.24 ? 60  SER A CB  1 
ATOM   465  O OG  . SER A 1 62  ? 1.785   7.093   18.480  1.00 26.95 ? 60  SER A OG  1 
ATOM   466  N N   . GLN A 1 63  ? 0.025   5.868   15.638  1.00 21.58 ? 61  GLN A N   1 
ATOM   467  C CA  . GLN A 1 63  ? -0.455  6.472   14.405  1.00 24.58 ? 61  GLN A CA  1 
ATOM   468  C C   . GLN A 1 63  ? -1.647  5.688   13.891  1.00 22.73 ? 61  GLN A C   1 
ATOM   469  O O   . GLN A 1 63  ? -1.566  4.469   13.708  1.00 22.54 ? 61  GLN A O   1 
ATOM   470  C CB  . GLN A 1 63  ? 0.640   6.444   13.341  1.00 22.36 ? 61  GLN A CB  1 
ATOM   471  C CG  . GLN A 1 63  ? 0.141   6.819   11.946  1.00 21.87 ? 61  GLN A CG  1 
ATOM   472  C CD  . GLN A 1 63  ? -0.227  8.287   11.837  1.00 20.35 ? 61  GLN A CD  1 
ATOM   473  O OE1 . GLN A 1 63  ? 0.588   9.160   12.121  1.00 21.54 ? 61  GLN A OE1 1 
ATOM   474  N NE2 . GLN A 1 63  ? -1.456  8.562   11.414  1.00 26.88 ? 61  GLN A NE2 1 
ATOM   475  N N   . ASN A 1 64  ? -2.749  6.385   13.647  1.00 24.72 ? 62  ASN A N   1 
ATOM   476  C CA  . ASN A 1 64  ? -3.894  5.749   13.027  1.00 24.28 ? 62  ASN A CA  1 
ATOM   477  C C   . ASN A 1 64  ? -3.698  5.739   11.517  1.00 23.44 ? 62  ASN A C   1 
ATOM   478  O O   . ASN A 1 64  ? -3.377  6.769   10.918  1.00 26.68 ? 62  ASN A O   1 
ATOM   479  C CB  . ASN A 1 64  ? -5.184  6.485   13.378  1.00 30.15 ? 62  ASN A CB  1 
ATOM   480  C CG  . ASN A 1 64  ? -6.292  6.170   12.406  1.00 28.78 ? 62  ASN A CG  1 
ATOM   481  O OD1 . ASN A 1 64  ? -6.375  6.763   11.331  1.00 27.76 ? 62  ASN A OD1 1 
ATOM   482  N ND2 . ASN A 1 64  ? -7.130  5.208   12.756  1.00 32.05 ? 62  ASN A ND2 1 
ATOM   483  N N   . LEU A 1 65  ? -3.867  4.564   10.913  1.00 22.43 ? 63  LEU A N   1 
ATOM   484  C CA  . LEU A 1 65  ? -3.906  4.439   9.464   1.00 21.06 ? 63  LEU A CA  1 
ATOM   485  C C   . LEU A 1 65  ? -5.271  4.025   8.947   1.00 19.90 ? 63  LEU A C   1 
ATOM   486  O O   . LEU A 1 65  ? -5.519  4.147   7.746   1.00 20.07 ? 63  LEU A O   1 
ATOM   487  C CB  . LEU A 1 65  ? -2.849  3.433   8.968   1.00 20.23 ? 63  LEU A CB  1 
ATOM   488  C CG  . LEU A 1 65  ? -1.409  3.927   8.934   1.00 23.46 ? 63  LEU A CG  1 
ATOM   489  C CD1 . LEU A 1 65  ? -0.498  2.834   8.366   1.00 19.27 ? 63  LEU A CD1 1 
ATOM   490  C CD2 . LEU A 1 65  ? -1.323  5.209   8.119   1.00 23.42 ? 63  LEU A CD2 1 
ATOM   491  N N   . THR A 1 66  ? -6.169  3.552   9.820   1.00 21.60 ? 64  THR A N   1 
ATOM   492  C CA  . THR A 1 66  ? -7.471  3.085   9.351   1.00 19.54 ? 64  THR A CA  1 
ATOM   493  C C   . THR A 1 66  ? -8.259  4.206   8.690   1.00 19.31 ? 64  THR A C   1 
ATOM   494  O O   . THR A 1 66  ? -8.965  3.974   7.698   1.00 20.71 ? 64  THR A O   1 
ATOM   495  C CB  . THR A 1 66  ? -8.274  2.489   10.509  1.00 22.96 ? 64  THR A CB  1 
ATOM   496  O OG1 . THR A 1 66  ? -8.361  3.445   11.576  1.00 30.51 ? 64  THR A OG1 1 
ATOM   497  C CG2 . THR A 1 66  ? -7.620  1.234   11.011  1.00 19.85 ? 64  THR A CG2 1 
ATOM   498  N N   . ARG A 1 67  ? -8.141  5.432   9.214   1.00 19.69 ? 65  ARG A N   1 
ATOM   499  C CA  . ARG A 1 67  ? -8.816  6.583   8.620   1.00 24.34 ? 65  ARG A CA  1 
ATOM   500  C C   . ARG A 1 67  ? -8.475  6.746   7.146   1.00 20.84 ? 65  ARG A C   1 
ATOM   501  O O   . ARG A 1 67  ? -9.246  7.363   6.403   1.00 24.76 ? 65  ARG A O   1 
ATOM   502  C CB  . ARG A 1 67  ? -8.410  7.883   9.338   1.00 25.48 ? 65  ARG A CB  1 
ATOM   503  C CG  . ARG A 1 67  ? -9.081  8.135   10.687  1.00 34.07 ? 65  ARG A CG  1 
ATOM   504  C CD  . ARG A 1 67  ? -8.954  9.602   11.124  1.00 36.54 ? 65  ARG A CD  1 
ATOM   505  N NE  . ARG A 1 67  ? -7.708  9.883   11.841  1.00 39.86 ? 65  ARG A NE  1 
ATOM   506  C CZ  . ARG A 1 67  ? -7.438  9.482   13.084  1.00 38.34 ? 65  ARG A CZ  1 
ATOM   507  N NH1 . ARG A 1 67  ? -8.326  8.777   13.771  1.00 35.95 ? 65  ARG A NH1 1 
ATOM   508  N NH2 . ARG A 1 67  ? -6.272  9.789   13.643  1.00 41.94 ? 65  ARG A NH2 1 
ATOM   509  N N   . HIS A 1 68  ? -7.334  6.201   6.711   1.00 20.68 ? 66  HIS A N   1 
ATOM   510  C CA  . HIS A 1 68  ? -6.828  6.371   5.353   1.00 18.21 ? 66  HIS A CA  1 
ATOM   511  C C   . HIS A 1 68  ? -7.017  5.152   4.461   1.00 17.37 ? 66  HIS A C   1 
ATOM   512  O O   . HIS A 1 68  ? -6.647  5.218   3.282   1.00 16.70 ? 66  HIS A O   1 
ATOM   513  C CB  . HIS A 1 68  ? -5.343  6.748   5.384   1.00 19.47 ? 66  HIS A CB  1 
ATOM   514  C CG  . HIS A 1 68  ? -5.054  8.008   6.135   1.00 21.70 ? 66  HIS A CG  1 
ATOM   515  N ND1 . HIS A 1 68  ? -5.423  9.249   5.668   1.00 26.84 ? 66  HIS A ND1 1 
ATOM   516  C CD2 . HIS A 1 68  ? -4.433  8.218   7.319   1.00 23.03 ? 66  HIS A CD2 1 
ATOM   517  C CE1 . HIS A 1 68  ? -5.034  10.173  6.528   1.00 24.40 ? 66  HIS A CE1 1 
ATOM   518  N NE2 . HIS A 1 68  ? -4.435  9.574   7.541   1.00 24.56 ? 66  HIS A NE2 1 
ATOM   519  N N   . PHE A 1 69  ? -7.572  4.050   4.971   1.00 16.38 ? 67  PHE A N   1 
ATOM   520  C CA  . PHE A 1 69  ? -7.741  2.842   4.158   1.00 15.09 ? 67  PHE A CA  1 
ATOM   521  C C   . PHE A 1 69  ? -8.594  3.107   2.920   1.00 16.90 ? 67  PHE A C   1 
ATOM   522  O O   . PHE A 1 69  ? -8.228  2.719   1.804   1.00 15.51 ? 67  PHE A O   1 
ATOM   523  C CB  . PHE A 1 69  ? -8.354  1.698   4.979   1.00 16.09 ? 67  PHE A CB  1 
ATOM   524  C CG  . PHE A 1 69  ? -7.399  1.033   5.944   1.00 14.77 ? 67  PHE A CG  1 
ATOM   525  C CD1 . PHE A 1 69  ? -6.084  1.455   6.070   1.00 14.43 ? 67  PHE A CD1 1 
ATOM   526  C CD2 . PHE A 1 69  ? -7.830  -0.034  6.727   1.00 15.49 ? 67  PHE A CD2 1 
ATOM   527  C CE1 . PHE A 1 69  ? -5.216  0.830   6.960   1.00 15.49 ? 67  PHE A CE1 1 
ATOM   528  C CE2 . PHE A 1 69  ? -6.959  -0.665  7.601   1.00 15.07 ? 67  PHE A CE2 1 
ATOM   529  C CZ  . PHE A 1 69  ? -5.662  -0.228  7.730   1.00 18.92 ? 67  PHE A CZ  1 
ATOM   530  N N   . LYS A 1 70  ? -9.743  3.759   3.085   1.00 15.89 ? 68  LYS A N   1 
ATOM   531  C CA  . LYS A 1 70  ? -10.662 3.889   1.964   1.00 16.37 ? 68  LYS A CA  1 
ATOM   532  C C   . LYS A 1 70  ? -10.057 4.732   0.843   1.00 16.51 ? 68  LYS A C   1 
ATOM   533  O O   . LYS A 1 70  ? -10.101 4.345   -0.331  1.00 15.45 ? 68  LYS A O   1 
ATOM   534  C CB  . LYS A 1 70  ? -12.017 4.426   2.439   1.00 19.91 ? 68  LYS A CB  1 
ATOM   535  C CG  . LYS A 1 70  ? -13.075 4.511   1.344   1.00 24.95 ? 68  LYS A CG  1 
ATOM   536  C CD  . LYS A 1 70  ? -13.592 3.144   0.945   1.00 27.46 ? 68  LYS A CD  1 
ATOM   537  C CE  . LYS A 1 70  ? -14.228 2.422   2.121   1.00 28.23 ? 68  LYS A CE  1 
ATOM   538  N NZ  . LYS A 1 70  ? -15.641 2.806   2.390   1.00 33.04 ? 68  LYS A NZ  1 
ATOM   539  N N   . GLU A 1 71  ? -9.454  5.872   1.187   1.00 15.50 ? 69  GLU A N   1 
ATOM   540  C CA  . GLU A 1 71  ? -8.852  6.708   0.151   1.00 19.33 ? 69  GLU A CA  1 
ATOM   541  C C   . GLU A 1 71  ? -7.676  6.007   -0.521  1.00 15.38 ? 69  GLU A C   1 
ATOM   542  O O   . GLU A 1 71  ? -7.471  6.153   -1.731  1.00 16.14 ? 69  GLU A O   1 
ATOM   543  C CB  . GLU A 1 71  ? -8.437  8.072   0.706   1.00 21.33 ? 69  GLU A CB  1 
ATOM   544  C CG  . GLU A 1 71  ? -7.191  8.081   1.584   1.00 25.71 ? 69  GLU A CG  1 
ATOM   545  C CD  . GLU A 1 71  ? -6.688  9.491   1.876   1.00 31.45 ? 69  GLU A CD  1 
ATOM   546  O OE1 . GLU A 1 71  ? -5.732  9.637   2.676   1.00 30.04 ? 69  GLU A OE1 1 
ATOM   547  O OE2 . GLU A 1 71  ? -7.249  10.452  1.303   1.00 34.06 ? 69  GLU A OE2 1 
ATOM   548  N N   . SER A 1 72  ? -6.919  5.219   0.238   1.00 14.28 ? 70  SER A N   1 
ATOM   549  C CA  . SER A 1 72  ? -5.808  4.465   -0.340  1.00 14.90 ? 70  SER A CA  1 
ATOM   550  C C   . SER A 1 72  ? -6.314  3.394   -1.288  1.00 12.39 ? 70  SER A C   1 
ATOM   551  O O   . SER A 1 72  ? -5.762  3.211   -2.384  1.00 12.56 ? 70  SER A O   1 
ATOM   552  C CB  . SER A 1 72  ? -4.992  3.816   0.773   1.00 14.82 ? 70  SER A CB  1 
ATOM   553  O OG  . SER A 1 72  ? -4.401  4.782   1.606   1.00 15.33 ? 70  SER A OG  1 
ATOM   554  N N   . ILE A 1 73  ? -7.386  2.701   -0.908  1.00 12.75 ? 71  ILE A N   1 
ATOM   555  C CA  . ILE A 1 73  ? -7.900  1.623   -1.742  1.00 12.20 ? 71  ILE A CA  1 
ATOM   556  C C   . ILE A 1 73  ? -8.463  2.182   -3.042  1.00 13.52 ? 71  ILE A C   1 
ATOM   557  O O   . ILE A 1 73  ? -8.242  1.626   -4.124  1.00 13.78 ? 71  ILE A O   1 
ATOM   558  C CB  . ILE A 1 73  ? -8.931  0.805   -0.950  1.00 12.78 ? 71  ILE A CB  1 
ATOM   559  C CG1 . ILE A 1 73  ? -8.208  -0.028  0.103   1.00 12.18 ? 71  ILE A CG1 1 
ATOM   560  C CG2 . ILE A 1 73  ? -9.746  -0.065  -1.859  1.00 15.26 ? 71  ILE A CG2 1 
ATOM   561  C CD1 . ILE A 1 73  ? -9.143  -0.465  1.216   1.00 15.17 ? 71  ILE A CD1 1 
ATOM   562  N N   . LYS A 1 74  ? -9.200  3.293   -2.957  1.00 14.24 ? 72  LYS A N   1 
ATOM   563  C CA  . LYS A 1 74  ? -9.728  3.939   -4.155  1.00 15.81 ? 72  LYS A CA  1 
ATOM   564  C C   . LYS A 1 74  ? -8.606  4.317   -5.110  1.00 15.48 ? 72  LYS A C   1 
ATOM   565  O O   . LYS A 1 74  ? -8.698  4.097   -6.324  1.00 14.25 ? 72  LYS A O   1 
ATOM   566  C CB  . LYS A 1 74  ? -10.497 5.197   -3.748  1.00 16.58 ? 72  LYS A CB  1 
ATOM   567  C CG  . LYS A 1 74  ? -11.285 5.866   -4.869  1.00 23.12 ? 72  LYS A CG  1 
ATOM   568  C CD  . LYS A 1 74  ? -11.771 7.245   -4.415  1.00 23.57 ? 72  LYS A CD  1 
ATOM   569  C CE  . LYS A 1 74  ? -12.250 8.120   -5.566  1.00 31.25 ? 72  LYS A CE  1 
ATOM   570  N NZ  . LYS A 1 74  ? -13.145 7.368   -6.484  1.00 33.85 ? 72  LYS A NZ  1 
ATOM   571  N N   . PHE A 1 75  ? -7.558  4.933   -4.574  1.00 13.88 ? 73  PHE A N   1 
ATOM   572  C CA  . PHE A 1 75  ? -6.430  5.373   -5.386  1.00 12.93 ? 73  PHE A CA  1 
ATOM   573  C C   . PHE A 1 75  ? -5.753  4.191   -6.071  1.00 12.62 ? 73  PHE A C   1 
ATOM   574  O O   . PHE A 1 75  ? -5.496  4.222   -7.286  1.00 13.41 ? 73  PHE A O   1 
ATOM   575  C CB  . PHE A 1 75  ? -5.462  6.132   -4.477  1.00 13.07 ? 73  PHE A CB  1 
ATOM   576  C CG  . PHE A 1 75  ? -4.263  6.711   -5.185  1.00 12.59 ? 73  PHE A CG  1 
ATOM   577  C CD1 . PHE A 1 75  ? -4.356  7.922   -5.851  1.00 14.76 ? 73  PHE A CD1 1 
ATOM   578  C CD2 . PHE A 1 75  ? -3.029  6.081   -5.112  1.00 14.12 ? 73  PHE A CD2 1 
ATOM   579  C CE1 . PHE A 1 75  ? -3.244  8.465   -6.501  1.00 16.69 ? 73  PHE A CE1 1 
ATOM   580  C CE2 . PHE A 1 75  ? -1.914  6.619   -5.742  1.00 15.19 ? 73  PHE A CE2 1 
ATOM   581  C CZ  . PHE A 1 75  ? -2.021  7.821   -6.432  1.00 15.60 ? 73  PHE A CZ  1 
ATOM   582  N N   . ILE A 1 76  ? -5.468  3.131   -5.316  1.00 11.03 ? 74  ILE A N   1 
ATOM   583  C CA  . ILE A 1 76  ? -4.816  1.959   -5.895  1.00 12.51 ? 74  ILE A CA  1 
ATOM   584  C C   . ILE A 1 76  ? -5.718  1.313   -6.930  1.00 12.44 ? 74  ILE A C   1 
ATOM   585  O O   . ILE A 1 76  ? -5.287  0.973   -8.044  1.00 12.57 ? 74  ILE A O   1 
ATOM   586  C CB  . ILE A 1 76  ? -4.435  0.956   -4.796  1.00 10.29 ? 74  ILE A CB  1 
ATOM   587  C CG1 . ILE A 1 76  ? -3.381  1.547   -3.882  1.00 11.53 ? 74  ILE A CG1 1 
ATOM   588  C CG2 . ILE A 1 76  ? -3.932  -0.350  -5.413  1.00 11.43 ? 74  ILE A CG2 1 
ATOM   589  C CD1 . ILE A 1 76  ? -3.220  0.787   -2.584  1.00 11.52 ? 74  ILE A CD1 1 
ATOM   590  N N   . HIS A 1 77  ? -6.993  1.127   -6.575  1.00 12.91 ? 75  HIS A N   1 
ATOM   591  C CA  . HIS A 1 77  ? -7.891  0.366   -7.429  1.00 11.68 ? 75  HIS A CA  1 
ATOM   592  C C   . HIS A 1 77  ? -8.157  1.076   -8.747  1.00 13.57 ? 75  HIS A C   1 
ATOM   593  O O   . HIS A 1 77  ? -8.137  0.441   -9.806  1.00 14.17 ? 75  HIS A O   1 
ATOM   594  C CB  . HIS A 1 77  ? -9.207  0.084   -6.711  1.00 11.86 ? 75  HIS A CB  1 
ATOM   595  C CG  . HIS A 1 77  ? -9.902  -1.131  -7.224  1.00 14.55 ? 75  HIS A CG  1 
ATOM   596  N ND1 . HIS A 1 77  ? -9.323  -2.381  -7.201  1.00 14.14 ? 75  HIS A ND1 1 
ATOM   597  C CD2 . HIS A 1 77  ? -11.124 -1.291  -7.784  1.00 14.77 ? 75  HIS A CD2 1 
ATOM   598  C CE1 . HIS A 1 77  ? -10.174 -3.266  -7.690  1.00 16.29 ? 75  HIS A CE1 1 
ATOM   599  N NE2 . HIS A 1 77  ? -11.259 -2.623  -8.084  1.00 17.40 ? 75  HIS A NE2 1 
ATOM   600  N N   . GLU A 1 78  ? -8.381  2.390   -8.706  1.00 13.60 ? 76  GLU A N   1 
ATOM   601  C CA  . GLU A 1 78  ? -8.637  3.116   -9.942  1.00 14.82 ? 76  GLU A CA  1 
ATOM   602  C C   . GLU A 1 78  ? -7.414  3.121   -10.846 1.00 15.31 ? 76  GLU A C   1 
ATOM   603  O O   . GLU A 1 78  ? -7.560  3.100   -12.067 1.00 17.48 ? 76  GLU A O   1 
ATOM   604  C CB  . GLU A 1 78  ? -9.174  4.505   -9.616  1.00 18.71 ? 76  GLU A CB  1 
ATOM   605  C CG  . GLU A 1 78  ? -10.563 4.420   -8.986  1.00 22.41 ? 76  GLU A CG  1 
ATOM   606  C CD  . GLU A 1 78  ? -11.191 5.762   -8.713  1.00 26.43 ? 76  GLU A CD  1 
ATOM   607  O OE1 . GLU A 1 78  ? -10.564 6.798   -9.009  1.00 30.68 ? 76  GLU A OE1 1 
ATOM   608  O OE2 . GLU A 1 78  ? -12.325 5.771   -8.200  1.00 30.09 ? 76  GLU A OE2 1 
ATOM   609  N N   . CYS A 1 79  ? -6.214  3.093   -10.273 1.00 13.58 ? 77  CYS A N   1 
ATOM   610  C CA  . CYS A 1 79  ? -5.017  2.986   -11.098 1.00 13.54 ? 77  CYS A CA  1 
ATOM   611  C C   . CYS A 1 79  ? -4.940  1.607   -11.744 1.00 14.21 ? 77  CYS A C   1 
ATOM   612  O O   . CYS A 1 79  ? -4.750  1.492   -12.965 1.00 15.07 ? 77  CYS A O   1 
ATOM   613  C CB  . CYS A 1 79  ? -3.785  3.291   -10.236 1.00 14.30 ? 77  CYS A CB  1 
ATOM   614  S SG  . CYS A 1 79  ? -2.186  2.869   -10.930 1.00 15.64 ? 77  CYS A SG  1 
ATOM   615  N N   . ARG A 1 80  ? -5.144  0.553   -10.958 1.00 14.76 ? 78  ARG A N   1 
ATOM   616  C CA  . ARG A 1 80  ? -5.043  -0.805  -11.480 1.00 14.88 ? 78  ARG A CA  1 
ATOM   617  C C   . ARG A 1 80  ? -6.135  -1.110  -12.503 1.00 20.86 ? 78  ARG A C   1 
ATOM   618  O O   . ARG A 1 80  ? -5.887  -1.842  -13.472 1.00 21.06 ? 78  ARG A O   1 
ATOM   619  C CB  . ARG A 1 80  ? -5.068  -1.817  -10.329 1.00 16.09 ? 78  ARG A CB  1 
ATOM   620  C CG  . ARG A 1 80  ? -3.900  -1.695  -9.358  1.00 15.29 ? 78  ARG A CG  1 
ATOM   621  C CD  . ARG A 1 80  ? -3.925  -2.799  -8.319  1.00 15.62 ? 78  ARG A CD  1 
ATOM   622  N NE  . ARG A 1 80  ? -3.686  -4.077  -8.977  1.00 16.76 ? 78  ARG A NE  1 
ATOM   623  C CZ  . ARG A 1 80  ? -4.600  -5.016  -9.174  1.00 17.17 ? 78  ARG A CZ  1 
ATOM   624  N NH1 . ARG A 1 80  ? -5.837  -4.856  -8.724  1.00 18.02 ? 78  ARG A NH1 1 
ATOM   625  N NH2 . ARG A 1 80  ? -4.261  -6.125  -9.827  1.00 18.86 ? 78  ARG A NH2 1 
ATOM   626  N N   . LEU A 1 81  ? -7.339  -0.562  -12.324 1.00 20.67 ? 79  LEU A N   1 
ATOM   627  C CA  . LEU A 1 81  ? -8.411  -0.823  -13.286 1.00 17.64 ? 79  LEU A CA  1 
ATOM   628  C C   . LEU A 1 81  ? -8.103  -0.252  -14.666 1.00 24.37 ? 79  LEU A C   1 
ATOM   629  O O   . LEU A 1 81  ? -8.548  -0.813  -15.675 1.00 26.47 ? 79  LEU A O   1 
ATOM   630  C CB  . LEU A 1 81  ? -9.748  -0.289  -12.765 1.00 20.38 ? 79  LEU A CB  1 
ATOM   631  C CG  . LEU A 1 81  ? -10.355 -1.059  -11.586 1.00 23.14 ? 79  LEU A CG  1 
ATOM   632  C CD1 . LEU A 1 81  ? -11.708 -0.478  -11.209 1.00 23.59 ? 79  LEU A CD1 1 
ATOM   633  C CD2 . LEU A 1 81  ? -10.488 -2.543  -11.884 1.00 24.30 ? 79  LEU A CD2 1 
ATOM   634  N N   . ARG A 1 82  ? -7.363  0.855   -14.749 1.00 22.87 ? 80  ARG A N   1 
ATOM   635  C CA  . ARG A 1 82  ? -6.960  1.361   -16.060 1.00 24.15 ? 80  ARG A CA  1 
ATOM   636  C C   . ARG A 1 82  ? -5.637  0.777   -16.557 1.00 23.24 ? 80  ARG A C   1 
ATOM   637  O O   . ARG A 1 82  ? -5.049  1.313   -17.508 1.00 24.57 ? 80  ARG A O   1 
ATOM   638  C CB  . ARG A 1 82  ? -7.040  2.890   -16.162 1.00 30.50 ? 80  ARG A CB  1 
ATOM   639  C CG  . ARG A 1 82  ? -6.241  3.720   -15.178 1.00 26.19 ? 80  ARG A CG  1 
ATOM   640  C CD  . ARG A 1 82  ? -7.102  4.899   -14.723 1.00 29.86 ? 80  ARG A CD  1 
ATOM   641  N NE  . ARG A 1 82  ? -6.336  6.093   -14.364 1.00 35.03 ? 80  ARG A NE  1 
ATOM   642  C CZ  . ARG A 1 82  ? -6.839  7.118   -13.676 1.00 36.29 ? 80  ARG A CZ  1 
ATOM   643  N NH1 . ARG A 1 82  ? -6.082  8.170   -13.390 1.00 38.12 ? 80  ARG A NH1 1 
ATOM   644  N NH2 . ARG A 1 82  ? -8.103  7.089   -13.269 1.00 38.40 ? 80  ARG A NH2 1 
ATOM   645  N N   . GLY A 1 83  ? -5.196  -0.339  -15.976 1.00 24.46 ? 81  GLY A N   1 
ATOM   646  C CA  . GLY A 1 83  ? -4.022  -1.059  -16.430 1.00 22.92 ? 81  GLY A CA  1 
ATOM   647  C C   . GLY A 1 83  ? -2.698  -0.433  -16.059 1.00 26.10 ? 81  GLY A C   1 
ATOM   648  O O   . GLY A 1 83  ? -1.658  -0.867  -16.574 1.00 23.88 ? 81  GLY A O   1 
ATOM   649  N N   . GLU A 1 84  ? -2.703  0.575   -15.193 1.00 19.55 ? 82  GLU A N   1 
ATOM   650  C CA  . GLU A 1 84  ? -1.503  1.286   -14.789 1.00 16.83 ? 82  GLU A CA  1 
ATOM   651  C C   . GLU A 1 84  ? -0.944  0.674   -13.504 1.00 16.53 ? 82  GLU A C   1 
ATOM   652  O O   . GLU A 1 84  ? -1.571  -0.179  -12.881 1.00 17.40 ? 82  GLU A O   1 
ATOM   653  C CB  . GLU A 1 84  ? -1.810  2.778   -14.642 1.00 18.82 ? 82  GLU A CB  1 
ATOM   654  C CG  . GLU A 1 84  ? -2.020  3.449   -16.017 1.00 21.93 ? 82  GLU A CG  1 
ATOM   655  C CD  . GLU A 1 84  ? -2.478  4.884   -15.926 1.00 29.39 ? 82  GLU A CD  1 
ATOM   656  O OE1 . GLU A 1 84  ? -2.069  5.587   -14.984 1.00 30.89 ? 82  GLU A OE1 1 
ATOM   657  O OE2 . GLU A 1 84  ? -3.253  5.317   -16.807 1.00 32.52 ? 82  GLU A OE2 1 
ATOM   658  N N   . SER A 1 85  ? 0.258   1.096   -13.118 1.00 13.94 ? 83  SER A N   1 
ATOM   659  C CA  . SER A 1 85  ? 0.918   0.548   -11.940 1.00 14.41 ? 83  SER A CA  1 
ATOM   660  C C   . SER A 1 85  ? 1.059   1.612   -10.863 1.00 11.58 ? 83  SER A C   1 
ATOM   661  O O   . SER A 1 85  ? 1.382   2.767   -11.149 1.00 12.14 ? 83  SER A O   1 
ATOM   662  C CB  . SER A 1 85  ? 2.300   -0.022  -12.271 1.00 16.58 ? 83  SER A CB  1 
ATOM   663  O OG  . SER A 1 85  ? 2.179   -1.190  -13.063 1.00 20.69 ? 83  SER A OG  1 
ATOM   664  N N   . CYS A 1 86  ? 0.827   1.189   -9.622  1.00 12.05 ? 84  CYS A N   1 
ATOM   665  C CA  . CYS A 1 86  ? 0.911   2.027   -8.432  1.00 12.36 ? 84  CYS A CA  1 
ATOM   666  C C   . CYS A 1 86  ? 2.038   1.547   -7.527  1.00 10.35 ? 84  CYS A C   1 
ATOM   667  O O   . CYS A 1 86  ? 2.152   0.347   -7.255  1.00 13.30 ? 84  CYS A O   1 
ATOM   668  C CB  . CYS A 1 86  ? -0.419  1.966   -7.669  1.00 13.59 ? 84  CYS A CB  1 
ATOM   669  S SG  . CYS A 1 86  ? -0.520  3.070   -6.251  1.00 15.28 ? 84  CYS A SG  1 
ATOM   670  N N   . LEU A 1 87  ? 2.857   2.475   -7.056  1.00 9.80  ? 85  LEU A N   1 
ATOM   671  C CA  . LEU A 1 87  ? 3.874   2.176   -6.056  1.00 8.99  ? 85  LEU A CA  1 
ATOM   672  C C   . LEU A 1 87  ? 3.378   2.766   -4.746  1.00 8.98  ? 85  LEU A C   1 
ATOM   673  O O   . LEU A 1 87  ? 3.017   3.949   -4.707  1.00 11.75 ? 85  LEU A O   1 
ATOM   674  C CB  . LEU A 1 87  ? 5.210   2.834   -6.410  1.00 10.48 ? 85  LEU A CB  1 
ATOM   675  C CG  . LEU A 1 87  ? 6.293   2.867   -5.326  1.00 11.38 ? 85  LEU A CG  1 
ATOM   676  C CD1 . LEU A 1 87  ? 6.832   1.464   -5.070  1.00 13.12 ? 85  LEU A CD1 1 
ATOM   677  C CD2 . LEU A 1 87  ? 7.411   3.826   -5.697  1.00 12.87 ? 85  LEU A CD2 1 
ATOM   678  N N   . VAL A 1 88  ? 3.381   1.957   -3.688  1.00 9.67  ? 86  VAL A N   1 
ATOM   679  C CA  . VAL A 1 88  ? 3.124   2.438   -2.332  1.00 9.66  ? 86  VAL A CA  1 
ATOM   680  C C   . VAL A 1 88  ? 4.454   2.392   -1.596  1.00 9.81  ? 86  VAL A C   1 
ATOM   681  O O   . VAL A 1 88  ? 5.144   1.364   -1.631  1.00 11.01 ? 86  VAL A O   1 
ATOM   682  C CB  . VAL A 1 88  ? 2.057   1.577   -1.632  1.00 9.61  ? 86  VAL A CB  1 
ATOM   683  C CG1 . VAL A 1 88  ? 1.645   2.223   -0.294  1.00 11.79 ? 86  VAL A CG1 1 
ATOM   684  C CG2 . VAL A 1 88  ? 0.857   1.415   -2.523  1.00 11.18 ? 86  VAL A CG2 1 
ATOM   685  N N   . HIS A 1 89  ? 4.857   3.498   -0.965  1.00 9.16  ? 87  HIS A N   1 
ATOM   686  C CA  . HIS A 1 89  ? 6.142   3.471   -0.275  1.00 10.78 ? 87  HIS A CA  1 
ATOM   687  C C   . HIS A 1 89  ? 6.095   4.308   0.996   1.00 11.78 ? 87  HIS A C   1 
ATOM   688  O O   . HIS A 1 89  ? 5.297   5.235   1.133   1.00 10.35 ? 87  HIS A O   1 
ATOM   689  C CB  . HIS A 1 89  ? 7.276   3.993   -1.172  1.00 11.69 ? 87  HIS A CB  1 
ATOM   690  C CG  . HIS A 1 89  ? 7.323   5.483   -1.244  1.00 12.61 ? 87  HIS A CG  1 
ATOM   691  N ND1 . HIS A 1 89  ? 8.073   6.255   -0.382  1.00 13.64 ? 87  HIS A ND1 1 
ATOM   692  C CD2 . HIS A 1 89  ? 6.655   6.351   -2.037  1.00 13.03 ? 87  HIS A CD2 1 
ATOM   693  C CE1 . HIS A 1 89  ? 7.892   7.532   -0.664  1.00 14.00 ? 87  HIS A CE1 1 
ATOM   694  N NE2 . HIS A 1 89  ? 7.040   7.616   -1.667  1.00 14.50 ? 87  HIS A NE2 1 
ATOM   695  N N   . CYS A 1 90  ? 6.996   3.983   1.918   1.00 11.73 ? 88  CYS A N   1 
ATOM   696  C CA  . CYS A 1 90  ? 7.278   4.843   3.065   1.00 12.46 ? 88  CYS A CA  1 
ATOM   697  C C   . CYS A 1 90  ? 8.778   5.088   3.052   1.00 13.63 ? 88  CYS A C   1 
ATOM   698  O O   . CYS A 1 90  ? 9.370   5.136   1.976   1.00 15.52 ? 88  CYS A O   1 
ATOM   699  C CB  . CYS A 1 90  ? 6.761   4.239   4.384   1.00 14.52 ? 88  CYS A CB  1 
ATOM   700  S SG  . CYS A 1 90  ? 7.164   2.486   4.676   1.00 14.00 ? 88  CYS A SG  1 
ATOM   701  N N   . LEU A 1 91  ? 9.424   5.223   4.208   1.00 14.03 ? 89  LEU A N   1 
ATOM   702  C CA  . LEU A 1 91  ? 10.873  5.347   4.191   1.00 14.79 ? 89  LEU A CA  1 
ATOM   703  C C   . LEU A 1 91  ? 11.526  4.016   3.825   1.00 13.38 ? 89  LEU A C   1 
ATOM   704  O O   . LEU A 1 91  ? 12.374  3.950   2.926   1.00 13.10 ? 89  LEU A O   1 
ATOM   705  C CB  . LEU A 1 91  ? 11.363  5.863   5.553   1.00 14.58 ? 89  LEU A CB  1 
ATOM   706  C CG  . LEU A 1 91  ? 12.853  6.191   5.631   1.00 19.38 ? 89  LEU A CG  1 
ATOM   707  C CD1 . LEU A 1 91  ? 13.152  7.526   4.968   1.00 21.90 ? 89  LEU A CD1 1 
ATOM   708  C CD2 . LEU A 1 91  ? 13.337  6.178   7.088   1.00 23.80 ? 89  LEU A CD2 1 
ATOM   709  N N   . ALA A 1 92  ? 11.123  2.936   4.507   1.00 12.98 ? 90  ALA A N   1 
ATOM   710  C CA  . ALA A 1 92  ? 11.745  1.624   4.356   1.00 11.42 ? 90  ALA A CA  1 
ATOM   711  C C   . ALA A 1 92  ? 10.920  0.628   3.549   1.00 11.99 ? 90  ALA A C   1 
ATOM   712  O O   . ALA A 1 92  ? 11.478  -0.370  3.082   1.00 13.69 ? 90  ALA A O   1 
ATOM   713  C CB  . ALA A 1 92  ? 12.083  1.026   5.730   1.00 13.20 ? 90  ALA A CB  1 
ATOM   714  N N   . GLY A 1 93  ? 9.637   0.881   3.338   1.00 11.29 ? 91  GLY A N   1 
ATOM   715  C CA  . GLY A 1 93  ? 8.788   -0.106  2.681   1.00 12.80 ? 91  GLY A CA  1 
ATOM   716  C C   . GLY A 1 93  ? 8.497   -1.340  3.514   1.00 13.17 ? 91  GLY A C   1 
ATOM   717  O O   . GLY A 1 93  ? 8.337   -2.437  2.966   1.00 13.19 ? 91  GLY A O   1 
ATOM   718  N N   . VAL A 1 94  ? 8.429   -1.195  4.833   1.00 11.91 ? 92  VAL A N   1 
ATOM   719  C CA  . VAL A 1 94  ? 8.255   -2.323  5.738   1.00 14.59 ? 92  VAL A CA  1 
ATOM   720  C C   . VAL A 1 94  ? 6.946   -2.251  6.516   1.00 12.08 ? 92  VAL A C   1 
ATOM   721  O O   . VAL A 1 94  ? 6.304   -3.285  6.759   1.00 12.95 ? 92  VAL A O   1 
ATOM   722  C CB  . VAL A 1 94  ? 9.466   -2.453  6.697   1.00 18.14 ? 92  VAL A CB  1 
ATOM   723  C CG1 . VAL A 1 94  ? 9.205   -3.477  7.785   1.00 17.84 ? 92  VAL A CG1 1 
ATOM   724  C CG2 . VAL A 1 94  ? 10.737  -2.805  5.913   1.00 16.51 ? 92  VAL A CG2 1 
ATOM   725  N N   . SER A 1 95  ? 6.500   -1.048  6.897   1.00 12.12 ? 93  SER A N   1 
ATOM   726  C CA  . SER A 1 95  ? 5.446   -0.973  7.895   1.00 14.20 ? 93  SER A CA  1 
ATOM   727  C C   . SER A 1 95  ? 4.253   -0.137  7.423   1.00 12.43 ? 93  SER A C   1 
ATOM   728  O O   . SER A 1 95  ? 3.166   -0.686  7.212   1.00 13.71 ? 93  SER A O   1 
ATOM   729  C CB  . SER A 1 95  ? 6.057   -0.476  9.206   1.00 16.14 ? 93  SER A CB  1 
ATOM   730  O OG  . SER A 1 95  ? 5.084   -0.372  10.210  1.00 16.67 ? 93  SER A OG  1 
ATOM   731  N N   . ARG A 1 96  ? 4.432   1.172   7.245   1.00 11.72 ? 94  ARG A N   1 
ATOM   732  C CA  . ARG A 1 96  ? 3.304   2.024   6.860   1.00 12.02 ? 94  ARG A CA  1 
ATOM   733  C C   . ARG A 1 96  ? 2.743   1.637   5.493   1.00 12.50 ? 94  ARG A C   1 
ATOM   734  O O   . ARG A 1 96  ? 1.528   1.469   5.325   1.00 12.41 ? 94  ARG A O   1 
ATOM   735  C CB  . ARG A 1 96  ? 3.746   3.484   6.839   1.00 14.27 ? 94  ARG A CB  1 
ATOM   736  C CG  . ARG A 1 96  ? 3.838   4.153   8.228   1.00 13.60 ? 94  ARG A CG  1 
ATOM   737  C CD  . ARG A 1 96  ? 4.554   5.507   8.112   1.00 17.50 ? 94  ARG A CD  1 
ATOM   738  N NE  . ARG A 1 96  ? 5.990   5.334   7.948   1.00 16.11 ? 94  ARG A NE  1 
ATOM   739  C CZ  . ARG A 1 96  ? 6.896   6.287   8.141   1.00 17.52 ? 94  ARG A CZ  1 
ATOM   740  N NH1 . ARG A 1 96  ? 6.503   7.503   8.514   1.00 21.57 ? 94  ARG A NH1 1 
ATOM   741  N NH2 . ARG A 1 96  ? 8.187   6.023   7.978   1.00 19.95 ? 94  ARG A NH2 1 
ATOM   742  N N   . SER A 1 97  ? 3.621   1.534   4.491   1.00 11.11 ? 95  SER A N   1 
ATOM   743  C CA  . SER A 1 97  ? 3.164   1.217   3.139   1.00 11.27 ? 95  SER A CA  1 
ATOM   744  C C   . SER A 1 97  ? 2.571   -0.182  3.084   1.00 10.76 ? 95  SER A C   1 
ATOM   745  O O   . SER A 1 97  ? 1.558   -0.416  2.417   1.00 11.89 ? 95  SER A O   1 
ATOM   746  C CB  . SER A 1 97  ? 4.345   1.340   2.176   1.00 12.79 ? 95  SER A CB  1 
ATOM   747  O OG  . SER A 1 97  ? 5.458   0.633   2.693   1.00 12.61 ? 95  SER A OG  1 
ATOM   748  N N   . VAL A 1 98  ? 3.207   -1.124  3.776   1.00 12.03 ? 96  VAL A N   1 
ATOM   749  C CA  . VAL A 1 98  ? 2.734   -2.497  3.815   1.00 10.80 ? 96  VAL A CA  1 
ATOM   750  C C   . VAL A 1 98  ? 1.335   -2.577  4.398   1.00 12.39 ? 96  VAL A C   1 
ATOM   751  O O   . VAL A 1 98  ? 0.499   -3.346  3.917   1.00 11.48 ? 96  VAL A O   1 
ATOM   752  C CB  . VAL A 1 98  ? 3.757   -3.371  4.570   1.00 11.01 ? 96  VAL A CB  1 
ATOM   753  C CG1 . VAL A 1 98  ? 3.185   -4.726  4.924   1.00 11.95 ? 96  VAL A CG1 1 
ATOM   754  C CG2 . VAL A 1 98  ? 5.051   -3.518  3.734   1.00 11.67 ? 96  VAL A CG2 1 
ATOM   755  N N   . THR A 1 99  ? 1.052   -1.779  5.439   1.00 12.13 ? 97  THR A N   1 
ATOM   756  C CA  . THR A 1 99  ? -0.265  -1.830  6.080   1.00 11.32 ? 97  THR A CA  1 
ATOM   757  C C   . THR A 1 99  ? -1.361  -1.410  5.105   1.00 12.49 ? 97  THR A C   1 
ATOM   758  O O   . THR A 1 99  ? -2.407  -2.060  5.011   1.00 11.33 ? 97  THR A O   1 
ATOM   759  C CB  . THR A 1 99  ? -0.249  -0.940  7.321   1.00 13.45 ? 97  THR A CB  1 
ATOM   760  O OG1 . THR A 1 99  ? 0.682   -1.485  8.270   1.00 13.32 ? 97  THR A OG1 1 
ATOM   761  C CG2 . THR A 1 99  ? -1.626  -0.857  7.964   1.00 14.51 ? 97  THR A CG2 1 
ATOM   762  N N   . LEU A 1 100 ? -1.109  -0.350  4.329   1.00 11.23 ? 98  LEU A N   1 
ATOM   763  C CA  . LEU A 1 100 ? -2.100  0.078   3.343   1.00 10.59 ? 98  LEU A CA  1 
ATOM   764  C C   . LEU A 1 100 ? -2.299  -0.980  2.267   1.00 10.84 ? 98  LEU A C   1 
ATOM   765  O O   . LEU A 1 100 ? -3.426  -1.231  1.832   1.00 10.68 ? 98  LEU A O   1 
ATOM   766  C CB  . LEU A 1 100 ? -1.698  1.418   2.724   1.00 11.66 ? 98  LEU A CB  1 
ATOM   767  C CG  . LEU A 1 100 ? -1.558  2.609   3.678   1.00 12.91 ? 98  LEU A CG  1 
ATOM   768  C CD1 . LEU A 1 100 ? -1.240  3.848   2.869   1.00 13.83 ? 98  LEU A CD1 1 
ATOM   769  C CD2 . LEU A 1 100 ? -2.837  2.817   4.465   1.00 13.15 ? 98  LEU A CD2 1 
ATOM   770  N N   . VAL A 1 101 ? -1.216  -1.618  1.823   1.00 10.14 ? 99  VAL A N   1 
ATOM   771  C CA  . VAL A 1 101 ? -1.344  -2.651  0.799   1.00 10.82 ? 99  VAL A CA  1 
ATOM   772  C C   . VAL A 1 101 ? -2.083  -3.881  1.337   1.00 10.02 ? 99  VAL A C   1 
ATOM   773  O O   . VAL A 1 101 ? -2.883  -4.499  0.628   1.00 10.07 ? 99  VAL A O   1 
ATOM   774  C CB  . VAL A 1 101 ? 0.037   -2.976  0.198   1.00 8.95  ? 99  VAL A CB  1 
ATOM   775  C CG1 . VAL A 1 101 ? -0.041  -4.248  -0.656  1.00 11.13 ? 99  VAL A CG1 1 
ATOM   776  C CG2 . VAL A 1 101 ? 0.605   -1.778  -0.627  1.00 11.56 ? 99  VAL A CG2 1 
ATOM   777  N N   . ILE A 1 102 ? -1.836  -4.241  2.601   1.00 9.79  ? 100 ILE A N   1 
ATOM   778  C CA  . ILE A 1 102 ? -2.596  -5.334  3.205   1.00 10.11 ? 100 ILE A CA  1 
ATOM   779  C C   . ILE A 1 102 ? -4.090  -5.018  3.179   1.00 10.33 ? 100 ILE A C   1 
ATOM   780  O O   . ILE A 1 102 ? -4.913  -5.872  2.831   1.00 10.63 ? 100 ILE A O   1 
ATOM   781  C CB  . ILE A 1 102 ? -2.082  -5.628  4.627   1.00 10.30 ? 100 ILE A CB  1 
ATOM   782  C CG1 . ILE A 1 102 ? -0.711  -6.289  4.570   1.00 12.27 ? 100 ILE A CG1 1 
ATOM   783  C CG2 . ILE A 1 102 ? -3.083  -6.529  5.374   1.00 13.02 ? 100 ILE A CG2 1 
ATOM   784  C CD1 . ILE A 1 102 ? -0.007  -6.333  5.956   1.00 13.83 ? 100 ILE A CD1 1 
ATOM   785  N N   . ALA A 1 103 ? -4.470  -3.791  3.557   1.00 11.32 ? 101 ALA A N   1 
ATOM   786  C CA  . ALA A 1 103 ? -5.892  -3.459  3.560   1.00 12.33 ? 101 ALA A CA  1 
ATOM   787  C C   . ALA A 1 103 ? -6.475  -3.568  2.159   1.00 10.49 ? 101 ALA A C   1 
ATOM   788  O O   . ALA A 1 103 ? -7.606  -4.041  1.979   1.00 11.53 ? 101 ALA A O   1 
ATOM   789  C CB  . ALA A 1 103 ? -6.117  -2.066  4.143   1.00 13.79 ? 101 ALA A CB  1 
ATOM   790  N N   . TYR A 1 104 ? -5.701  -3.158  1.148   1.00 10.49 ? 102 TYR A N   1 
ATOM   791  C CA  . TYR A 1 104 ? -6.145  -3.300  -0.238  1.00 10.19 ? 102 TYR A CA  1 
ATOM   792  C C   . TYR A 1 104 ? -6.366  -4.763  -0.593  1.00 8.90  ? 102 TYR A C   1 
ATOM   793  O O   . TYR A 1 104 ? -7.410  -5.138  -1.138  1.00 10.21 ? 102 TYR A O   1 
ATOM   794  C CB  . TYR A 1 104 ? -5.105  -2.685  -1.197  1.00 10.17 ? 102 TYR A CB  1 
ATOM   795  C CG  . TYR A 1 104 ? -5.546  -2.792  -2.655  1.00 10.11 ? 102 TYR A CG  1 
ATOM   796  C CD1 . TYR A 1 104 ? -6.536  -1.957  -3.160  1.00 12.10 ? 102 TYR A CD1 1 
ATOM   797  C CD2 . TYR A 1 104 ? -5.025  -3.785  -3.484  1.00 11.30 ? 102 TYR A CD2 1 
ATOM   798  C CE1 . TYR A 1 104 ? -6.974  -2.095  -4.480  1.00 12.07 ? 102 TYR A CE1 1 
ATOM   799  C CE2 . TYR A 1 104 ? -5.453  -3.925  -4.806  1.00 11.62 ? 102 TYR A CE2 1 
ATOM   800  C CZ  . TYR A 1 104 ? -6.423  -3.073  -5.279  1.00 11.86 ? 102 TYR A CZ  1 
ATOM   801  O OH  . TYR A 1 104 ? -6.857  -3.197  -6.587  1.00 13.02 ? 102 TYR A OH  1 
ATOM   802  N N   . ILE A 1 105 ? -5.370  -5.608  -0.301  1.00 9.46  ? 103 ILE A N   1 
ATOM   803  C CA  . ILE A 1 105 ? -5.482  -7.027  -0.629  1.00 8.93  ? 103 ILE A CA  1 
ATOM   804  C C   . ILE A 1 105 ? -6.691  -7.643  0.054   1.00 11.38 ? 103 ILE A C   1 
ATOM   805  O O   . ILE A 1 105 ? -7.428  -8.437  -0.542  1.00 10.31 ? 103 ILE A O   1 
ATOM   806  C CB  . ILE A 1 105 ? -4.167  -7.762  -0.281  1.00 10.52 ? 103 ILE A CB  1 
ATOM   807  C CG1 . ILE A 1 105 ? -3.037  -7.283  -1.207  1.00 12.62 ? 103 ILE A CG1 1 
ATOM   808  C CG2 . ILE A 1 105 ? -4.361  -9.288  -0.369  1.00 11.41 ? 103 ILE A CG2 1 
ATOM   809  C CD1 . ILE A 1 105 ? -1.661  -7.719  -0.751  1.00 14.82 ? 103 ILE A CD1 1 
ATOM   810  N N   . MET A 1 106 ? -6.906  -7.286  1.319   1.00 9.78  ? 104 MET A N   1 
ATOM   811  C CA  . MET A 1 106 ? -8.035  -7.834  2.066   1.00 10.47 ? 104 MET A CA  1 
ATOM   812  C C   . MET A 1 106 ? -9.358  -7.473  1.408   1.00 11.94 ? 104 MET A C   1 
ATOM   813  O O   . MET A 1 106 ? -10.315 -8.260  1.451   1.00 13.64 ? 104 MET A O   1 
ATOM   814  C CB  . MET A 1 106 ? -8.028  -7.287  3.494   1.00 12.55 ? 104 MET A CB  1 
ATOM   815  C CG  . MET A 1 106 ? -6.925  -7.835  4.356   1.00 13.47 ? 104 MET A CG  1 
ATOM   816  S SD  . MET A 1 106 ? -6.825  -6.994  5.947   1.00 13.93 ? 104 MET A SD  1 
ATOM   817  C CE  . MET A 1 106 ? -8.317  -7.601  6.762   1.00 16.18 ? 104 MET A CE  1 
ATOM   818  N N   . THR A 1 107 ? -9.436  -6.277  0.820   1.00 11.16 ? 105 THR A N   1 
ATOM   819  C CA  . THR A 1 107 ? -10.662 -5.787  0.194   1.00 11.34 ? 105 THR A CA  1 
ATOM   820  C C   . THR A 1 107 ? -10.911 -6.398  -1.179  1.00 13.09 ? 105 THR A C   1 
ATOM   821  O O   . THR A 1 107 ? -12.071 -6.524  -1.571  1.00 13.21 ? 105 THR A O   1 
ATOM   822  C CB  . THR A 1 107 ? -10.586 -4.257  0.103   1.00 12.71 ? 105 THR A CB  1 
ATOM   823  O OG1 . THR A 1 107 ? -10.444 -3.706  1.424   1.00 13.92 ? 105 THR A OG1 1 
ATOM   824  C CG2 . THR A 1 107 ? -11.837 -3.673  -0.524  1.00 14.79 ? 105 THR A CG2 1 
ATOM   825  N N   . VAL A 1 108 ? -9.865  -6.774  -1.933  1.00 10.94 ? 106 VAL A N   1 
ATOM   826  C CA  . VAL A 1 108 ? -10.042 -7.328  -3.277  1.00 12.27 ? 106 VAL A CA  1 
ATOM   827  C C   . VAL A 1 108 ? -9.976  -8.849  -3.307  1.00 12.77 ? 106 VAL A C   1 
ATOM   828  O O   . VAL A 1 108 ? -10.052 -9.443  -4.394  1.00 15.85 ? 106 VAL A O   1 
ATOM   829  C CB  . VAL A 1 108 ? -9.071  -6.689  -4.291  1.00 11.28 ? 106 VAL A CB  1 
ATOM   830  C CG1 . VAL A 1 108 ? -9.223  -5.167  -4.308  1.00 13.21 ? 106 VAL A CG1 1 
ATOM   831  C CG2 . VAL A 1 108 ? -7.622  -7.111  -4.017  1.00 14.83 ? 106 VAL A CG2 1 
ATOM   832  N N   . THR A 1 109 ? -9.846  -9.497  -2.146  1.00 11.55 ? 107 THR A N   1 
ATOM   833  C CA  . THR A 1 109 ? -9.841  -10.951 -2.008  1.00 13.51 ? 107 THR A CA  1 
ATOM   834  C C   . THR A 1 109 ? -10.755 -11.282 -0.835  1.00 16.75 ? 107 THR A C   1 
ATOM   835  O O   . THR A 1 109 ? -11.389 -10.385 -0.273  1.00 17.23 ? 107 THR A O   1 
ATOM   836  C CB  . THR A 1 109 ? -8.429  -11.469 -1.672  1.00 14.27 ? 107 THR A CB  1 
ATOM   837  O OG1 . THR A 1 109 ? -8.090  -11.059 -0.345  1.00 13.49 ? 107 THR A OG1 1 
ATOM   838  C CG2 . THR A 1 109 ? -7.360  -10.989 -2.678  1.00 15.32 ? 107 THR A CG2 1 
ATOM   839  N N   . ASP A 1 110 ? -10.816 -12.553 -0.431  1.00 16.91 ? 108 ASP A N   1 
ATOM   840  C CA  . ASP A 1 110 ? -11.462 -12.919 0.823   1.00 17.71 ? 108 ASP A CA  1 
ATOM   841  C C   . ASP A 1 110 ? -10.467 -13.121 1.966   1.00 16.59 ? 108 ASP A C   1 
ATOM   842  O O   . ASP A 1 110 ? -10.803 -13.786 2.949   1.00 19.30 ? 108 ASP A O   1 
ATOM   843  C CB  . ASP A 1 110 ? -12.378 -14.135 0.650   1.00 21.29 ? 108 ASP A CB  1 
ATOM   844  C CG  . ASP A 1 110 ? -11.627 -15.404 0.281   1.00 24.74 ? 108 ASP A CG  1 
ATOM   845  O OD1 . ASP A 1 110 ? -10.383 -15.378 0.169   1.00 22.01 ? 108 ASP A OD1 1 
ATOM   846  O OD2 . ASP A 1 110 ? -12.284 -16.451 0.101   1.00 32.82 ? 108 ASP A OD2 1 
ATOM   847  N N   . PHE A 1 111 ? -9.275  -12.526 1.877   1.00 14.84 ? 109 PHE A N   1 
ATOM   848  C CA  . PHE A 1 111 ? -8.212  -12.809 2.838   1.00 14.05 ? 109 PHE A CA  1 
ATOM   849  C C   . PHE A 1 111 ? -8.375  -11.986 4.108   1.00 16.66 ? 109 PHE A C   1 
ATOM   850  O O   . PHE A 1 111 ? -8.711  -10.798 4.066   1.00 16.42 ? 109 PHE A O   1 
ATOM   851  C CB  . PHE A 1 111 ? -6.849  -12.436 2.265   1.00 13.49 ? 109 PHE A CB  1 
ATOM   852  C CG  . PHE A 1 111 ? -6.350  -13.327 1.174   1.00 14.57 ? 109 PHE A CG  1 
ATOM   853  C CD1 . PHE A 1 111 ? -7.121  -14.349 0.638   1.00 16.31 ? 109 PHE A CD1 1 
ATOM   854  C CD2 . PHE A 1 111 ? -5.081  -13.100 0.645   1.00 13.62 ? 109 PHE A CD2 1 
ATOM   855  C CE1 . PHE A 1 111 ? -6.632  -15.130 -0.401  1.00 14.78 ? 109 PHE A CE1 1 
ATOM   856  C CE2 . PHE A 1 111 ? -4.585  -13.878 -0.382  1.00 14.87 ? 109 PHE A CE2 1 
ATOM   857  C CZ  . PHE A 1 111 ? -5.361  -14.902 -0.904  1.00 15.03 ? 109 PHE A CZ  1 
ATOM   858  N N   . GLY A 1 112 ? -8.083  -12.618 5.243   1.00 16.32 ? 110 GLY A N   1 
ATOM   859  C CA  . GLY A 1 112 ? -7.802  -11.883 6.456   1.00 17.14 ? 110 GLY A CA  1 
ATOM   860  C C   . GLY A 1 112 ? -6.432  -11.230 6.367   1.00 15.25 ? 110 GLY A C   1 
ATOM   861  O O   . GLY A 1 112 ? -5.686  -11.395 5.404   1.00 14.65 ? 110 GLY A O   1 
ATOM   862  N N   . TRP A 1 113 ? -6.089  -10.481 7.417   1.00 15.01 ? 111 TRP A N   1 
ATOM   863  C CA  . TRP A 1 113 ? -4.861  -9.702  7.369   1.00 13.98 ? 111 TRP A CA  1 
ATOM   864  C C   . TRP A 1 113 ? -3.620  -10.579 7.344   1.00 15.01 ? 111 TRP A C   1 
ATOM   865  O O   . TRP A 1 113 ? -2.619  -10.195 6.734   1.00 14.66 ? 111 TRP A O   1 
ATOM   866  C CB  . TRP A 1 113 ? -4.804  -8.642  8.466   1.00 16.75 ? 111 TRP A CB  1 
ATOM   867  C CG  . TRP A 1 113 ? -4.364  -9.132  9.811   1.00 18.39 ? 111 TRP A CG  1 
ATOM   868  C CD1 . TRP A 1 113 ? -5.174  -9.610  10.809  1.00 20.59 ? 111 TRP A CD1 1 
ATOM   869  C CD2 . TRP A 1 113 ? -3.027  -9.142  10.342  1.00 18.95 ? 111 TRP A CD2 1 
ATOM   870  N NE1 . TRP A 1 113 ? -4.419  -9.942  11.906  1.00 23.59 ? 111 TRP A NE1 1 
ATOM   871  C CE2 . TRP A 1 113 ? -3.103  -9.668  11.648  1.00 22.68 ? 111 TRP A CE2 1 
ATOM   872  C CE3 . TRP A 1 113 ? -1.774  -8.782  9.832   1.00 21.94 ? 111 TRP A CE3 1 
ATOM   873  C CZ2 . TRP A 1 113 ? -1.978  -9.834  12.455  1.00 23.55 ? 111 TRP A CZ2 1 
ATOM   874  C CZ3 . TRP A 1 113 ? -0.653  -8.947  10.641  1.00 23.16 ? 111 TRP A CZ3 1 
ATOM   875  C CH2 . TRP A 1 113 ? -0.769  -9.469  11.936  1.00 24.35 ? 111 TRP A CH2 1 
ATOM   876  N N   . GLU A 1 114 ? -3.653  -11.747 7.986   1.00 17.03 ? 112 GLU A N   1 
ATOM   877  C CA  . GLU A 1 114 ? -2.453  -12.572 8.007   1.00 16.94 ? 112 GLU A CA  1 
ATOM   878  C C   . GLU A 1 114 ? -2.184  -13.192 6.644   1.00 15.13 ? 112 GLU A C   1 
ATOM   879  O O   . GLU A 1 114 ? -1.034  -13.257 6.210   1.00 14.32 ? 112 GLU A O   1 
ATOM   880  C CB  . GLU A 1 114 ? -2.517  -13.601 9.136   1.00 19.49 ? 112 GLU A CB  1 
ATOM   881  C CG  . GLU A 1 114 ? -2.449  -12.921 10.503  1.00 24.76 ? 112 GLU A CG  1 
ATOM   882  C CD  . GLU A 1 114 ? -2.128  -13.868 11.633  1.00 32.48 ? 112 GLU A CD  1 
ATOM   883  O OE1 . GLU A 1 114 ? -3.078  -14.394 12.243  1.00 33.21 ? 112 GLU A OE1 1 
ATOM   884  O OE2 . GLU A 1 114 ? -0.927  -14.070 11.911  1.00 35.71 ? 112 GLU A OE2 1 
ATOM   885  N N   . ASP A 1 115 ? -3.228  -13.635 5.939   1.00 14.97 ? 113 ASP A N   1 
ATOM   886  C CA  . ASP A 1 115 ? -3.024  -14.135 4.583   1.00 16.55 ? 113 ASP A CA  1 
ATOM   887  C C   . ASP A 1 115 ? -2.621  -13.015 3.624   1.00 13.78 ? 113 ASP A C   1 
ATOM   888  O O   . ASP A 1 115 ? -1.848  -13.249 2.689   1.00 13.16 ? 113 ASP A O   1 
ATOM   889  C CB  . ASP A 1 115 ? -4.283  -14.845 4.076   1.00 15.93 ? 113 ASP A CB  1 
ATOM   890  C CG  . ASP A 1 115 ? -4.441  -16.253 4.646   1.00 20.93 ? 113 ASP A CG  1 
ATOM   891  O OD1 . ASP A 1 115 ? -3.435  -16.846 5.083   1.00 21.31 ? 113 ASP A OD1 1 
ATOM   892  O OD2 . ASP A 1 115 ? -5.575  -16.774 4.634   1.00 22.25 ? 113 ASP A OD2 1 
ATOM   893  N N   . ALA A 1 116 ? -3.135  -11.802 3.843   1.00 12.03 ? 114 ALA A N   1 
ATOM   894  C CA  . ALA A 1 116 ? -2.693  -10.668 3.035   1.00 12.61 ? 114 ALA A CA  1 
ATOM   895  C C   . ALA A 1 116 ? -1.228  -10.345 3.300   1.00 11.90 ? 114 ALA A C   1 
ATOM   896  O O   . ALA A 1 116 ? -0.453  -10.088 2.371   1.00 10.73 ? 114 ALA A O   1 
ATOM   897  C CB  . ALA A 1 116 ? -3.585  -9.461  3.314   1.00 12.70 ? 114 ALA A CB  1 
ATOM   898  N N   . LEU A 1 117 ? -0.813  -10.386 4.562   1.00 13.01 ? 115 LEU A N   1 
ATOM   899  C CA  . LEU A 1 117 ? 0.593   -10.168 4.871   1.00 14.74 ? 115 LEU A CA  1 
ATOM   900  C C   . LEU A 1 117 ? 1.471   -11.243 4.242   1.00 13.85 ? 115 LEU A C   1 
ATOM   901  O O   . LEU A 1 117 ? 2.549   -10.941 3.714   1.00 14.04 ? 115 LEU A O   1 
ATOM   902  C CB  . LEU A 1 117 ? 0.774   -10.109 6.392   1.00 14.20 ? 115 LEU A CB  1 
ATOM   903  C CG  . LEU A 1 117 ? 2.226   -10.020 6.902   1.00 16.88 ? 115 LEU A CG  1 
ATOM   904  C CD1 . LEU A 1 117 ? 2.976   -8.797  6.347   1.00 16.15 ? 115 LEU A CD1 1 
ATOM   905  C CD2 . LEU A 1 117 ? 2.238   -10.038 8.436   1.00 18.29 ? 115 LEU A CD2 1 
ATOM   906  N N   . HIS A 1 118 ? 0.998   -12.498 4.233   1.00 13.48 ? 116 HIS A N   1 
ATOM   907  C CA  . HIS A 1 118 ? 1.745   -13.555 3.561   1.00 14.56 ? 116 HIS A CA  1 
ATOM   908  C C   . HIS A 1 118 ? 1.937   -13.231 2.085   1.00 13.25 ? 116 HIS A C   1 
ATOM   909  O O   . HIS A 1 118 ? 3.014   -13.447 1.519   1.00 14.89 ? 116 HIS A O   1 
ATOM   910  C CB  . HIS A 1 118 ? 1.019   -14.892 3.733   1.00 16.07 ? 116 HIS A CB  1 
ATOM   911  C CG  . HIS A 1 118 ? 1.712   -16.032 3.061   1.00 18.38 ? 116 HIS A CG  1 
ATOM   912  N ND1 . HIS A 1 118 ? 2.791   -16.678 3.627   1.00 24.67 ? 116 HIS A ND1 1 
ATOM   913  C CD2 . HIS A 1 118 ? 1.503   -16.627 1.862   1.00 18.14 ? 116 HIS A CD2 1 
ATOM   914  C CE1 . HIS A 1 118 ? 3.199   -17.638 2.814   1.00 27.95 ? 116 HIS A CE1 1 
ATOM   915  N NE2 . HIS A 1 118 ? 2.435   -17.627 1.736   1.00 24.84 ? 116 HIS A NE2 1 
ATOM   916  N N   . THR A 1 119 ? 0.889   -12.703 1.449   1.00 13.77 ? 117 THR A N   1 
ATOM   917  C CA  . THR A 1 119 ? 0.966   -12.297 0.053   1.00 13.81 ? 117 THR A CA  1 
ATOM   918  C C   . THR A 1 119 ? 2.008   -11.208 -0.142  1.00 11.60 ? 117 THR A C   1 
ATOM   919  O O   . THR A 1 119 ? 2.808   -11.269 -1.083  1.00 12.88 ? 117 THR A O   1 
ATOM   920  C CB  . THR A 1 119 ? -0.417  -11.801 -0.389  1.00 13.43 ? 117 THR A CB  1 
ATOM   921  O OG1 . THR A 1 119 ? -1.380  -12.852 -0.221  1.00 14.95 ? 117 THR A OG1 1 
ATOM   922  C CG2 . THR A 1 119 ? -0.403  -11.343 -1.840  1.00 14.01 ? 117 THR A CG2 1 
ATOM   923  N N   . VAL A 1 120 ? 2.023   -10.207 0.743   1.00 10.67 ? 118 VAL A N   1 
ATOM   924  C CA  . VAL A 1 120 ? 3.014   -9.139  0.625   1.00 11.72 ? 118 VAL A CA  1 
ATOM   925  C C   . VAL A 1 120 ? 4.427   -9.697  0.796   1.00 12.13 ? 118 VAL A C   1 
ATOM   926  O O   . VAL A 1 120 ? 5.340   -9.372  0.028   1.00 13.12 ? 118 VAL A O   1 
ATOM   927  C CB  . VAL A 1 120 ? 2.730   -7.997  1.615   1.00 12.67 ? 118 VAL A CB  1 
ATOM   928  C CG1 . VAL A 1 120 ? 3.850   -6.955  1.491   1.00 12.80 ? 118 VAL A CG1 1 
ATOM   929  C CG2 . VAL A 1 120 ? 1.395   -7.352  1.321   1.00 11.85 ? 118 VAL A CG2 1 
ATOM   930  N N   . ARG A 1 121 ? 4.623   -10.551 1.811   1.00 14.22 ? 119 ARG A N   1 
ATOM   931  C CA  . ARG A 1 121 ? 5.953   -11.097 2.098   1.00 15.33 ? 119 ARG A CA  1 
ATOM   932  C C   . ARG A 1 121 ? 6.477   -12.018 1.009   1.00 16.64 ? 119 ARG A C   1 
ATOM   933  O O   . ARG A 1 121 ? 7.696   -12.154 0.862   1.00 17.79 ? 119 ARG A O   1 
ATOM   934  C CB  . ARG A 1 121 ? 5.934   -11.839 3.432   1.00 16.73 ? 119 ARG A CB  1 
ATOM   935  C CG  . ARG A 1 121 ? 5.991   -10.922 4.615   1.00 17.11 ? 119 ARG A CG  1 
ATOM   936  C CD  . ARG A 1 121 ? 5.942   -11.698 5.914   1.00 19.84 ? 119 ARG A CD  1 
ATOM   937  N NE  . ARG A 1 121 ? 6.128   -10.811 7.049   1.00 24.44 ? 119 ARG A NE  1 
ATOM   938  C CZ  . ARG A 1 121 ? 5.757   -11.100 8.290   1.00 23.60 ? 119 ARG A CZ  1 
ATOM   939  N NH1 . ARG A 1 121 ? 5.190   -12.273 8.568   1.00 25.29 ? 119 ARG A NH1 1 
ATOM   940  N NH2 . ARG A 1 121 ? 5.965   -10.218 9.259   1.00 27.09 ? 119 ARG A NH2 1 
ATOM   941  N N   . ALA A 1 122 ? 5.598   -12.637 0.226   1.00 14.10 ? 120 ALA A N   1 
ATOM   942  C CA  . ALA A 1 122 ? 6.059   -13.432 -0.904  1.00 18.37 ? 120 ALA A CA  1 
ATOM   943  C C   . ALA A 1 122 ? 6.744   -12.559 -1.942  1.00 17.17 ? 120 ALA A C   1 
ATOM   944  O O   . ALA A 1 122 ? 7.626   -13.032 -2.665  1.00 21.92 ? 120 ALA A O   1 
ATOM   945  C CB  . ALA A 1 122 ? 4.883   -14.194 -1.521  1.00 18.70 ? 120 ALA A CB  1 
ATOM   946  N N   . GLY A 1 123 ? 6.367   -11.282 -2.031  1.00 15.80 ? 121 GLY A N   1 
ATOM   947  C CA  . GLY A 1 123 ? 7.024   -10.394 -2.971  1.00 16.22 ? 121 GLY A CA  1 
ATOM   948  C C   . GLY A 1 123 ? 8.084   -9.525  -2.330  1.00 16.50 ? 121 GLY A C   1 
ATOM   949  O O   . GLY A 1 123 ? 9.050   -9.141  -2.989  1.00 17.45 ? 121 GLY A O   1 
ATOM   950  N N   . ARG A 1 124 ? 7.918   -9.222  -1.039  1.00 15.54 ? 122 ARG A N   1 
ATOM   951  C CA  . ARG A 1 124 ? 8.797   -8.289  -0.325  1.00 15.10 ? 122 ARG A CA  1 
ATOM   952  C C   . ARG A 1 124 ? 9.028   -8.853  1.072   1.00 17.19 ? 122 ARG A C   1 
ATOM   953  O O   . ARG A 1 124 ? 8.232   -8.618  1.984   1.00 15.01 ? 122 ARG A O   1 
ATOM   954  C CB  . ARG A 1 124 ? 8.199   -6.894  -0.271  1.00 14.24 ? 122 ARG A CB  1 
ATOM   955  C CG  . ARG A 1 124 ? 9.059   -5.890  0.483   1.00 17.19 ? 122 ARG A CG  1 
ATOM   956  C CD  . ARG A 1 124 ? 8.693   -4.492  0.035   1.00 15.51 ? 122 ARG A CD  1 
ATOM   957  N NE  . ARG A 1 124 ? 9.521   -3.449  0.631   1.00 13.09 ? 122 ARG A NE  1 
ATOM   958  C CZ  . ARG A 1 124 ? 10.606  -2.948  0.055   1.00 12.84 ? 122 ARG A CZ  1 
ATOM   959  N NH1 . ARG A 1 124 ? 11.015  -3.395  -1.134  1.00 14.30 ? 122 ARG A NH1 1 
ATOM   960  N NH2 . ARG A 1 124 ? 11.292  -1.981  0.672   1.00 13.67 ? 122 ARG A NH2 1 
ATOM   961  N N   . SER A 1 125 ? 10.128  -9.605  1.212   1.00 22.50 ? 123 SER A N   1 
ATOM   962  C CA  . SER A 1 125 ? 10.358  -10.405 2.409   1.00 20.30 ? 123 SER A CA  1 
ATOM   963  C C   . SER A 1 125 ? 10.432  -9.556  3.671   1.00 23.91 ? 123 SER A C   1 
ATOM   964  O O   . SER A 1 125 ? 10.065  -10.031 4.752   1.00 25.76 ? 123 SER A O   1 
ATOM   965  C CB  . SER A 1 125 ? 11.647  -11.213 2.247   1.00 28.12 ? 123 SER A CB  1 
ATOM   966  O OG  . SER A 1 125 ? 11.799  -11.635 0.903   1.00 33.04 ? 123 SER A OG  1 
ATOM   967  N N   . CYS A 1 126 ? 10.891  -8.298  3.559   1.00 19.05 ? 124 CYS A N   1 
ATOM   968  C CA  . CYS A 1 126 ? 11.050  -7.481  4.762   1.00 21.21 ? 124 CYS A CA  1 
ATOM   969  C C   . CYS A 1 126 ? 9.736   -6.964  5.324   1.00 19.43 ? 124 CYS A C   1 
ATOM   970  O O   . CYS A 1 126 ? 9.767   -6.322  6.376   1.00 22.06 ? 124 CYS A O   1 
ATOM   971  C CB  . CYS A 1 126 ? 11.976  -6.276  4.536   1.00 17.79 ? 124 CYS A CB  1 
ATOM   972  S SG  . CYS A 1 126 ? 11.476  -5.189  3.171   1.00 21.67 ? 124 CYS A SG  1 
ATOM   973  N N   . ALA A 1 127 ? 8.588   -7.223  4.692   1.00 17.21 ? 125 ALA A N   1 
ATOM   974  C CA  . ALA A 1 127 ? 7.343   -6.607  5.149   1.00 17.00 ? 125 ALA A CA  1 
ATOM   975  C C   . ALA A 1 127 ? 6.992   -7.023  6.578   1.00 17.91 ? 125 ALA A C   1 
ATOM   976  O O   . ALA A 1 127 ? 7.021   -8.212  6.912   1.00 20.00 ? 125 ALA A O   1 
ATOM   977  C CB  . ALA A 1 127 ? 6.202   -6.988  4.206   1.00 18.67 ? 125 ALA A CB  1 
ATOM   978  N N   . ASN A 1 128 ? 6.612   -6.039  7.415   1.00 17.25 ? 126 ASN A N   1 
ATOM   979  C CA  . ASN A 1 128 ? 6.353   -6.253  8.835   1.00 19.48 ? 126 ASN A CA  1 
ATOM   980  C C   . ASN A 1 128 ? 5.684   -5.042  9.478   1.00 18.04 ? 126 ASN A C   1 
ATOM   981  O O   . ASN A 1 128 ? 6.371   -4.168  10.027  1.00 19.79 ? 126 ASN A O   1 
ATOM   982  C CB  . ASN A 1 128 ? 7.660   -6.568  9.572   1.00 22.23 ? 126 ASN A CB  1 
ATOM   983  C CG  . ASN A 1 128 ? 7.422   -7.015  11.003  1.00 25.37 ? 126 ASN A CG  1 
ATOM   984  O OD1 . ASN A 1 128 ? 6.420   -7.664  11.298  1.00 26.44 ? 126 ASN A OD1 1 
ATOM   985  N ND2 . ASN A 1 128 ? 8.336   -6.660  11.900  1.00 30.86 ? 126 ASN A ND2 1 
ATOM   986  N N   . PRO A 1 129 ? 4.358   -4.940  9.431   1.00 16.37 ? 127 PRO A N   1 
ATOM   987  C CA  . PRO A 1 129 ? 3.682   -3.806  10.079  1.00 18.20 ? 127 PRO A CA  1 
ATOM   988  C C   . PRO A 1 129 ? 3.956   -3.774  11.583  1.00 18.95 ? 127 PRO A C   1 
ATOM   989  O O   . PRO A 1 129 ? 3.984   -4.816  12.248  1.00 21.94 ? 127 PRO A O   1 
ATOM   990  C CB  . PRO A 1 129 ? 2.197   -4.074  9.804   1.00 19.09 ? 127 PRO A CB  1 
ATOM   991  C CG  . PRO A 1 129 ? 2.167   -5.086  8.679   1.00 22.85 ? 127 PRO A CG  1 
ATOM   992  C CD  . PRO A 1 129 ? 3.420   -5.896  8.824   1.00 18.17 ? 127 PRO A CD  1 
ATOM   993  N N   . ASN A 1 130 ? 4.127   -2.563  12.123  1.00 18.23 ? 128 ASN A N   1 
ATOM   994  C CA  . ASN A 1 130 ? 4.308   -2.426  13.566  1.00 18.83 ? 128 ASN A CA  1 
ATOM   995  C C   . ASN A 1 130 ? 3.072   -2.946  14.307  1.00 23.11 ? 128 ASN A C   1 
ATOM   996  O O   . ASN A 1 130 ? 2.015   -3.173  13.724  1.00 19.07 ? 128 ASN A O   1 
ATOM   997  C CB  . ASN A 1 130 ? 4.703   -0.987  13.940  1.00 19.52 ? 128 ASN A CB  1 
ATOM   998  C CG  . ASN A 1 130 ? 3.531   -0.014  13.977  1.00 20.21 ? 128 ASN A CG  1 
ATOM   999  O OD1 . ASN A 1 130 ? 2.490   -0.275  14.590  1.00 22.29 ? 128 ASN A OD1 1 
ATOM   1000 N ND2 . ASN A 1 130 ? 3.731   1.156   13.382  1.00 23.97 ? 128 ASN A ND2 1 
ATOM   1001 N N   . VAL A 1 131 ? 3.214   -3.110  15.625  1.00 22.31 ? 129 VAL A N   1 
ATOM   1002 C CA  . VAL A 1 131 ? 2.178   -3.788  16.407  1.00 23.92 ? 129 VAL A CA  1 
ATOM   1003 C C   . VAL A 1 131 ? 0.885   -2.983  16.466  1.00 19.86 ? 129 VAL A C   1 
ATOM   1004 O O   . VAL A 1 131 ? -0.210  -3.558  16.544  1.00 23.88 ? 129 VAL A O   1 
ATOM   1005 C CB  . VAL A 1 131 ? 2.692   -4.179  17.809  1.00 28.73 ? 129 VAL A CB  1 
ATOM   1006 C CG1 . VAL A 1 131 ? 3.911   -5.066  17.695  1.00 28.98 ? 129 VAL A CG1 1 
ATOM   1007 C CG2 . VAL A 1 131 ? 3.013   -2.938  18.627  1.00 30.31 ? 129 VAL A CG2 1 
ATOM   1008 N N   . GLY A 1 132 ? 0.969   -1.654  16.450  1.00 23.22 ? 130 GLY A N   1 
ATOM   1009 C CA  . GLY A 1 132 ? -0.246  -0.866  16.384  1.00 21.20 ? 130 GLY A CA  1 
ATOM   1010 C C   . GLY A 1 132 ? -0.987  -1.084  15.081  1.00 21.42 ? 130 GLY A C   1 
ATOM   1011 O O   . GLY A 1 132 ? -2.217  -1.178  15.059  1.00 21.12 ? 130 GLY A O   1 
ATOM   1012 N N   . PHE A 1 133 ? -0.242  -1.182  13.978  1.00 19.49 ? 131 PHE A N   1 
ATOM   1013 C CA  . PHE A 1 133 ? -0.856  -1.432  12.678  1.00 19.18 ? 131 PHE A CA  1 
ATOM   1014 C C   . PHE A 1 133 ? -1.433  -2.842  12.597  1.00 19.24 ? 131 PHE A C   1 
ATOM   1015 O O   . PHE A 1 133 ? -2.497  -3.051  12.004  1.00 18.86 ? 131 PHE A O   1 
ATOM   1016 C CB  . PHE A 1 133 ? 0.185   -1.219  11.581  1.00 15.71 ? 131 PHE A CB  1 
ATOM   1017 C CG  . PHE A 1 133 ? 0.681   0.187   11.465  1.00 15.66 ? 131 PHE A CG  1 
ATOM   1018 C CD1 . PHE A 1 133 ? 0.000   1.242   12.058  1.00 16.69 ? 131 PHE A CD1 1 
ATOM   1019 C CD2 . PHE A 1 133 ? 1.835   0.469   10.738  1.00 15.57 ? 131 PHE A CD2 1 
ATOM   1020 C CE1 . PHE A 1 133 ? 0.459   2.537   11.938  1.00 20.09 ? 131 PHE A CE1 1 
ATOM   1021 C CE2 . PHE A 1 133 ? 2.299   1.768   10.609  1.00 17.04 ? 131 PHE A CE2 1 
ATOM   1022 C CZ  . PHE A 1 133 ? 1.612   2.806   11.211  1.00 18.39 ? 131 PHE A CZ  1 
ATOM   1023 N N   . GLN A 1 134 ? -0.755  -3.825  13.191  1.00 18.24 ? 132 GLN A N   1 
ATOM   1024 C CA  . GLN A 1 134 ? -1.302  -5.177  13.216  1.00 18.48 ? 132 GLN A CA  1 
ATOM   1025 C C   . GLN A 1 134 ? -2.626  -5.216  13.976  1.00 22.24 ? 132 GLN A C   1 
ATOM   1026 O O   . GLN A 1 134 ? -3.579  -5.885  13.552  1.00 20.59 ? 132 GLN A O   1 
ATOM   1027 C CB  . GLN A 1 134 ? -0.293  -6.153  13.831  1.00 20.85 ? 132 GLN A CB  1 
ATOM   1028 C CG  . GLN A 1 134 ? 0.998   -6.339  13.025  1.00 21.35 ? 132 GLN A CG  1 
ATOM   1029 C CD  . GLN A 1 134 ? 1.925   -7.409  13.603  1.00 29.30 ? 132 GLN A CD  1 
ATOM   1030 O OE1 . GLN A 1 134 ? 1.516   -8.220  14.442  1.00 28.61 ? 132 GLN A OE1 1 
ATOM   1031 N NE2 . GLN A 1 134 ? 3.177   -7.415  13.150  1.00 29.05 ? 132 GLN A NE2 1 
ATOM   1032 N N   . ARG A 1 135 ? -2.703  -4.499  15.104  1.00 21.79 ? 133 ARG A N   1 
ATOM   1033 C CA  . ARG A 1 135 ? -3.962  -4.402  15.839  1.00 23.14 ? 133 ARG A CA  1 
ATOM   1034 C C   . ARG A 1 135 ? -5.048  -3.764  14.986  1.00 19.99 ? 133 ARG A C   1 
ATOM   1035 O O   . ARG A 1 135 ? -6.187  -4.239  14.962  1.00 21.75 ? 133 ARG A O   1 
ATOM   1036 C CB  . ARG A 1 135 ? -3.750  -3.596  17.123  1.00 24.87 ? 133 ARG A CB  1 
ATOM   1037 C CG  . ARG A 1 135 ? -3.483  -4.454  18.352  1.00 33.52 ? 133 ARG A CG  1 
ATOM   1038 C CD  . ARG A 1 135 ? -2.538  -3.762  19.329  1.00 33.80 ? 133 ARG A CD  1 
ATOM   1039 N NE  . ARG A 1 135 ? -1.531  -4.685  19.854  1.00 36.55 ? 133 ARG A NE  1 
ATOM   1040 C CZ  . ARG A 1 135 ? -0.292  -4.333  20.189  1.00 34.58 ? 133 ARG A CZ  1 
ATOM   1041 N NH1 . ARG A 1 135 ? 0.106   -3.072  20.055  1.00 32.59 ? 133 ARG A NH1 1 
ATOM   1042 N NH2 . ARG A 1 135 ? 0.556   -5.245  20.657  1.00 30.25 ? 133 ARG A NH2 1 
ATOM   1043 N N   . GLN A 1 136 ? -4.713  -2.686  14.272  1.00 18.21 ? 134 GLN A N   1 
ATOM   1044 C CA  . GLN A 1 136 ? -5.700  -2.035  13.412  1.00 20.63 ? 134 GLN A CA  1 
ATOM   1045 C C   . GLN A 1 136 ? -6.168  -2.964  12.294  1.00 21.41 ? 134 GLN A C   1 
ATOM   1046 O O   . GLN A 1 136 ? -7.357  -2.980  11.949  1.00 18.68 ? 134 GLN A O   1 
ATOM   1047 C CB  . GLN A 1 136 ? -5.141  -0.730  12.838  1.00 21.51 ? 134 GLN A CB  1 
ATOM   1048 C CG  . GLN A 1 136 ? -4.876  0.362   13.884  1.00 21.70 ? 134 GLN A CG  1 
ATOM   1049 C CD  . GLN A 1 136 ? -4.197  1.600   13.290  1.00 20.82 ? 134 GLN A CD  1 
ATOM   1050 O OE1 . GLN A 1 136 ? -4.630  2.127   12.267  1.00 24.10 ? 134 GLN A OE1 1 
ATOM   1051 N NE2 . GLN A 1 136 ? -3.138  2.079   13.949  1.00 22.66 ? 134 GLN A NE2 1 
ATOM   1052 N N   . LEU A 1 137 ? -5.256  -3.749  11.714  1.00 17.10 ? 135 LEU A N   1 
ATOM   1053 C CA  . LEU A 1 137 ? -5.663  -4.684  10.667  1.00 18.76 ? 135 LEU A CA  1 
ATOM   1054 C C   . LEU A 1 137 ? -6.567  -5.781  11.216  1.00 20.73 ? 135 LEU A C   1 
ATOM   1055 O O   . LEU A 1 137 ? -7.477  -6.245  10.516  1.00 17.62 ? 135 LEU A O   1 
ATOM   1056 C CB  . LEU A 1 137 ? -4.433  -5.273  9.962   1.00 17.15 ? 135 LEU A CB  1 
ATOM   1057 C CG  . LEU A 1 137 ? -3.596  -4.299  9.112   1.00 16.57 ? 135 LEU A CG  1 
ATOM   1058 C CD1 . LEU A 1 137 ? -2.196  -4.874  8.776   1.00 15.40 ? 135 LEU A CD1 1 
ATOM   1059 C CD2 . LEU A 1 137 ? -4.350  -3.900  7.850   1.00 14.92 ? 135 LEU A CD2 1 
ATOM   1060 N N   . GLN A 1 138 ? -6.343  -6.200  12.469  1.00 19.03 ? 136 GLN A N   1 
ATOM   1061 C CA  . GLN A 1 138 ? -7.199  -7.226  13.059  1.00 20.20 ? 136 GLN A CA  1 
ATOM   1062 C C   . GLN A 1 138 ? -8.611  -6.699  13.293  1.00 20.52 ? 136 GLN A C   1 
ATOM   1063 O O   . GLN A 1 138 ? -9.588  -7.401  13.013  1.00 21.43 ? 136 GLN A O   1 
ATOM   1064 C CB  . GLN A 1 138 ? -6.577  -7.787  14.344  1.00 23.19 ? 136 GLN A CB  1 
ATOM   1065 C CG  . GLN A 1 138 ? -7.365  -8.937  14.973  1.00 28.19 ? 136 GLN A CG  1 
ATOM   1066 C CD  . GLN A 1 138 ? -7.684  -10.055 13.988  1.00 30.42 ? 136 GLN A CD  1 
ATOM   1067 O OE1 . GLN A 1 138 ? -6.830  -10.893 13.672  1.00 33.60 ? 136 GLN A OE1 1 
ATOM   1068 N NE2 . GLN A 1 138 ? -8.931  -10.082 13.507  1.00 34.73 ? 136 GLN A NE2 1 
ATOM   1069 N N   . GLU A 1 139 ? -8.734  -5.453  13.756  1.00 21.00 ? 137 GLU A N   1 
ATOM   1070 C CA  . GLU A 1 139 ? -10.053 -4.848  13.939  1.00 24.96 ? 137 GLU A CA  1 
ATOM   1071 C C   . GLU A 1 139 ? -10.733 -4.592  12.601  1.00 24.76 ? 137 GLU A C   1 
ATOM   1072 O O   . GLU A 1 139 ? -11.956 -4.740  12.483  1.00 26.86 ? 137 GLU A O   1 
ATOM   1073 C CB  . GLU A 1 139 ? -9.948  -3.556  14.756  1.00 29.25 ? 137 GLU A CB  1 
ATOM   1074 C CG  . GLU A 1 139 ? -11.261 -3.116  15.423  1.00 36.04 ? 137 GLU A CG  1 
ATOM   1075 C CD  . GLU A 1 139 ? -11.508 -3.777  16.782  1.00 38.81 ? 137 GLU A CD  1 
ATOM   1076 O OE1 . GLU A 1 139 ? -10.672 -4.600  17.216  1.00 42.59 ? 137 GLU A OE1 1 
ATOM   1077 O OE2 . GLU A 1 139 ? -12.540 -3.469  17.420  1.00 45.74 ? 137 GLU A OE2 1 
ATOM   1078 N N   . PHE A 1 140 ? -9.956  -4.216  11.582  1.00 20.72 ? 138 PHE A N   1 
ATOM   1079 C CA  . PHE A 1 140 ? -10.500 -4.095  10.232  1.00 20.89 ? 138 PHE A CA  1 
ATOM   1080 C C   . PHE A 1 140 ? -11.046 -5.435  9.745   1.00 16.34 ? 138 PHE A C   1 
ATOM   1081 O O   . PHE A 1 140 ? -12.158 -5.501  9.210   1.00 18.98 ? 138 PHE A O   1 
ATOM   1082 C CB  . PHE A 1 140 ? -9.403  -3.540  9.315   1.00 19.35 ? 138 PHE A CB  1 
ATOM   1083 C CG  . PHE A 1 140 ? -9.807  -3.374  7.859   1.00 17.88 ? 138 PHE A CG  1 
ATOM   1084 C CD1 . PHE A 1 140 ? -10.803 -2.485  7.477   1.00 18.11 ? 138 PHE A CD1 1 
ATOM   1085 C CD2 . PHE A 1 140 ? -9.139  -4.084  6.865   1.00 17.07 ? 138 PHE A CD2 1 
ATOM   1086 C CE1 . PHE A 1 140 ? -11.161 -2.341  6.142   1.00 20.18 ? 138 PHE A CE1 1 
ATOM   1087 C CE2 . PHE A 1 140 ? -9.475  -3.926  5.527   1.00 15.81 ? 138 PHE A CE2 1 
ATOM   1088 C CZ  . PHE A 1 140 ? -10.479 -3.062  5.164   1.00 17.33 ? 138 PHE A CZ  1 
ATOM   1089 N N   . GLU A 1 141 ? -10.307 -6.525  9.963   1.00 16.23 ? 139 GLU A N   1 
ATOM   1090 C CA  . GLU A 1 141 ? -10.766 -7.836  9.515   1.00 18.93 ? 139 GLU A CA  1 
ATOM   1091 C C   . GLU A 1 141 ? -12.067 -8.234  10.199  1.00 22.80 ? 139 GLU A C   1 
ATOM   1092 O O   . GLU A 1 141 ? -12.940 -8.865  9.585   1.00 20.60 ? 139 GLU A O   1 
ATOM   1093 C CB  . GLU A 1 141 ? -9.704  -8.900  9.793   1.00 17.35 ? 139 GLU A CB  1 
ATOM   1094 C CG  . GLU A 1 141 ? -10.135 -10.302 9.389   1.00 19.90 ? 139 GLU A CG  1 
ATOM   1095 C CD  . GLU A 1 141 ? -9.063  -11.345 9.602   1.00 20.04 ? 139 GLU A CD  1 
ATOM   1096 O OE1 . GLU A 1 141 ? -7.882  -10.953 9.734   1.00 22.25 ? 139 GLU A OE1 1 
ATOM   1097 O OE2 . GLU A 1 141 ? -9.394  -12.551 9.624   1.00 24.79 ? 139 GLU A OE2 1 
ATOM   1098 N N   . LYS A 1 142 ? -12.209 -7.902  11.477  1.00 24.80 ? 140 LYS A N   1 
ATOM   1099 C CA  . LYS A 1 142 ? -13.343 -8.433  12.213  1.00 25.62 ? 140 LYS A CA  1 
ATOM   1100 C C   . LYS A 1 142 ? -14.625 -7.660  11.953  1.00 28.04 ? 140 LYS A C   1 
ATOM   1101 O O   . LYS A 1 142 ? -15.701 -8.272  11.884  1.00 27.85 ? 140 LYS A O   1 
ATOM   1102 C CB  . LYS A 1 142 ? -13.010 -8.501  13.704  1.00 24.35 ? 140 LYS A CB  1 
ATOM   1103 C CG  . LYS A 1 142 ? -12.290 -9.784  14.077  1.00 33.05 ? 140 LYS A CG  1 
ATOM   1104 C CD  . LYS A 1 142 ? -12.655 -10.908 13.110  1.00 32.45 ? 140 LYS A CD  1 
ATOM   1105 C CE  . LYS A 1 142 ? -11.973 -12.210 13.477  1.00 36.09 ? 140 LYS A CE  1 
ATOM   1106 N NZ  . LYS A 1 142 ? -12.212 -12.571 14.901  1.00 40.02 ? 140 LYS A NZ  1 
ATOM   1107 N N   . HIS A 1 143 ? -14.539 -6.342  11.777  1.00 24.66 ? 141 HIS A N   1 
ATOM   1108 C CA  . HIS A 1 143 ? -15.718 -5.490  11.812  1.00 31.98 ? 141 HIS A CA  1 
ATOM   1109 C C   . HIS A 1 143 ? -15.938 -4.613  10.586  1.00 29.06 ? 141 HIS A C   1 
ATOM   1110 O O   . HIS A 1 143 ? -16.987 -3.965  10.507  1.00 29.07 ? 141 HIS A O   1 
ATOM   1111 C CB  . HIS A 1 143 ? -15.690 -4.583  13.053  1.00 30.90 ? 141 HIS A CB  1 
ATOM   1112 C CG  . HIS A 1 143 ? -15.573 -5.325  14.349  1.00 34.99 ? 141 HIS A CG  1 
ATOM   1113 N ND1 . HIS A 1 143 ? -14.373 -5.489  15.007  1.00 36.75 ? 141 HIS A ND1 1 
ATOM   1114 C CD2 . HIS A 1 143 ? -16.507 -5.941  15.112  1.00 37.49 ? 141 HIS A CD2 1 
ATOM   1115 C CE1 . HIS A 1 143 ? -14.571 -6.173  16.120  1.00 36.16 ? 141 HIS A CE1 1 
ATOM   1116 N NE2 . HIS A 1 143 ? -15.859 -6.461  16.207  1.00 37.87 ? 141 HIS A NE2 1 
ATOM   1117 N N   . GLU A 1 144 ? -15.003 -4.551  9.631   1.00 22.32 ? 142 GLU A N   1 
ATOM   1118 C CA  . GLU A 1 144 ? -15.149 -3.574  8.554   1.00 24.59 ? 142 GLU A CA  1 
ATOM   1119 C C   . GLU A 1 144 ? -14.802 -4.096  7.165   1.00 19.15 ? 142 GLU A C   1 
ATOM   1120 O O   . GLU A 1 144 ? -15.313 -3.557  6.178   1.00 19.20 ? 142 GLU A O   1 
ATOM   1121 C CB  . GLU A 1 144 ? -14.296 -2.332  8.837   1.00 27.09 ? 142 GLU A CB  1 
ATOM   1122 C CG  . GLU A 1 144 ? -15.044 -1.181  9.487   1.00 30.00 ? 142 GLU A CG  1 
ATOM   1123 C CD  . GLU A 1 144 ? -14.274 0.119   9.404   1.00 30.10 ? 142 GLU A CD  1 
ATOM   1124 O OE1 . GLU A 1 144 ? -13.329 0.306   10.202  1.00 31.82 ? 142 GLU A OE1 1 
ATOM   1125 O OE2 . GLU A 1 144 ? -14.608 0.949   8.535   1.00 35.68 ? 142 GLU A OE2 1 
ATOM   1126 N N   . VAL A 1 145 ? -13.944 -5.103  7.041   1.00 19.31 ? 143 VAL A N   1 
ATOM   1127 C CA  . VAL A 1 145 ? -13.526 -5.510  5.703   1.00 16.95 ? 143 VAL A CA  1 
ATOM   1128 C C   . VAL A 1 145 ? -14.713 -5.989  4.873   1.00 19.03 ? 143 VAL A C   1 
ATOM   1129 O O   . VAL A 1 145 ? -14.727 -5.817  3.649   1.00 16.56 ? 143 VAL A O   1 
ATOM   1130 C CB  . VAL A 1 145 ? -12.362 -6.520  5.761   1.00 15.91 ? 143 VAL A CB  1 
ATOM   1131 C CG1 . VAL A 1 145 ? -12.822 -7.865  6.287   1.00 19.33 ? 143 VAL A CG1 1 
ATOM   1132 C CG2 . VAL A 1 145 ? -11.699 -6.641  4.387   1.00 17.13 ? 143 VAL A CG2 1 
ATOM   1133 N N   . HIS A 1 146 ? -15.744 -6.552  5.510   1.00 17.82 ? 144 HIS A N   1 
ATOM   1134 C CA  . HIS A 1 146 ? -16.919 -6.969  4.750   1.00 17.37 ? 144 HIS A CA  1 
ATOM   1135 C C   . HIS A 1 146 ? -17.685 -5.773  4.199   1.00 16.85 ? 144 HIS A C   1 
ATOM   1136 O O   . HIS A 1 146 ? -18.186 -5.828  3.070   1.00 17.73 ? 144 HIS A O   1 
ATOM   1137 C CB  . HIS A 1 146 ? -17.769 -7.918  5.601   1.00 18.90 ? 144 HIS A CB  1 
ATOM   1138 C CG  . HIS A 1 146 ? -17.011 -9.137  6.026   1.00 20.75 ? 144 HIS A CG  1 
ATOM   1139 N ND1 . HIS A 1 146 ? -17.044 -10.322 5.323   1.00 27.65 ? 144 HIS A ND1 1 
ATOM   1140 C CD2 . HIS A 1 146 ? -16.144 -9.331  7.048   1.00 26.50 ? 144 HIS A CD2 1 
ATOM   1141 C CE1 . HIS A 1 146 ? -16.251 -11.202 5.910   1.00 25.04 ? 144 HIS A CE1 1 
ATOM   1142 N NE2 . HIS A 1 146 ? -15.695 -10.624 6.959   1.00 24.02 ? 144 HIS A NE2 1 
ATOM   1143 N N   . GLN A 1 147 ? -17.685 -4.655  4.920   1.00 17.00 ? 145 GLN A N   1 
ATOM   1144 C CA  . GLN A 1 147 ? -18.286 -3.436  4.396   1.00 20.09 ? 145 GLN A CA  1 
ATOM   1145 C C   . GLN A 1 147 ? -17.471 -2.870  3.235   1.00 16.58 ? 145 GLN A C   1 
ATOM   1146 O O   . GLN A 1 147 ? -18.038 -2.346  2.267   1.00 15.97 ? 145 GLN A O   1 
ATOM   1147 C CB  . GLN A 1 147 ? -18.423 -2.406  5.513   1.00 23.14 ? 145 GLN A CB  1 
ATOM   1148 C CG  . GLN A 1 147 ? -19.471 -2.747  6.546   1.00 28.10 ? 145 GLN A CG  1 
ATOM   1149 C CD  . GLN A 1 147 ? -19.258 -2.010  7.848   1.00 33.57 ? 145 GLN A CD  1 
ATOM   1150 O OE1 . GLN A 1 147 ? -18.991 -2.621  8.884   1.00 40.03 ? 145 GLN A OE1 1 
ATOM   1151 N NE2 . GLN A 1 147 ? -19.373 -0.686  7.806   1.00 36.45 ? 145 GLN A NE2 1 
ATOM   1152 N N   . TYR A 1 148 ? -16.138 -2.938  3.326   1.00 16.66 ? 146 TYR A N   1 
ATOM   1153 C CA  . TYR A 1 148 ? -15.292 -2.452  2.242   1.00 19.24 ? 146 TYR A CA  1 
ATOM   1154 C C   . TYR A 1 148 ? -15.427 -3.313  0.994   1.00 14.17 ? 146 TYR A C   1 
ATOM   1155 O O   . TYR A 1 148 ? -15.399 -2.788  -0.125  1.00 13.95 ? 146 TYR A O   1 
ATOM   1156 C CB  . TYR A 1 148 ? -13.840 -2.411  2.710   1.00 18.95 ? 146 TYR A CB  1 
ATOM   1157 C CG  . TYR A 1 148 ? -13.500 -1.175  3.502   1.00 19.12 ? 146 TYR A CG  1 
ATOM   1158 C CD1 . TYR A 1 148 ? -14.323 -0.730  4.531   1.00 23.62 ? 146 TYR A CD1 1 
ATOM   1159 C CD2 . TYR A 1 148 ? -12.345 -0.458  3.236   1.00 21.44 ? 146 TYR A CD2 1 
ATOM   1160 C CE1 . TYR A 1 148 ? -14.007 0.405   5.255   1.00 24.58 ? 146 TYR A CE1 1 
ATOM   1161 C CE2 . TYR A 1 148 ? -12.025 0.673   3.959   1.00 19.62 ? 146 TYR A CE2 1 
ATOM   1162 C CZ  . TYR A 1 148 ? -12.861 1.101   4.962   1.00 25.30 ? 146 TYR A CZ  1 
ATOM   1163 O OH  . TYR A 1 148 ? -12.544 2.230   5.683   1.00 31.89 ? 146 TYR A OH  1 
ATOM   1164 N N   . ARG A 1 149 ? -15.531 -4.630  1.157   1.00 13.52 ? 147 ARG A N   1 
ATOM   1165 C CA  . ARG A 1 149 ? -15.725 -5.496  0.002   1.00 16.40 ? 147 ARG A CA  1 
ATOM   1166 C C   . ARG A 1 149 ? -17.038 -5.185  -0.701  1.00 15.10 ? 147 ARG A C   1 
ATOM   1167 O O   . ARG A 1 149 ? -17.089 -5.140  -1.933  1.00 14.68 ? 147 ARG A O   1 
ATOM   1168 C CB  . ARG A 1 149 ? -15.670 -6.967  0.404   1.00 15.06 ? 147 ARG A CB  1 
ATOM   1169 C CG  . ARG A 1 149 ? -14.303 -7.402  0.894   1.00 14.16 ? 147 ARG A CG  1 
ATOM   1170 C CD  . ARG A 1 149 ? -14.311 -8.828  1.383   1.00 17.45 ? 147 ARG A CD  1 
ATOM   1171 N NE  . ARG A 1 149 ? -12.994 -9.165  1.905   1.00 15.58 ? 147 ARG A NE  1 
ATOM   1172 C CZ  . ARG A 1 149 ? -12.751 -9.970  2.933   1.00 16.51 ? 147 ARG A CZ  1 
ATOM   1173 N NH1 . ARG A 1 149 ? -13.747 -10.576 3.580   1.00 17.51 ? 147 ARG A NH1 1 
ATOM   1174 N NH2 . ARG A 1 149 ? -11.493 -10.168 3.308   1.00 16.00 ? 147 ARG A NH2 1 
ATOM   1175 N N   . GLN A 1 150 ? -18.119 -4.997  0.062   1.00 16.71 ? 148 GLN A N   1 
ATOM   1176 C CA  . GLN A 1 150 ? -19.400 -4.621  -0.538  1.00 16.83 ? 148 GLN A CA  1 
ATOM   1177 C C   . GLN A 1 150 ? -19.314 -3.271  -1.242  1.00 16.42 ? 148 GLN A C   1 
ATOM   1178 O O   . GLN A 1 150 ? -19.835 -3.110  -2.358  1.00 17.15 ? 148 GLN A O   1 
ATOM   1179 C CB  . GLN A 1 150 ? -20.482 -4.604  0.544   1.00 17.60 ? 148 GLN A CB  1 
ATOM   1180 C CG  . GLN A 1 150 ? -21.897 -4.314  0.023   1.00 18.63 ? 148 GLN A CG  1 
ATOM   1181 C CD  . GLN A 1 150 ? -22.405 -5.400  -0.909  1.00 22.87 ? 148 GLN A CD  1 
ATOM   1182 O OE1 . GLN A 1 150 ? -22.009 -6.562  -0.799  1.00 26.14 ? 148 GLN A OE1 1 
ATOM   1183 N NE2 . GLN A 1 150 ? -23.289 -5.028  -1.843  1.00 22.37 ? 148 GLN A NE2 1 
ATOM   1184 N N   . TRP A 1 151 ? -18.674 -2.289  -0.604  1.00 14.14 ? 149 TRP A N   1 
ATOM   1185 C CA  . TRP A 1 151 ? -18.442 -0.996  -1.237  1.00 19.19 ? 149 TRP A CA  1 
ATOM   1186 C C   . TRP A 1 151 ? -17.708 -1.146  -2.565  1.00 17.28 ? 149 TRP A C   1 
ATOM   1187 O O   . TRP A 1 151 ? -18.051 -0.486  -3.546  1.00 18.91 ? 149 TRP A O   1 
ATOM   1188 C CB  . TRP A 1 151 ? -17.653 -0.070  -0.307  1.00 22.01 ? 149 TRP A CB  1 
ATOM   1189 C CG  . TRP A 1 151 ? -16.991 1.058   -1.056  1.00 24.49 ? 149 TRP A CG  1 
ATOM   1190 C CD1 . TRP A 1 151 ? -17.596 2.170   -1.570  1.00 26.05 ? 149 TRP A CD1 1 
ATOM   1191 C CD2 . TRP A 1 151 ? -15.603 1.166   -1.400  1.00 21.89 ? 149 TRP A CD2 1 
ATOM   1192 N NE1 . TRP A 1 151 ? -16.671 2.969   -2.202  1.00 27.39 ? 149 TRP A NE1 1 
ATOM   1193 C CE2 . TRP A 1 151 ? -15.440 2.374   -2.112  1.00 26.79 ? 149 TRP A CE2 1 
ATOM   1194 C CE3 . TRP A 1 151 ? -14.481 0.359   -1.172  1.00 24.17 ? 149 TRP A CE3 1 
ATOM   1195 C CZ2 . TRP A 1 151 ? -14.203 2.792   -2.596  1.00 26.45 ? 149 TRP A CZ2 1 
ATOM   1196 C CZ3 . TRP A 1 151 ? -13.258 0.774   -1.651  1.00 24.92 ? 149 TRP A CZ3 1 
ATOM   1197 C CH2 . TRP A 1 151 ? -13.127 1.982   -2.355  1.00 24.47 ? 149 TRP A CH2 1 
ATOM   1198 N N   . LEU A 1 152 ? -16.688 -2.003  -2.610  1.00 16.23 ? 150 LEU A N   1 
ATOM   1199 C CA  . LEU A 1 152 ? -15.915 -2.176  -3.836  1.00 16.70 ? 150 LEU A CA  1 
ATOM   1200 C C   . LEU A 1 152 ? -16.779 -2.755  -4.946  1.00 17.29 ? 150 LEU A C   1 
ATOM   1201 O O   . LEU A 1 152 ? -16.674 -2.343  -6.110  1.00 18.98 ? 150 LEU A O   1 
ATOM   1202 C CB  . LEU A 1 152 ? -14.754 -3.119  -3.538  1.00 16.41 ? 150 LEU A CB  1 
ATOM   1203 C CG  . LEU A 1 152 ? -13.724 -3.242  -4.649  1.00 17.49 ? 150 LEU A CG  1 
ATOM   1204 C CD1 . LEU A 1 152 ? -12.698 -2.155  -4.461  1.00 17.92 ? 150 LEU A CD1 1 
ATOM   1205 C CD2 . LEU A 1 152 ? -13.069 -4.610  -4.585  1.00 19.37 ? 150 LEU A CD2 1 
ATOM   1206 N N   . LYS A 1 153 ? -17.625 -3.724  -4.599  1.00 17.34 ? 151 LYS A N   1 
ATOM   1207 C CA  . LYS A 1 153 ? -18.546 -4.314  -5.561  1.00 19.13 ? 151 LYS A CA  1 
ATOM   1208 C C   . LYS A 1 153 ? -19.536 -3.279  -6.083  1.00 22.35 ? 151 LYS A C   1 
ATOM   1209 O O   . LYS A 1 153 ? -19.751 -3.163  -7.295  1.00 23.30 ? 151 LYS A O   1 
ATOM   1210 C CB  . LYS A 1 153 ? -19.280 -5.487  -4.903  1.00 21.54 ? 151 LYS A CB  1 
ATOM   1211 C CG  . LYS A 1 153 ? -20.390 -6.105  -5.747  1.00 22.04 ? 151 LYS A CG  1 
ATOM   1212 C CD  . LYS A 1 153 ? -21.171 -7.155  -4.944  1.00 27.93 ? 151 LYS A CD  1 
ATOM   1213 C CE  . LYS A 1 153 ? -22.211 -7.883  -5.794  1.00 37.59 ? 151 LYS A CE  1 
ATOM   1214 N NZ  . LYS A 1 153 ? -22.868 -8.991  -5.030  1.00 36.31 ? 151 LYS A NZ  1 
ATOM   1215 N N   . GLU A 1 154 ? -20.133 -2.497  -5.181  1.00 19.52 ? 152 GLU A N   1 
ATOM   1216 C CA  . GLU A 1 154 ? -21.139 -1.524  -5.605  1.00 20.83 ? 152 GLU A CA  1 
ATOM   1217 C C   . GLU A 1 154 ? -20.531 -0.378  -6.404  1.00 22.98 ? 152 GLU A C   1 
ATOM   1218 O O   . GLU A 1 154 ? -21.184 0.164   -7.304  1.00 27.42 ? 152 GLU A O   1 
ATOM   1219 C CB  . GLU A 1 154 ? -21.894 -0.985  -4.396  1.00 22.92 ? 152 GLU A CB  1 
ATOM   1220 C CG  . GLU A 1 154 ? -22.789 -2.009  -3.738  1.00 22.82 ? 152 GLU A CG  1 
ATOM   1221 C CD  . GLU A 1 154 ? -23.349 -1.537  -2.407  1.00 21.14 ? 152 GLU A CD  1 
ATOM   1222 O OE1 . GLU A 1 154 ? -23.075 -0.387  -2.003  1.00 24.80 ? 152 GLU A OE1 1 
ATOM   1223 O OE2 . GLU A 1 154 ? -24.061 -2.331  -1.748  1.00 24.29 ? 152 GLU A OE2 1 
ATOM   1224 N N   . GLU A 1 155 ? -19.297 0.014   -6.091  1.00 21.70 ? 153 GLU A N   1 
ATOM   1225 C CA  . GLU A 1 155 ? -18.682 1.134   -6.789  1.00 24.32 ? 153 GLU A CA  1 
ATOM   1226 C C   . GLU A 1 155 ? -18.118 0.724   -8.143  1.00 24.64 ? 153 GLU A C   1 
ATOM   1227 O O   . GLU A 1 155 ? -18.276 1.460   -9.123  1.00 26.03 ? 153 GLU A O   1 
ATOM   1228 C CB  . GLU A 1 155 ? -17.585 1.754   -5.927  1.00 23.30 ? 153 GLU A CB  1 
ATOM   1229 C CG  . GLU A 1 155 ? -17.086 3.088   -6.445  1.00 29.24 ? 153 GLU A CG  1 
ATOM   1230 C CD  . GLU A 1 155 ? -17.984 4.235   -6.025  1.00 33.72 ? 153 GLU A CD  1 
ATOM   1231 O OE1 . GLU A 1 155 ? -18.211 4.402   -4.805  1.00 35.45 ? 153 GLU A OE1 1 
ATOM   1232 O OE2 . GLU A 1 155 ? -18.465 4.966   -6.916  1.00 39.78 ? 153 GLU A OE2 1 
ATOM   1233 N N   . TYR A 1 156 ? -17.473 -0.445  -8.222  1.00 20.14 ? 154 TYR A N   1 
ATOM   1234 C CA  . TYR A 1 156 ? -16.707 -0.825  -9.405  1.00 20.62 ? 154 TYR A CA  1 
ATOM   1235 C C   . TYR A 1 156 ? -17.218 -2.070  -10.119 1.00 27.98 ? 154 TYR A C   1 
ATOM   1236 O O   . TYR A 1 156 ? -16.866 -2.320  -11.274 1.00 27.22 ? 154 TYR A O   1 
ATOM   1237 C CB  . TYR A 1 156 ? -15.225 -1.017  -9.046  1.00 21.31 ? 154 TYR A CB  1 
ATOM   1238 C CG  . TYR A 1 156 ? -14.587 0.188   -8.404  1.00 20.24 ? 154 TYR A CG  1 
ATOM   1239 C CD1 . TYR A 1 156 ? -14.420 0.252   -7.028  1.00 20.76 ? 154 TYR A CD1 1 
ATOM   1240 C CD2 . TYR A 1 156 ? -14.147 1.264   -9.174  1.00 19.47 ? 154 TYR A CD2 1 
ATOM   1241 C CE1 . TYR A 1 156 ? -13.833 1.350   -6.439  1.00 22.95 ? 154 TYR A CE1 1 
ATOM   1242 C CE2 . TYR A 1 156 ? -13.557 2.368   -8.592  1.00 21.88 ? 154 TYR A CE2 1 
ATOM   1243 C CZ  . TYR A 1 156 ? -13.405 2.404   -7.214  1.00 24.57 ? 154 TYR A CZ  1 
ATOM   1244 O OH  . TYR A 1 156 ? -12.823 3.496   -6.614  1.00 26.39 ? 154 TYR A OH  1 
ATOM   1245 N N   . GLY A 1 157 ? -18.263 -2.720  -9.620  1.00 27.01 ? 155 GLY A N   1 
ATOM   1246 C CA  . GLY A 1 157 ? -18.858 -3.852  -10.313 1.00 28.01 ? 155 GLY A CA  1 
ATOM   1247 C C   . GLY A 1 157 ? -18.325 -5.204  -9.886  1.00 32.49 ? 155 GLY A C   1 
ATOM   1248 O O   . GLY A 1 157 ? -17.180 -5.548  -10.176 1.00 38.90 ? 155 GLY A O   1 
HETATM 1249 V V   . VO4 B 2 .   ? 8.252   2.438   7.133   1.00 17.82 ? 201 VO4 A V   1 
HETATM 1250 O O1  . VO4 B 2 .   ? 8.672   0.775   6.722   1.00 14.06 ? 201 VO4 A O1  1 
HETATM 1251 O O2  . VO4 B 2 .   ? 6.687   2.728   7.883   1.00 14.13 ? 201 VO4 A O2  1 
HETATM 1252 O O3  . VO4 B 2 .   ? 9.074   2.382   8.725   1.00 20.43 ? 201 VO4 A O3  1 
HETATM 1253 O O4  . VO4 B 2 .   ? 9.207   3.816   6.620   1.00 15.96 ? 201 VO4 A O4  1 
HETATM 1254 O O   . HOH C 3 .   ? -12.859 -18.082 -1.503  1.00 33.00 ? 301 HOH A O   1 
HETATM 1255 O O   . HOH C 3 .   ? 4.099   -2.564  -13.987 1.00 25.80 ? 302 HOH A O   1 
HETATM 1256 O O   . HOH C 3 .   ? -7.660  10.954  -1.056  1.00 33.85 ? 303 HOH A O   1 
HETATM 1257 O O   . HOH C 3 .   ? 10.020  8.101   8.793   1.00 30.22 ? 304 HOH A O   1 
HETATM 1258 O O   . HOH C 3 .   ? 5.682   19.137  -3.535  1.00 34.99 ? 305 HOH A O   1 
HETATM 1259 O O   . HOH C 3 .   ? -12.040 -1.516  11.332  1.00 31.76 ? 306 HOH A O   1 
HETATM 1260 O O   . HOH C 3 .   ? 6.476   11.636  -2.506  1.00 24.17 ? 307 HOH A O   1 
HETATM 1261 O O   . HOH C 3 .   ? 9.685   -9.978  -5.284  1.00 30.99 ? 308 HOH A O   1 
HETATM 1262 O O   . HOH C 3 .   ? 3.598   14.876  -10.345 1.00 31.01 ? 309 HOH A O   1 
HETATM 1263 O O   . HOH C 3 .   ? 1.443   1.869   -16.021 1.00 25.52 ? 310 HOH A O   1 
HETATM 1264 O O   . HOH C 3 .   ? 1.040   -13.497 10.394  1.00 33.05 ? 311 HOH A O   1 
HETATM 1265 O O   . HOH C 3 .   ? 9.433   -14.023 0.883   1.00 32.64 ? 312 HOH A O   1 
HETATM 1266 O O   . HOH C 3 .   ? 8.847   -10.880 6.834   1.00 31.47 ? 313 HOH A O   1 
HETATM 1267 O O   . HOH C 3 .   ? 11.291  7.092   -14.846 1.00 28.79 ? 314 HOH A O   1 
HETATM 1268 O O   . HOH C 3 .   ? -9.217  -1.237  12.389  1.00 29.26 ? 315 HOH A O   1 
HETATM 1269 O O   . HOH C 3 .   ? -7.709  -15.394 5.142   1.00 20.41 ? 316 HOH A O   1 
HETATM 1270 O O   . HOH C 3 .   ? -9.779  7.184   3.838   1.00 19.95 ? 317 HOH A O   1 
HETATM 1271 O O   . HOH C 3 .   ? -9.904  3.731   -13.134 1.00 27.53 ? 318 HOH A O   1 
HETATM 1272 O O   . HOH C 3 .   ? 7.190   -6.192  -12.507 1.00 27.77 ? 319 HOH A O   1 
HETATM 1273 O O   . HOH C 3 .   ? -13.241 -11.144 8.224   1.00 23.79 ? 320 HOH A O   1 
HETATM 1274 O O   . HOH C 3 .   ? 13.447  -1.793  -1.602  1.00 15.41 ? 321 HOH A O   1 
HETATM 1275 O O   . HOH C 3 .   ? 6.987   -10.426 -6.707  1.00 26.93 ? 322 HOH A O   1 
HETATM 1276 O O   . HOH C 3 .   ? 11.151  -4.042  -9.487  1.00 27.93 ? 323 HOH A O   1 
HETATM 1277 O O   . HOH C 3 .   ? 3.712   -13.943 7.017   1.00 26.63 ? 324 HOH A O   1 
HETATM 1278 O O   . HOH C 3 .   ? 8.518   9.892   -5.945  1.00 25.41 ? 325 HOH A O   1 
HETATM 1279 O O   . HOH C 3 .   ? 7.615   -2.901  12.084  1.00 27.12 ? 326 HOH A O   1 
HETATM 1280 O O   . HOH C 3 .   ? 12.758  -6.631  -1.217  1.00 21.06 ? 327 HOH A O   1 
HETATM 1281 O O   . HOH C 3 .   ? 1.246   -13.885 7.624   1.00 26.58 ? 328 HOH A O   1 
HETATM 1282 O O   . HOH C 3 .   ? -13.306 -14.534 3.851   1.00 31.95 ? 329 HOH A O   1 
HETATM 1283 O O   . HOH C 3 .   ? 11.062  9.498   -2.205  1.00 22.39 ? 330 HOH A O   1 
HETATM 1284 O O   . HOH C 3 .   ? 3.346   -10.988 -3.790  1.00 18.54 ? 331 HOH A O   1 
HETATM 1285 O O   . HOH C 3 .   ? -16.076 -7.051  -3.671  1.00 22.51 ? 332 HOH A O   1 
HETATM 1286 O O   . HOH C 3 .   ? -9.061  -11.721 -5.634  1.00 14.75 ? 333 HOH A O   1 
HETATM 1287 O O   . HOH C 3 .   ? -13.745 -8.191  -3.041  1.00 21.03 ? 334 HOH A O   1 
HETATM 1288 O O   . HOH C 3 .   ? 16.570  6.978   -6.297  1.00 24.81 ? 335 HOH A O   1 
HETATM 1289 O O   . HOH C 3 .   ? -4.217  11.970  2.490   1.00 27.72 ? 336 HOH A O   1 
HETATM 1290 O O   . HOH C 3 .   ? -6.597  8.470   16.083  1.00 42.59 ? 337 HOH A O   1 
HETATM 1291 O O   . HOH C 3 .   ? -8.159  7.795   -7.999  1.00 29.87 ? 338 HOH A O   1 
HETATM 1292 O O   . HOH C 3 .   ? -4.407  12.374  -5.695  1.00 34.14 ? 339 HOH A O   1 
HETATM 1293 O O   . HOH C 3 .   ? 7.753   7.661   11.826  1.00 35.58 ? 340 HOH A O   1 
HETATM 1294 O O   . HOH C 3 .   ? -13.247 -4.397  -8.952  1.00 23.42 ? 341 HOH A O   1 
HETATM 1295 O O   . HOH C 3 .   ? 12.525  -7.534  1.410   1.00 23.84 ? 342 HOH A O   1 
HETATM 1296 O O   . HOH C 3 .   ? -26.284 -3.411  -3.080  1.00 21.46 ? 343 HOH A O   1 
HETATM 1297 O O   . HOH C 3 .   ? 8.600   -5.008  -14.428 1.00 33.28 ? 344 HOH A O   1 
HETATM 1298 O O   . HOH C 3 .   ? -10.827 4.493   5.653   1.00 21.57 ? 345 HOH A O   1 
HETATM 1299 O O   . HOH C 3 .   ? 10.576  -5.158  11.098  1.00 26.37 ? 346 HOH A O   1 
HETATM 1300 O O   . HOH C 3 .   ? -5.905  -12.946 9.542   1.00 20.30 ? 347 HOH A O   1 
HETATM 1301 O O   . HOH C 3 .   ? 0.267   9.667   -13.897 1.00 30.06 ? 348 HOH A O   1 
HETATM 1302 O O   . HOH C 3 .   ? 16.502  0.333   -2.492  1.00 20.57 ? 349 HOH A O   1 
HETATM 1303 O O   . HOH C 3 .   ? 18.162  -1.580  -1.046  1.00 23.33 ? 350 HOH A O   1 
HETATM 1304 O O   . HOH C 3 .   ? 3.507   16.073  -12.502 1.00 33.31 ? 351 HOH A O   1 
HETATM 1305 O O   . HOH C 3 .   ? -8.328  8.407   -3.212  1.00 26.88 ? 352 HOH A O   1 
HETATM 1306 O O   . HOH C 3 .   ? -2.862  -2.638  -13.457 1.00 28.13 ? 353 HOH A O   1 
HETATM 1307 O O   . HOH C 3 .   ? -6.069  6.522   -8.846  1.00 20.28 ? 354 HOH A O   1 
HETATM 1308 O O   . HOH C 3 .   ? 16.729  8.146   -10.853 1.00 30.92 ? 355 HOH A O   1 
HETATM 1309 O O   . HOH C 3 .   ? 2.489   -19.862 -0.058  1.00 27.09 ? 356 HOH A O   1 
HETATM 1310 O O   . HOH C 3 .   ? -20.167 -0.686  -10.292 1.00 31.69 ? 357 HOH A O   1 
HETATM 1311 O O   . HOH C 3 .   ? 5.047   -15.279 2.382   1.00 30.68 ? 358 HOH A O   1 
HETATM 1312 O O   . HOH C 3 .   ? 2.850   -5.341  -12.685 1.00 21.29 ? 359 HOH A O   1 
HETATM 1313 O O   . HOH C 3 .   ? -15.774 -4.497  -7.804  1.00 26.29 ? 360 HOH A O   1 
HETATM 1314 O O   . HOH C 3 .   ? 13.221  -3.723  8.450   1.00 26.38 ? 361 HOH A O   1 
HETATM 1315 O O   . HOH C 3 .   ? -14.763 4.072   5.495   1.00 32.57 ? 362 HOH A O   1 
HETATM 1316 O O   . HOH C 3 .   ? -3.492  9.078   14.387  1.00 33.93 ? 363 HOH A O   1 
HETATM 1317 O O   . HOH C 3 .   ? -21.852 -4.778  -8.469  1.00 31.29 ? 364 HOH A O   1 
HETATM 1318 O O   . HOH C 3 .   ? 9.179   -6.960  -8.802  1.00 23.28 ? 365 HOH A O   1 
HETATM 1319 O O   . HOH C 3 .   ? -5.719  -14.353 7.304   1.00 20.09 ? 366 HOH A O   1 
HETATM 1320 O O   . HOH C 3 .   ? 14.435  1.201   -16.813 1.00 30.20 ? 367 HOH A O   1 
HETATM 1321 O O   . HOH C 3 .   ? 7.922   -0.684  12.532  1.00 31.79 ? 368 HOH A O   1 
HETATM 1322 O O   . HOH C 3 .   ? -20.235 3.667   -9.396  1.00 35.90 ? 369 HOH A O   1 
HETATM 1323 O O   . HOH C 3 .   ? 10.636  -0.115  9.062   1.00 29.09 ? 370 HOH A O   1 
HETATM 1324 O O   . HOH C 3 .   ? 7.625   20.824  -15.597 1.00 28.66 ? 371 HOH A O   1 
HETATM 1325 O O   . HOH C 3 .   ? -4.967  9.471   10.782  1.00 34.31 ? 372 HOH A O   1 
HETATM 1326 O O   . HOH C 3 .   ? -19.430 -8.033  -0.826  1.00 27.62 ? 373 HOH A O   1 
HETATM 1327 O O   . HOH C 3 .   ? -12.249 -8.071  -5.874  1.00 28.75 ? 374 HOH A O   1 
HETATM 1328 O O   . HOH C 3 .   ? 5.948   -2.422  16.628  1.00 29.39 ? 375 HOH A O   1 
HETATM 1329 O O   . HOH C 3 .   ? -0.460  14.388  -8.079  1.00 27.71 ? 376 HOH A O   1 
HETATM 1330 O O   . HOH C 3 .   ? 5.020   -15.157 4.944   1.00 31.39 ? 377 HOH A O   1 
HETATM 1331 O O   . HOH C 3 .   ? 8.426   9.795   -3.293  1.00 25.81 ? 378 HOH A O   1 
HETATM 1332 O O   . HOH C 3 .   ? -11.853 -11.931 5.790   1.00 23.54 ? 379 HOH A O   1 
HETATM 1333 O O   . HOH C 3 .   ? 10.305  -8.082  -7.031  1.00 29.04 ? 380 HOH A O   1 
HETATM 1334 O O   . HOH C 3 .   ? 12.335  0.988   -18.777 1.00 34.73 ? 381 HOH A O   1 
HETATM 1335 O O   . HOH C 3 .   ? -0.772  14.537  -3.620  1.00 27.57 ? 382 HOH A O   1 
HETATM 1336 O O   . HOH C 3 .   ? -5.931  13.331  0.786   1.00 33.21 ? 383 HOH A O   1 
HETATM 1337 O O   . HOH C 3 .   ? 11.049  10.992  0.289   1.00 34.36 ? 384 HOH A O   1 
HETATM 1338 O O   . HOH C 3 .   ? -25.036 -5.306  -4.676  1.00 32.37 ? 385 HOH A O   1 
HETATM 1339 O O   . HOH C 3 .   ? 11.012  14.802  -12.632 1.00 38.37 ? 386 HOH A O   1 
HETATM 1340 O O   . HOH C 3 .   ? -13.093 -13.366 -3.027  1.00 28.92 ? 387 HOH A O   1 
HETATM 1341 O O   . HOH C 3 .   ? -14.378 -16.458 3.038   1.00 32.44 ? 388 HOH A O   1 
HETATM 1342 O O   . HOH C 3 .   ? 1.000   -16.218 7.321   1.00 34.74 ? 389 HOH A O   1 
HETATM 1343 O O   . HOH C 3 .   ? 4.873   -12.593 -5.260  1.00 31.15 ? 390 HOH A O   1 
HETATM 1344 O O   . HOH C 3 .   ? -13.783 -4.530  -11.667 1.00 35.48 ? 391 HOH A O   1 
HETATM 1345 O O   . HOH C 3 .   ? -11.769 -6.446  -8.240  1.00 29.62 ? 392 HOH A O   1 
HETATM 1346 O O   . HOH C 3 .   ? -17.812 -8.936  -2.791  1.00 26.40 ? 393 HOH A O   1 
HETATM 1347 O O   . HOH C 3 .   ? -15.518 -6.706  -6.311  1.00 29.47 ? 394 HOH A O   1 
HETATM 1348 O O   . HOH C 3 .   ? 7.924   -3.532  14.532  1.00 30.76 ? 395 HOH A O   1 
HETATM 1349 O O   . HOH C 3 .   ? -8.113  9.027   -5.676  1.00 32.13 ? 396 HOH A O   1 
HETATM 1350 O O   . HOH C 3 .   ? -12.591 3.660   -11.929 1.00 33.58 ? 397 HOH A O   1 
HETATM 1351 O O   . HOH C 3 .   ? -8.425  -5.347  -14.143 1.00 34.70 ? 398 HOH A O   1 
# 
loop_
_pdbx_poly_seq_scheme.asym_id 
_pdbx_poly_seq_scheme.entity_id 
_pdbx_poly_seq_scheme.seq_id 
_pdbx_poly_seq_scheme.mon_id 
_pdbx_poly_seq_scheme.ndb_seq_num 
_pdbx_poly_seq_scheme.pdb_seq_num 
_pdbx_poly_seq_scheme.auth_seq_num 
_pdbx_poly_seq_scheme.pdb_mon_id 
_pdbx_poly_seq_scheme.auth_mon_id 
_pdbx_poly_seq_scheme.pdb_strand_id 
_pdbx_poly_seq_scheme.pdb_ins_code 
_pdbx_poly_seq_scheme.hetero 
A 1 1   GLY 1   -1  -1  GLY GLY A . n 
A 1 2   PRO 2   0   0   PRO PRO A . n 
A 1 3   MET 3   1   1   MET MET A . n 
A 1 4   GLY 4   2   2   GLY GLY A . n 
A 1 5   ASN 5   3   3   ASN ASN A . n 
A 1 6   GLY 6   4   4   GLY GLY A . n 
A 1 7   MET 7   5   5   MET MET A . n 
A 1 8   ASN 8   6   6   ASN ASN A . n 
A 1 9   LYS 9   7   7   LYS LYS A . n 
A 1 10  ILE 10  8   8   ILE ILE A . n 
A 1 11  LEU 11  9   9   LEU LEU A . n 
A 1 12  PRO 12  10  10  PRO PRO A . n 
A 1 13  GLY 13  11  11  GLY GLY A . n 
A 1 14  LEU 14  12  12  LEU LEU A . n 
A 1 15  TYR 15  13  13  TYR TYR A . n 
A 1 16  ILE 16  14  14  ILE ILE A . n 
A 1 17  GLY 17  15  15  GLY GLY A . n 
A 1 18  ASN 18  16  16  ASN ASN A . n 
A 1 19  PHE 19  17  17  PHE PHE A . n 
A 1 20  LYS 20  18  18  LYS LYS A . n 
A 1 21  ASP 21  19  19  ASP ASP A . n 
A 1 22  ALA 22  20  20  ALA ALA A . n 
A 1 23  ARG 23  21  21  ARG ARG A . n 
A 1 24  ASP 24  22  22  ASP ASP A . n 
A 1 25  ALA 25  23  23  ALA ALA A . n 
A 1 26  GLU 26  24  24  GLU GLU A . n 
A 1 27  GLN 27  25  25  GLN GLN A . n 
A 1 28  LEU 28  26  26  LEU LEU A . n 
A 1 29  SER 29  27  27  SER SER A . n 
A 1 30  LYS 30  28  28  LYS LYS A . n 
A 1 31  ASN 31  29  29  ASN ASN A . n 
A 1 32  LYS 32  30  30  LYS LYS A . n 
A 1 33  VAL 33  31  31  VAL VAL A . n 
A 1 34  THR 34  32  32  THR THR A . n 
A 1 35  HIS 35  33  33  HIS HIS A . n 
A 1 36  ILE 36  34  34  ILE ILE A . n 
A 1 37  LEU 37  35  35  LEU LEU A . n 
A 1 38  SER 38  36  36  SER SER A . n 
A 1 39  VAL 39  37  37  VAL VAL A . n 
A 1 40  HIS 40  38  38  HIS HIS A . n 
A 1 41  ASP 41  39  39  ASP ASP A . n 
A 1 42  SER 42  40  40  SER SER A . n 
A 1 43  ALA 43  41  41  ALA ALA A . n 
A 1 44  ARG 44  42  42  ARG ARG A . n 
A 1 45  PRO 45  43  43  PRO PRO A . n 
A 1 46  MET 46  44  44  MET MET A . n 
A 1 47  LEU 47  45  45  LEU LEU A . n 
A 1 48  GLU 48  46  46  GLU GLU A . n 
A 1 49  GLY 49  47  47  GLY GLY A . n 
A 1 50  VAL 50  48  48  VAL VAL A . n 
A 1 51  LYS 51  49  49  LYS LYS A . n 
A 1 52  TYR 52  50  50  TYR TYR A . n 
A 1 53  LEU 53  51  51  LEU LEU A . n 
A 1 54  CYS 54  52  52  CYS CYS A . n 
A 1 55  ILE 55  53  53  ILE ILE A . n 
A 1 56  PRO 56  54  54  PRO PRO A . n 
A 1 57  ALA 57  55  55  ALA ALA A . n 
A 1 58  ALA 58  56  56  ALA ALA A . n 
A 1 59  ASP 59  57  57  ASP ASP A . n 
A 1 60  SER 60  58  58  SER SER A . n 
A 1 61  PRO 61  59  59  PRO PRO A . n 
A 1 62  SER 62  60  60  SER SER A . n 
A 1 63  GLN 63  61  61  GLN GLN A . n 
A 1 64  ASN 64  62  62  ASN ASN A . n 
A 1 65  LEU 65  63  63  LEU LEU A . n 
A 1 66  THR 66  64  64  THR THR A . n 
A 1 67  ARG 67  65  65  ARG ARG A . n 
A 1 68  HIS 68  66  66  HIS HIS A . n 
A 1 69  PHE 69  67  67  PHE PHE A . n 
A 1 70  LYS 70  68  68  LYS LYS A . n 
A 1 71  GLU 71  69  69  GLU GLU A . n 
A 1 72  SER 72  70  70  SER SER A . n 
A 1 73  ILE 73  71  71  ILE ILE A . n 
A 1 74  LYS 74  72  72  LYS LYS A . n 
A 1 75  PHE 75  73  73  PHE PHE A . n 
A 1 76  ILE 76  74  74  ILE ILE A . n 
A 1 77  HIS 77  75  75  HIS HIS A . n 
A 1 78  GLU 78  76  76  GLU GLU A . n 
A 1 79  CYS 79  77  77  CYS CYS A . n 
A 1 80  ARG 80  78  78  ARG ARG A . n 
A 1 81  LEU 81  79  79  LEU LEU A . n 
A 1 82  ARG 82  80  80  ARG ARG A . n 
A 1 83  GLY 83  81  81  GLY GLY A . n 
A 1 84  GLU 84  82  82  GLU GLU A . n 
A 1 85  SER 85  83  83  SER SER A . n 
A 1 86  CYS 86  84  84  CYS CYS A . n 
A 1 87  LEU 87  85  85  LEU LEU A . n 
A 1 88  VAL 88  86  86  VAL VAL A . n 
A 1 89  HIS 89  87  87  HIS HIS A . n 
A 1 90  CYS 90  88  88  CYS CYS A . n 
A 1 91  LEU 91  89  89  LEU LEU A . n 
A 1 92  ALA 92  90  90  ALA ALA A . n 
A 1 93  GLY 93  91  91  GLY GLY A . n 
A 1 94  VAL 94  92  92  VAL VAL A . n 
A 1 95  SER 95  93  93  SER SER A . n 
A 1 96  ARG 96  94  94  ARG ARG A . n 
A 1 97  SER 97  95  95  SER SER A . n 
A 1 98  VAL 98  96  96  VAL VAL A . n 
A 1 99  THR 99  97  97  THR THR A . n 
A 1 100 LEU 100 98  98  LEU LEU A . n 
A 1 101 VAL 101 99  99  VAL VAL A . n 
A 1 102 ILE 102 100 100 ILE ILE A . n 
A 1 103 ALA 103 101 101 ALA ALA A . n 
A 1 104 TYR 104 102 102 TYR TYR A . n 
A 1 105 ILE 105 103 103 ILE ILE A . n 
A 1 106 MET 106 104 104 MET MET A . n 
A 1 107 THR 107 105 105 THR THR A . n 
A 1 108 VAL 108 106 106 VAL VAL A . n 
A 1 109 THR 109 107 107 THR THR A . n 
A 1 110 ASP 110 108 108 ASP ASP A . n 
A 1 111 PHE 111 109 109 PHE PHE A . n 
A 1 112 GLY 112 110 110 GLY GLY A . n 
A 1 113 TRP 113 111 111 TRP TRP A . n 
A 1 114 GLU 114 112 112 GLU GLU A . n 
A 1 115 ASP 115 113 113 ASP ASP A . n 
A 1 116 ALA 116 114 114 ALA ALA A . n 
A 1 117 LEU 117 115 115 LEU LEU A . n 
A 1 118 HIS 118 116 116 HIS HIS A . n 
A 1 119 THR 119 117 117 THR THR A . n 
A 1 120 VAL 120 118 118 VAL VAL A . n 
A 1 121 ARG 121 119 119 ARG ARG A . n 
A 1 122 ALA 122 120 120 ALA ALA A . n 
A 1 123 GLY 123 121 121 GLY GLY A . n 
A 1 124 ARG 124 122 122 ARG ARG A . n 
A 1 125 SER 125 123 123 SER SER A . n 
A 1 126 CYS 126 124 124 CYS CYS A . n 
A 1 127 ALA 127 125 125 ALA ALA A . n 
A 1 128 ASN 128 126 126 ASN ASN A . n 
A 1 129 PRO 129 127 127 PRO PRO A . n 
A 1 130 ASN 130 128 128 ASN ASN A . n 
A 1 131 VAL 131 129 129 VAL VAL A . n 
A 1 132 GLY 132 130 130 GLY GLY A . n 
A 1 133 PHE 133 131 131 PHE PHE A . n 
A 1 134 GLN 134 132 132 GLN GLN A . n 
A 1 135 ARG 135 133 133 ARG ARG A . n 
A 1 136 GLN 136 134 134 GLN GLN A . n 
A 1 137 LEU 137 135 135 LEU LEU A . n 
A 1 138 GLN 138 136 136 GLN GLN A . n 
A 1 139 GLU 139 137 137 GLU GLU A . n 
A 1 140 PHE 140 138 138 PHE PHE A . n 
A 1 141 GLU 141 139 139 GLU GLU A . n 
A 1 142 LYS 142 140 140 LYS LYS A . n 
A 1 143 HIS 143 141 141 HIS HIS A . n 
A 1 144 GLU 144 142 142 GLU GLU A . n 
A 1 145 VAL 145 143 143 VAL VAL A . n 
A 1 146 HIS 146 144 144 HIS HIS A . n 
A 1 147 GLN 147 145 145 GLN GLN A . n 
A 1 148 TYR 148 146 146 TYR TYR A . n 
A 1 149 ARG 149 147 147 ARG ARG A . n 
A 1 150 GLN 150 148 148 GLN GLN A . n 
A 1 151 TRP 151 149 149 TRP TRP A . n 
A 1 152 LEU 152 150 150 LEU LEU A . n 
A 1 153 LYS 153 151 151 LYS LYS A . n 
A 1 154 GLU 154 152 152 GLU GLU A . n 
A 1 155 GLU 155 153 153 GLU GLU A . n 
A 1 156 TYR 156 154 154 TYR TYR A . n 
A 1 157 GLY 157 155 155 GLY GLY A . n 
# 
loop_
_pdbx_nonpoly_scheme.asym_id 
_pdbx_nonpoly_scheme.entity_id 
_pdbx_nonpoly_scheme.mon_id 
_pdbx_nonpoly_scheme.ndb_seq_num 
_pdbx_nonpoly_scheme.pdb_seq_num 
_pdbx_nonpoly_scheme.auth_seq_num 
_pdbx_nonpoly_scheme.pdb_mon_id 
_pdbx_nonpoly_scheme.auth_mon_id 
_pdbx_nonpoly_scheme.pdb_strand_id 
_pdbx_nonpoly_scheme.pdb_ins_code 
B 2 VO4 1  201 157 VO4 VO4 A . 
C 3 HOH 1  301 70  HOH HOH A . 
C 3 HOH 2  302 42  HOH HOH A . 
C 3 HOH 3  303 71  HOH HOH A . 
C 3 HOH 4  304 60  HOH HOH A . 
C 3 HOH 5  305 95  HOH HOH A . 
C 3 HOH 6  306 96  HOH HOH A . 
C 3 HOH 7  307 24  HOH HOH A . 
C 3 HOH 8  308 64  HOH HOH A . 
C 3 HOH 9  309 72  HOH HOH A . 
C 3 HOH 10 310 26  HOH HOH A . 
C 3 HOH 11 311 92  HOH HOH A . 
C 3 HOH 12 312 28  HOH HOH A . 
C 3 HOH 13 313 37  HOH HOH A . 
C 3 HOH 14 314 31  HOH HOH A . 
C 3 HOH 15 315 62  HOH HOH A . 
C 3 HOH 16 316 4   HOH HOH A . 
C 3 HOH 17 317 8   HOH HOH A . 
C 3 HOH 18 318 40  HOH HOH A . 
C 3 HOH 19 319 47  HOH HOH A . 
C 3 HOH 20 320 44  HOH HOH A . 
C 3 HOH 21 321 2   HOH HOH A . 
C 3 HOH 22 322 22  HOH HOH A . 
C 3 HOH 23 323 82  HOH HOH A . 
C 3 HOH 24 324 25  HOH HOH A . 
C 3 HOH 25 325 20  HOH HOH A . 
C 3 HOH 26 326 66  HOH HOH A . 
C 3 HOH 27 327 7   HOH HOH A . 
C 3 HOH 28 328 52  HOH HOH A . 
C 3 HOH 29 329 83  HOH HOH A . 
C 3 HOH 30 330 13  HOH HOH A . 
C 3 HOH 31 331 3   HOH HOH A . 
C 3 HOH 32 332 18  HOH HOH A . 
C 3 HOH 33 333 1   HOH HOH A . 
C 3 HOH 34 334 12  HOH HOH A . 
C 3 HOH 35 335 46  HOH HOH A . 
C 3 HOH 36 336 30  HOH HOH A . 
C 3 HOH 37 337 93  HOH HOH A . 
C 3 HOH 38 338 48  HOH HOH A . 
C 3 HOH 39 339 59  HOH HOH A . 
C 3 HOH 40 340 67  HOH HOH A . 
C 3 HOH 41 341 11  HOH HOH A . 
C 3 HOH 42 342 27  HOH HOH A . 
C 3 HOH 43 343 5   HOH HOH A . 
C 3 HOH 44 344 98  HOH HOH A . 
C 3 HOH 45 345 10  HOH HOH A . 
C 3 HOH 46 346 35  HOH HOH A . 
C 3 HOH 47 347 15  HOH HOH A . 
C 3 HOH 48 348 91  HOH HOH A . 
C 3 HOH 49 349 17  HOH HOH A . 
C 3 HOH 50 350 19  HOH HOH A . 
C 3 HOH 51 351 80  HOH HOH A . 
C 3 HOH 52 352 29  HOH HOH A . 
C 3 HOH 53 353 39  HOH HOH A . 
C 3 HOH 54 354 6   HOH HOH A . 
C 3 HOH 55 355 54  HOH HOH A . 
C 3 HOH 56 356 51  HOH HOH A . 
C 3 HOH 57 357 79  HOH HOH A . 
C 3 HOH 58 358 75  HOH HOH A . 
C 3 HOH 59 359 16  HOH HOH A . 
C 3 HOH 60 360 36  HOH HOH A . 
C 3 HOH 61 361 50  HOH HOH A . 
C 3 HOH 62 362 94  HOH HOH A . 
C 3 HOH 63 363 84  HOH HOH A . 
C 3 HOH 64 364 38  HOH HOH A . 
C 3 HOH 65 365 33  HOH HOH A . 
C 3 HOH 66 366 14  HOH HOH A . 
C 3 HOH 67 367 43  HOH HOH A . 
C 3 HOH 68 368 88  HOH HOH A . 
C 3 HOH 69 369 90  HOH HOH A . 
C 3 HOH 70 370 97  HOH HOH A . 
C 3 HOH 71 371 34  HOH HOH A . 
C 3 HOH 72 372 41  HOH HOH A . 
C 3 HOH 73 373 58  HOH HOH A . 
C 3 HOH 74 374 56  HOH HOH A . 
C 3 HOH 75 375 53  HOH HOH A . 
C 3 HOH 76 376 23  HOH HOH A . 
C 3 HOH 77 377 73  HOH HOH A . 
C 3 HOH 78 378 32  HOH HOH A . 
C 3 HOH 79 379 9   HOH HOH A . 
C 3 HOH 80 380 21  HOH HOH A . 
C 3 HOH 81 381 74  HOH HOH A . 
C 3 HOH 82 382 76  HOH HOH A . 
C 3 HOH 83 383 89  HOH HOH A . 
C 3 HOH 84 384 65  HOH HOH A . 
C 3 HOH 85 385 68  HOH HOH A . 
C 3 HOH 86 386 86  HOH HOH A . 
C 3 HOH 87 387 85  HOH HOH A . 
C 3 HOH 88 388 45  HOH HOH A . 
C 3 HOH 89 389 57  HOH HOH A . 
C 3 HOH 90 390 81  HOH HOH A . 
C 3 HOH 91 391 69  HOH HOH A . 
C 3 HOH 92 392 61  HOH HOH A . 
C 3 HOH 93 393 49  HOH HOH A . 
C 3 HOH 94 394 63  HOH HOH A . 
C 3 HOH 95 395 77  HOH HOH A . 
C 3 HOH 96 396 87  HOH HOH A . 
C 3 HOH 97 397 55  HOH HOH A . 
C 3 HOH 98 398 78  HOH HOH A . 
# 
_pdbx_struct_assembly.id                   1 
_pdbx_struct_assembly.details              author_and_software_defined_assembly 
_pdbx_struct_assembly.method_details       PISA 
_pdbx_struct_assembly.oligomeric_details   monomeric 
_pdbx_struct_assembly.oligomeric_count     1 
# 
_pdbx_struct_assembly_gen.assembly_id       1 
_pdbx_struct_assembly_gen.oper_expression   1 
_pdbx_struct_assembly_gen.asym_id_list      A,B,C 
# 
loop_
_pdbx_struct_assembly_prop.biol_id 
_pdbx_struct_assembly_prop.type 
_pdbx_struct_assembly_prop.value 
_pdbx_struct_assembly_prop.details 
1 'ABSA (A^2)' 230  ? 
1 MORE         -3   ? 
1 'SSA (A^2)'  7690 ? 
# 
_pdbx_struct_oper_list.id                   1 
_pdbx_struct_oper_list.type                 'identity operation' 
_pdbx_struct_oper_list.name                 1_555 
_pdbx_struct_oper_list.symmetry_operation   x,y,z 
_pdbx_struct_oper_list.matrix[1][1]         1.0000000000 
_pdbx_struct_oper_list.matrix[1][2]         0.0000000000 
_pdbx_struct_oper_list.matrix[1][3]         0.0000000000 
_pdbx_struct_oper_list.vector[1]            0.0000000000 
_pdbx_struct_oper_list.matrix[2][1]         0.0000000000 
_pdbx_struct_oper_list.matrix[2][2]         1.0000000000 
_pdbx_struct_oper_list.matrix[2][3]         0.0000000000 
_pdbx_struct_oper_list.vector[2]            0.0000000000 
_pdbx_struct_oper_list.matrix[3][1]         0.0000000000 
_pdbx_struct_oper_list.matrix[3][2]         0.0000000000 
_pdbx_struct_oper_list.matrix[3][3]         1.0000000000 
_pdbx_struct_oper_list.vector[3]            0.0000000000 
# 
loop_
_pdbx_audit_revision_history.ordinal 
_pdbx_audit_revision_history.data_content_type 
_pdbx_audit_revision_history.major_revision 
_pdbx_audit_revision_history.minor_revision 
_pdbx_audit_revision_history.revision_date 
1 'Structure model' 1 0 2020-10-28 
2 'Structure model' 1 1 2023-11-29 
# 
_pdbx_audit_revision_details.ordinal             1 
_pdbx_audit_revision_details.revision_ordinal    1 
_pdbx_audit_revision_details.data_content_type   'Structure model' 
_pdbx_audit_revision_details.provider            repository 
_pdbx_audit_revision_details.type                'Initial release' 
_pdbx_audit_revision_details.description         ? 
_pdbx_audit_revision_details.details             ? 
# 
loop_
_pdbx_audit_revision_group.ordinal 
_pdbx_audit_revision_group.revision_ordinal 
_pdbx_audit_revision_group.data_content_type 
_pdbx_audit_revision_group.group 
1 2 'Structure model' 'Data collection'        
2 2 'Structure model' 'Database references'    
3 2 'Structure model' 'Refinement description' 
# 
loop_
_pdbx_audit_revision_category.ordinal 
_pdbx_audit_revision_category.revision_ordinal 
_pdbx_audit_revision_category.data_content_type 
_pdbx_audit_revision_category.category 
1 2 'Structure model' chem_comp_atom                
2 2 'Structure model' chem_comp_bond                
3 2 'Structure model' database_2                    
4 2 'Structure model' pdbx_initial_refinement_model 
# 
loop_
_pdbx_audit_revision_item.ordinal 
_pdbx_audit_revision_item.revision_ordinal 
_pdbx_audit_revision_item.data_content_type 
_pdbx_audit_revision_item.item 
1 2 'Structure model' '_database_2.pdbx_DOI'                
2 2 'Structure model' '_database_2.pdbx_database_accession' 
# 
_pdbx_phasing_MR.entry_id                     6LVQ 
_pdbx_phasing_MR.method_rotation              ? 
_pdbx_phasing_MR.method_translation           ? 
_pdbx_phasing_MR.model_details                ? 
_pdbx_phasing_MR.R_factor                     ? 
_pdbx_phasing_MR.R_rigid_body                 ? 
_pdbx_phasing_MR.correlation_coeff_Fo_to_Fc   ? 
_pdbx_phasing_MR.correlation_coeff_Io_to_Ic   ? 
_pdbx_phasing_MR.d_res_high_rotation          1.380 
_pdbx_phasing_MR.d_res_low_rotation           28.260 
_pdbx_phasing_MR.d_res_high_translation       1.380 
_pdbx_phasing_MR.d_res_low_translation        28.260 
_pdbx_phasing_MR.packing                      ? 
_pdbx_phasing_MR.reflns_percent_rotation      ? 
_pdbx_phasing_MR.reflns_percent_translation   ? 
_pdbx_phasing_MR.sigma_F_rotation             ? 
_pdbx_phasing_MR.sigma_F_translation          ? 
_pdbx_phasing_MR.sigma_I_rotation             ? 
_pdbx_phasing_MR.sigma_I_translation          ? 
# 
_phasing.method   MR 
# 
loop_
_software.citation_id 
_software.classification 
_software.compiler_name 
_software.compiler_version 
_software.contact_author 
_software.contact_author_email 
_software.date 
_software.description 
_software.dependencies 
_software.hardware 
_software.language 
_software.location 
_software.mods 
_software.name 
_software.os 
_software.os_version 
_software.type 
_software.version 
_software.pdbx_ordinal 
? 'data reduction'  ? ? ? ? ? ? ? ? ? ? ? HKL-2000    ? ? ? .         1 
? 'data scaling'    ? ? ? ? ? ? ? ? ? ? ? HKL-2000    ? ? ? .         2 
? phasing           ? ? ? ? ? ? ? ? ? ? ? PHASER      ? ? ? 2.8.3     3 
? refinement        ? ? ? ? ? ? ? ? ? ? ? PHENIX      ? ? ? 1.16-3549 4 
? 'data extraction' ? ? ? ? ? ? ? ? ? ? ? PDB_EXTRACT ? ? ? 3.25      5 
# 
_pdbx_entry_details.entry_id                 6LVQ 
_pdbx_entry_details.has_ligand_of_interest   Y 
_pdbx_entry_details.compound_details         ? 
_pdbx_entry_details.source_details           ? 
_pdbx_entry_details.nonpolymer_details       ? 
_pdbx_entry_details.sequence_details         ? 
# 
loop_
_pdbx_validate_torsion.id 
_pdbx_validate_torsion.PDB_model_num 
_pdbx_validate_torsion.auth_comp_id 
_pdbx_validate_torsion.auth_asym_id 
_pdbx_validate_torsion.auth_seq_id 
_pdbx_validate_torsion.PDB_ins_code 
_pdbx_validate_torsion.label_alt_id 
_pdbx_validate_torsion.phi 
_pdbx_validate_torsion.psi 
1 1 MET A 44  ? ? -109.18 -60.07  
2 1 CYS A 88  ? ? -125.77 -146.51 
3 1 SER A 93  ? ? -126.23 -66.96  
4 1 ASN A 126 ? ? -168.87 86.60   
# 
loop_
_chem_comp_atom.comp_id 
_chem_comp_atom.atom_id 
_chem_comp_atom.type_symbol 
_chem_comp_atom.pdbx_aromatic_flag 
_chem_comp_atom.pdbx_stereo_config 
_chem_comp_atom.pdbx_ordinal 
ALA N    N N N 1   
ALA CA   C N S 2   
ALA C    C N N 3   
ALA O    O N N 4   
ALA CB   C N N 5   
ALA OXT  O N N 6   
ALA H    H N N 7   
ALA H2   H N N 8   
ALA HA   H N N 9   
ALA HB1  H N N 10  
ALA HB2  H N N 11  
ALA HB3  H N N 12  
ALA HXT  H N N 13  
ARG N    N N N 14  
ARG CA   C N S 15  
ARG C    C N N 16  
ARG O    O N N 17  
ARG CB   C N N 18  
ARG CG   C N N 19  
ARG CD   C N N 20  
ARG NE   N N N 21  
ARG CZ   C N N 22  
ARG NH1  N N N 23  
ARG NH2  N N N 24  
ARG OXT  O N N 25  
ARG H    H N N 26  
ARG H2   H N N 27  
ARG HA   H N N 28  
ARG HB2  H N N 29  
ARG HB3  H N N 30  
ARG HG2  H N N 31  
ARG HG3  H N N 32  
ARG HD2  H N N 33  
ARG HD3  H N N 34  
ARG HE   H N N 35  
ARG HH11 H N N 36  
ARG HH12 H N N 37  
ARG HH21 H N N 38  
ARG HH22 H N N 39  
ARG HXT  H N N 40  
ASN N    N N N 41  
ASN CA   C N S 42  
ASN C    C N N 43  
ASN O    O N N 44  
ASN CB   C N N 45  
ASN CG   C N N 46  
ASN OD1  O N N 47  
ASN ND2  N N N 48  
ASN OXT  O N N 49  
ASN H    H N N 50  
ASN H2   H N N 51  
ASN HA   H N N 52  
ASN HB2  H N N 53  
ASN HB3  H N N 54  
ASN HD21 H N N 55  
ASN HD22 H N N 56  
ASN HXT  H N N 57  
ASP N    N N N 58  
ASP CA   C N S 59  
ASP C    C N N 60  
ASP O    O N N 61  
ASP CB   C N N 62  
ASP CG   C N N 63  
ASP OD1  O N N 64  
ASP OD2  O N N 65  
ASP OXT  O N N 66  
ASP H    H N N 67  
ASP H2   H N N 68  
ASP HA   H N N 69  
ASP HB2  H N N 70  
ASP HB3  H N N 71  
ASP HD2  H N N 72  
ASP HXT  H N N 73  
CYS N    N N N 74  
CYS CA   C N R 75  
CYS C    C N N 76  
CYS O    O N N 77  
CYS CB   C N N 78  
CYS SG   S N N 79  
CYS OXT  O N N 80  
CYS H    H N N 81  
CYS H2   H N N 82  
CYS HA   H N N 83  
CYS HB2  H N N 84  
CYS HB3  H N N 85  
CYS HG   H N N 86  
CYS HXT  H N N 87  
GLN N    N N N 88  
GLN CA   C N S 89  
GLN C    C N N 90  
GLN O    O N N 91  
GLN CB   C N N 92  
GLN CG   C N N 93  
GLN CD   C N N 94  
GLN OE1  O N N 95  
GLN NE2  N N N 96  
GLN OXT  O N N 97  
GLN H    H N N 98  
GLN H2   H N N 99  
GLN HA   H N N 100 
GLN HB2  H N N 101 
GLN HB3  H N N 102 
GLN HG2  H N N 103 
GLN HG3  H N N 104 
GLN HE21 H N N 105 
GLN HE22 H N N 106 
GLN HXT  H N N 107 
GLU N    N N N 108 
GLU CA   C N S 109 
GLU C    C N N 110 
GLU O    O N N 111 
GLU CB   C N N 112 
GLU CG   C N N 113 
GLU CD   C N N 114 
GLU OE1  O N N 115 
GLU OE2  O N N 116 
GLU OXT  O N N 117 
GLU H    H N N 118 
GLU H2   H N N 119 
GLU HA   H N N 120 
GLU HB2  H N N 121 
GLU HB3  H N N 122 
GLU HG2  H N N 123 
GLU HG3  H N N 124 
GLU HE2  H N N 125 
GLU HXT  H N N 126 
GLY N    N N N 127 
GLY CA   C N N 128 
GLY C    C N N 129 
GLY O    O N N 130 
GLY OXT  O N N 131 
GLY H    H N N 132 
GLY H2   H N N 133 
GLY HA2  H N N 134 
GLY HA3  H N N 135 
GLY HXT  H N N 136 
HIS N    N N N 137 
HIS CA   C N S 138 
HIS C    C N N 139 
HIS O    O N N 140 
HIS CB   C N N 141 
HIS CG   C Y N 142 
HIS ND1  N Y N 143 
HIS CD2  C Y N 144 
HIS CE1  C Y N 145 
HIS NE2  N Y N 146 
HIS OXT  O N N 147 
HIS H    H N N 148 
HIS H2   H N N 149 
HIS HA   H N N 150 
HIS HB2  H N N 151 
HIS HB3  H N N 152 
HIS HD1  H N N 153 
HIS HD2  H N N 154 
HIS HE1  H N N 155 
HIS HE2  H N N 156 
HIS HXT  H N N 157 
HOH O    O N N 158 
HOH H1   H N N 159 
HOH H2   H N N 160 
ILE N    N N N 161 
ILE CA   C N S 162 
ILE C    C N N 163 
ILE O    O N N 164 
ILE CB   C N S 165 
ILE CG1  C N N 166 
ILE CG2  C N N 167 
ILE CD1  C N N 168 
ILE OXT  O N N 169 
ILE H    H N N 170 
ILE H2   H N N 171 
ILE HA   H N N 172 
ILE HB   H N N 173 
ILE HG12 H N N 174 
ILE HG13 H N N 175 
ILE HG21 H N N 176 
ILE HG22 H N N 177 
ILE HG23 H N N 178 
ILE HD11 H N N 179 
ILE HD12 H N N 180 
ILE HD13 H N N 181 
ILE HXT  H N N 182 
LEU N    N N N 183 
LEU CA   C N S 184 
LEU C    C N N 185 
LEU O    O N N 186 
LEU CB   C N N 187 
LEU CG   C N N 188 
LEU CD1  C N N 189 
LEU CD2  C N N 190 
LEU OXT  O N N 191 
LEU H    H N N 192 
LEU H2   H N N 193 
LEU HA   H N N 194 
LEU HB2  H N N 195 
LEU HB3  H N N 196 
LEU HG   H N N 197 
LEU HD11 H N N 198 
LEU HD12 H N N 199 
LEU HD13 H N N 200 
LEU HD21 H N N 201 
LEU HD22 H N N 202 
LEU HD23 H N N 203 
LEU HXT  H N N 204 
LYS N    N N N 205 
LYS CA   C N S 206 
LYS C    C N N 207 
LYS O    O N N 208 
LYS CB   C N N 209 
LYS CG   C N N 210 
LYS CD   C N N 211 
LYS CE   C N N 212 
LYS NZ   N N N 213 
LYS OXT  O N N 214 
LYS H    H N N 215 
LYS H2   H N N 216 
LYS HA   H N N 217 
LYS HB2  H N N 218 
LYS HB3  H N N 219 
LYS HG2  H N N 220 
LYS HG3  H N N 221 
LYS HD2  H N N 222 
LYS HD3  H N N 223 
LYS HE2  H N N 224 
LYS HE3  H N N 225 
LYS HZ1  H N N 226 
LYS HZ2  H N N 227 
LYS HZ3  H N N 228 
LYS HXT  H N N 229 
MET N    N N N 230 
MET CA   C N S 231 
MET C    C N N 232 
MET O    O N N 233 
MET CB   C N N 234 
MET CG   C N N 235 
MET SD   S N N 236 
MET CE   C N N 237 
MET OXT  O N N 238 
MET H    H N N 239 
MET H2   H N N 240 
MET HA   H N N 241 
MET HB2  H N N 242 
MET HB3  H N N 243 
MET HG2  H N N 244 
MET HG3  H N N 245 
MET HE1  H N N 246 
MET HE2  H N N 247 
MET HE3  H N N 248 
MET HXT  H N N 249 
PHE N    N N N 250 
PHE CA   C N S 251 
PHE C    C N N 252 
PHE O    O N N 253 
PHE CB   C N N 254 
PHE CG   C Y N 255 
PHE CD1  C Y N 256 
PHE CD2  C Y N 257 
PHE CE1  C Y N 258 
PHE CE2  C Y N 259 
PHE CZ   C Y N 260 
PHE OXT  O N N 261 
PHE H    H N N 262 
PHE H2   H N N 263 
PHE HA   H N N 264 
PHE HB2  H N N 265 
PHE HB3  H N N 266 
PHE HD1  H N N 267 
PHE HD2  H N N 268 
PHE HE1  H N N 269 
PHE HE2  H N N 270 
PHE HZ   H N N 271 
PHE HXT  H N N 272 
PRO N    N N N 273 
PRO CA   C N S 274 
PRO C    C N N 275 
PRO O    O N N 276 
PRO CB   C N N 277 
PRO CG   C N N 278 
PRO CD   C N N 279 
PRO OXT  O N N 280 
PRO H    H N N 281 
PRO HA   H N N 282 
PRO HB2  H N N 283 
PRO HB3  H N N 284 
PRO HG2  H N N 285 
PRO HG3  H N N 286 
PRO HD2  H N N 287 
PRO HD3  H N N 288 
PRO HXT  H N N 289 
SER N    N N N 290 
SER CA   C N S 291 
SER C    C N N 292 
SER O    O N N 293 
SER CB   C N N 294 
SER OG   O N N 295 
SER OXT  O N N 296 
SER H    H N N 297 
SER H2   H N N 298 
SER HA   H N N 299 
SER HB2  H N N 300 
SER HB3  H N N 301 
SER HG   H N N 302 
SER HXT  H N N 303 
THR N    N N N 304 
THR CA   C N S 305 
THR C    C N N 306 
THR O    O N N 307 
THR CB   C N R 308 
THR OG1  O N N 309 
THR CG2  C N N 310 
THR OXT  O N N 311 
THR H    H N N 312 
THR H2   H N N 313 
THR HA   H N N 314 
THR HB   H N N 315 
THR HG1  H N N 316 
THR HG21 H N N 317 
THR HG22 H N N 318 
THR HG23 H N N 319 
THR HXT  H N N 320 
TRP N    N N N 321 
TRP CA   C N S 322 
TRP C    C N N 323 
TRP O    O N N 324 
TRP CB   C N N 325 
TRP CG   C Y N 326 
TRP CD1  C Y N 327 
TRP CD2  C Y N 328 
TRP NE1  N Y N 329 
TRP CE2  C Y N 330 
TRP CE3  C Y N 331 
TRP CZ2  C Y N 332 
TRP CZ3  C Y N 333 
TRP CH2  C Y N 334 
TRP OXT  O N N 335 
TRP H    H N N 336 
TRP H2   H N N 337 
TRP HA   H N N 338 
TRP HB2  H N N 339 
TRP HB3  H N N 340 
TRP HD1  H N N 341 
TRP HE1  H N N 342 
TRP HE3  H N N 343 
TRP HZ2  H N N 344 
TRP HZ3  H N N 345 
TRP HH2  H N N 346 
TRP HXT  H N N 347 
TYR N    N N N 348 
TYR CA   C N S 349 
TYR C    C N N 350 
TYR O    O N N 351 
TYR CB   C N N 352 
TYR CG   C Y N 353 
TYR CD1  C Y N 354 
TYR CD2  C Y N 355 
TYR CE1  C Y N 356 
TYR CE2  C Y N 357 
TYR CZ   C Y N 358 
TYR OH   O N N 359 
TYR OXT  O N N 360 
TYR H    H N N 361 
TYR H2   H N N 362 
TYR HA   H N N 363 
TYR HB2  H N N 364 
TYR HB3  H N N 365 
TYR HD1  H N N 366 
TYR HD2  H N N 367 
TYR HE1  H N N 368 
TYR HE2  H N N 369 
TYR HH   H N N 370 
TYR HXT  H N N 371 
VAL N    N N N 372 
VAL CA   C N S 373 
VAL C    C N N 374 
VAL O    O N N 375 
VAL CB   C N N 376 
VAL CG1  C N N 377 
VAL CG2  C N N 378 
VAL OXT  O N N 379 
VAL H    H N N 380 
VAL H2   H N N 381 
VAL HA   H N N 382 
VAL HB   H N N 383 
VAL HG11 H N N 384 
VAL HG12 H N N 385 
VAL HG13 H N N 386 
VAL HG21 H N N 387 
VAL HG22 H N N 388 
VAL HG23 H N N 389 
VAL HXT  H N N 390 
VO4 V    V N N 391 
VO4 O1   O N N 392 
VO4 O2   O N N 393 
VO4 O3   O N N 394 
VO4 O4   O N N 395 
# 
loop_
_chem_comp_bond.comp_id 
_chem_comp_bond.atom_id_1 
_chem_comp_bond.atom_id_2 
_chem_comp_bond.value_order 
_chem_comp_bond.pdbx_aromatic_flag 
_chem_comp_bond.pdbx_stereo_config 
_chem_comp_bond.pdbx_ordinal 
ALA N   CA   sing N N 1   
ALA N   H    sing N N 2   
ALA N   H2   sing N N 3   
ALA CA  C    sing N N 4   
ALA CA  CB   sing N N 5   
ALA CA  HA   sing N N 6   
ALA C   O    doub N N 7   
ALA C   OXT  sing N N 8   
ALA CB  HB1  sing N N 9   
ALA CB  HB2  sing N N 10  
ALA CB  HB3  sing N N 11  
ALA OXT HXT  sing N N 12  
ARG N   CA   sing N N 13  
ARG N   H    sing N N 14  
ARG N   H2   sing N N 15  
ARG CA  C    sing N N 16  
ARG CA  CB   sing N N 17  
ARG CA  HA   sing N N 18  
ARG C   O    doub N N 19  
ARG C   OXT  sing N N 20  
ARG CB  CG   sing N N 21  
ARG CB  HB2  sing N N 22  
ARG CB  HB3  sing N N 23  
ARG CG  CD   sing N N 24  
ARG CG  HG2  sing N N 25  
ARG CG  HG3  sing N N 26  
ARG CD  NE   sing N N 27  
ARG CD  HD2  sing N N 28  
ARG CD  HD3  sing N N 29  
ARG NE  CZ   sing N N 30  
ARG NE  HE   sing N N 31  
ARG CZ  NH1  sing N N 32  
ARG CZ  NH2  doub N N 33  
ARG NH1 HH11 sing N N 34  
ARG NH1 HH12 sing N N 35  
ARG NH2 HH21 sing N N 36  
ARG NH2 HH22 sing N N 37  
ARG OXT HXT  sing N N 38  
ASN N   CA   sing N N 39  
ASN N   H    sing N N 40  
ASN N   H2   sing N N 41  
ASN CA  C    sing N N 42  
ASN CA  CB   sing N N 43  
ASN CA  HA   sing N N 44  
ASN C   O    doub N N 45  
ASN C   OXT  sing N N 46  
ASN CB  CG   sing N N 47  
ASN CB  HB2  sing N N 48  
ASN CB  HB3  sing N N 49  
ASN CG  OD1  doub N N 50  
ASN CG  ND2  sing N N 51  
ASN ND2 HD21 sing N N 52  
ASN ND2 HD22 sing N N 53  
ASN OXT HXT  sing N N 54  
ASP N   CA   sing N N 55  
ASP N   H    sing N N 56  
ASP N   H2   sing N N 57  
ASP CA  C    sing N N 58  
ASP CA  CB   sing N N 59  
ASP CA  HA   sing N N 60  
ASP C   O    doub N N 61  
ASP C   OXT  sing N N 62  
ASP CB  CG   sing N N 63  
ASP CB  HB2  sing N N 64  
ASP CB  HB3  sing N N 65  
ASP CG  OD1  doub N N 66  
ASP CG  OD2  sing N N 67  
ASP OD2 HD2  sing N N 68  
ASP OXT HXT  sing N N 69  
CYS N   CA   sing N N 70  
CYS N   H    sing N N 71  
CYS N   H2   sing N N 72  
CYS CA  C    sing N N 73  
CYS CA  CB   sing N N 74  
CYS CA  HA   sing N N 75  
CYS C   O    doub N N 76  
CYS C   OXT  sing N N 77  
CYS CB  SG   sing N N 78  
CYS CB  HB2  sing N N 79  
CYS CB  HB3  sing N N 80  
CYS SG  HG   sing N N 81  
CYS OXT HXT  sing N N 82  
GLN N   CA   sing N N 83  
GLN N   H    sing N N 84  
GLN N   H2   sing N N 85  
GLN CA  C    sing N N 86  
GLN CA  CB   sing N N 87  
GLN CA  HA   sing N N 88  
GLN C   O    doub N N 89  
GLN C   OXT  sing N N 90  
GLN CB  CG   sing N N 91  
GLN CB  HB2  sing N N 92  
GLN CB  HB3  sing N N 93  
GLN CG  CD   sing N N 94  
GLN CG  HG2  sing N N 95  
GLN CG  HG3  sing N N 96  
GLN CD  OE1  doub N N 97  
GLN CD  NE2  sing N N 98  
GLN NE2 HE21 sing N N 99  
GLN NE2 HE22 sing N N 100 
GLN OXT HXT  sing N N 101 
GLU N   CA   sing N N 102 
GLU N   H    sing N N 103 
GLU N   H2   sing N N 104 
GLU CA  C    sing N N 105 
GLU CA  CB   sing N N 106 
GLU CA  HA   sing N N 107 
GLU C   O    doub N N 108 
GLU C   OXT  sing N N 109 
GLU CB  CG   sing N N 110 
GLU CB  HB2  sing N N 111 
GLU CB  HB3  sing N N 112 
GLU CG  CD   sing N N 113 
GLU CG  HG2  sing N N 114 
GLU CG  HG3  sing N N 115 
GLU CD  OE1  doub N N 116 
GLU CD  OE2  sing N N 117 
GLU OE2 HE2  sing N N 118 
GLU OXT HXT  sing N N 119 
GLY N   CA   sing N N 120 
GLY N   H    sing N N 121 
GLY N   H2   sing N N 122 
GLY CA  C    sing N N 123 
GLY CA  HA2  sing N N 124 
GLY CA  HA3  sing N N 125 
GLY C   O    doub N N 126 
GLY C   OXT  sing N N 127 
GLY OXT HXT  sing N N 128 
HIS N   CA   sing N N 129 
HIS N   H    sing N N 130 
HIS N   H2   sing N N 131 
HIS CA  C    sing N N 132 
HIS CA  CB   sing N N 133 
HIS CA  HA   sing N N 134 
HIS C   O    doub N N 135 
HIS C   OXT  sing N N 136 
HIS CB  CG   sing N N 137 
HIS CB  HB2  sing N N 138 
HIS CB  HB3  sing N N 139 
HIS CG  ND1  sing Y N 140 
HIS CG  CD2  doub Y N 141 
HIS ND1 CE1  doub Y N 142 
HIS ND1 HD1  sing N N 143 
HIS CD2 NE2  sing Y N 144 
HIS CD2 HD2  sing N N 145 
HIS CE1 NE2  sing Y N 146 
HIS CE1 HE1  sing N N 147 
HIS NE2 HE2  sing N N 148 
HIS OXT HXT  sing N N 149 
HOH O   H1   sing N N 150 
HOH O   H2   sing N N 151 
ILE N   CA   sing N N 152 
ILE N   H    sing N N 153 
ILE N   H2   sing N N 154 
ILE CA  C    sing N N 155 
ILE CA  CB   sing N N 156 
ILE CA  HA   sing N N 157 
ILE C   O    doub N N 158 
ILE C   OXT  sing N N 159 
ILE CB  CG1  sing N N 160 
ILE CB  CG2  sing N N 161 
ILE CB  HB   sing N N 162 
ILE CG1 CD1  sing N N 163 
ILE CG1 HG12 sing N N 164 
ILE CG1 HG13 sing N N 165 
ILE CG2 HG21 sing N N 166 
ILE CG2 HG22 sing N N 167 
ILE CG2 HG23 sing N N 168 
ILE CD1 HD11 sing N N 169 
ILE CD1 HD12 sing N N 170 
ILE CD1 HD13 sing N N 171 
ILE OXT HXT  sing N N 172 
LEU N   CA   sing N N 173 
LEU N   H    sing N N 174 
LEU N   H2   sing N N 175 
LEU CA  C    sing N N 176 
LEU CA  CB   sing N N 177 
LEU CA  HA   sing N N 178 
LEU C   O    doub N N 179 
LEU C   OXT  sing N N 180 
LEU CB  CG   sing N N 181 
LEU CB  HB2  sing N N 182 
LEU CB  HB3  sing N N 183 
LEU CG  CD1  sing N N 184 
LEU CG  CD2  sing N N 185 
LEU CG  HG   sing N N 186 
LEU CD1 HD11 sing N N 187 
LEU CD1 HD12 sing N N 188 
LEU CD1 HD13 sing N N 189 
LEU CD2 HD21 sing N N 190 
LEU CD2 HD22 sing N N 191 
LEU CD2 HD23 sing N N 192 
LEU OXT HXT  sing N N 193 
LYS N   CA   sing N N 194 
LYS N   H    sing N N 195 
LYS N   H2   sing N N 196 
LYS CA  C    sing N N 197 
LYS CA  CB   sing N N 198 
LYS CA  HA   sing N N 199 
LYS C   O    doub N N 200 
LYS C   OXT  sing N N 201 
LYS CB  CG   sing N N 202 
LYS CB  HB2  sing N N 203 
LYS CB  HB3  sing N N 204 
LYS CG  CD   sing N N 205 
LYS CG  HG2  sing N N 206 
LYS CG  HG3  sing N N 207 
LYS CD  CE   sing N N 208 
LYS CD  HD2  sing N N 209 
LYS CD  HD3  sing N N 210 
LYS CE  NZ   sing N N 211 
LYS CE  HE2  sing N N 212 
LYS CE  HE3  sing N N 213 
LYS NZ  HZ1  sing N N 214 
LYS NZ  HZ2  sing N N 215 
LYS NZ  HZ3  sing N N 216 
LYS OXT HXT  sing N N 217 
MET N   CA   sing N N 218 
MET N   H    sing N N 219 
MET N   H2   sing N N 220 
MET CA  C    sing N N 221 
MET CA  CB   sing N N 222 
MET CA  HA   sing N N 223 
MET C   O    doub N N 224 
MET C   OXT  sing N N 225 
MET CB  CG   sing N N 226 
MET CB  HB2  sing N N 227 
MET CB  HB3  sing N N 228 
MET CG  SD   sing N N 229 
MET CG  HG2  sing N N 230 
MET CG  HG3  sing N N 231 
MET SD  CE   sing N N 232 
MET CE  HE1  sing N N 233 
MET CE  HE2  sing N N 234 
MET CE  HE3  sing N N 235 
MET OXT HXT  sing N N 236 
PHE N   CA   sing N N 237 
PHE N   H    sing N N 238 
PHE N   H2   sing N N 239 
PHE CA  C    sing N N 240 
PHE CA  CB   sing N N 241 
PHE CA  HA   sing N N 242 
PHE C   O    doub N N 243 
PHE C   OXT  sing N N 244 
PHE CB  CG   sing N N 245 
PHE CB  HB2  sing N N 246 
PHE CB  HB3  sing N N 247 
PHE CG  CD1  doub Y N 248 
PHE CG  CD2  sing Y N 249 
PHE CD1 CE1  sing Y N 250 
PHE CD1 HD1  sing N N 251 
PHE CD2 CE2  doub Y N 252 
PHE CD2 HD2  sing N N 253 
PHE CE1 CZ   doub Y N 254 
PHE CE1 HE1  sing N N 255 
PHE CE2 CZ   sing Y N 256 
PHE CE2 HE2  sing N N 257 
PHE CZ  HZ   sing N N 258 
PHE OXT HXT  sing N N 259 
PRO N   CA   sing N N 260 
PRO N   CD   sing N N 261 
PRO N   H    sing N N 262 
PRO CA  C    sing N N 263 
PRO CA  CB   sing N N 264 
PRO CA  HA   sing N N 265 
PRO C   O    doub N N 266 
PRO C   OXT  sing N N 267 
PRO CB  CG   sing N N 268 
PRO CB  HB2  sing N N 269 
PRO CB  HB3  sing N N 270 
PRO CG  CD   sing N N 271 
PRO CG  HG2  sing N N 272 
PRO CG  HG3  sing N N 273 
PRO CD  HD2  sing N N 274 
PRO CD  HD3  sing N N 275 
PRO OXT HXT  sing N N 276 
SER N   CA   sing N N 277 
SER N   H    sing N N 278 
SER N   H2   sing N N 279 
SER CA  C    sing N N 280 
SER CA  CB   sing N N 281 
SER CA  HA   sing N N 282 
SER C   O    doub N N 283 
SER C   OXT  sing N N 284 
SER CB  OG   sing N N 285 
SER CB  HB2  sing N N 286 
SER CB  HB3  sing N N 287 
SER OG  HG   sing N N 288 
SER OXT HXT  sing N N 289 
THR N   CA   sing N N 290 
THR N   H    sing N N 291 
THR N   H2   sing N N 292 
THR CA  C    sing N N 293 
THR CA  CB   sing N N 294 
THR CA  HA   sing N N 295 
THR C   O    doub N N 296 
THR C   OXT  sing N N 297 
THR CB  OG1  sing N N 298 
THR CB  CG2  sing N N 299 
THR CB  HB   sing N N 300 
THR OG1 HG1  sing N N 301 
THR CG2 HG21 sing N N 302 
THR CG2 HG22 sing N N 303 
THR CG2 HG23 sing N N 304 
THR OXT HXT  sing N N 305 
TRP N   CA   sing N N 306 
TRP N   H    sing N N 307 
TRP N   H2   sing N N 308 
TRP CA  C    sing N N 309 
TRP CA  CB   sing N N 310 
TRP CA  HA   sing N N 311 
TRP C   O    doub N N 312 
TRP C   OXT  sing N N 313 
TRP CB  CG   sing N N 314 
TRP CB  HB2  sing N N 315 
TRP CB  HB3  sing N N 316 
TRP CG  CD1  doub Y N 317 
TRP CG  CD2  sing Y N 318 
TRP CD1 NE1  sing Y N 319 
TRP CD1 HD1  sing N N 320 
TRP CD2 CE2  doub Y N 321 
TRP CD2 CE3  sing Y N 322 
TRP NE1 CE2  sing Y N 323 
TRP NE1 HE1  sing N N 324 
TRP CE2 CZ2  sing Y N 325 
TRP CE3 CZ3  doub Y N 326 
TRP CE3 HE3  sing N N 327 
TRP CZ2 CH2  doub Y N 328 
TRP CZ2 HZ2  sing N N 329 
TRP CZ3 CH2  sing Y N 330 
TRP CZ3 HZ3  sing N N 331 
TRP CH2 HH2  sing N N 332 
TRP OXT HXT  sing N N 333 
TYR N   CA   sing N N 334 
TYR N   H    sing N N 335 
TYR N   H2   sing N N 336 
TYR CA  C    sing N N 337 
TYR CA  CB   sing N N 338 
TYR CA  HA   sing N N 339 
TYR C   O    doub N N 340 
TYR C   OXT  sing N N 341 
TYR CB  CG   sing N N 342 
TYR CB  HB2  sing N N 343 
TYR CB  HB3  sing N N 344 
TYR CG  CD1  doub Y N 345 
TYR CG  CD2  sing Y N 346 
TYR CD1 CE1  sing Y N 347 
TYR CD1 HD1  sing N N 348 
TYR CD2 CE2  doub Y N 349 
TYR CD2 HD2  sing N N 350 
TYR CE1 CZ   doub Y N 351 
TYR CE1 HE1  sing N N 352 
TYR CE2 CZ   sing Y N 353 
TYR CE2 HE2  sing N N 354 
TYR CZ  OH   sing N N 355 
TYR OH  HH   sing N N 356 
TYR OXT HXT  sing N N 357 
VAL N   CA   sing N N 358 
VAL N   H    sing N N 359 
VAL N   H2   sing N N 360 
VAL CA  C    sing N N 361 
VAL CA  CB   sing N N 362 
VAL CA  HA   sing N N 363 
VAL C   O    doub N N 364 
VAL C   OXT  sing N N 365 
VAL CB  CG1  sing N N 366 
VAL CB  CG2  sing N N 367 
VAL CB  HB   sing N N 368 
VAL CG1 HG11 sing N N 369 
VAL CG1 HG12 sing N N 370 
VAL CG1 HG13 sing N N 371 
VAL CG2 HG21 sing N N 372 
VAL CG2 HG22 sing N N 373 
VAL CG2 HG23 sing N N 374 
VAL OXT HXT  sing N N 375 
VO4 V   O1   doub N N 376 
VO4 V   O2   sing N N 377 
VO4 V   O3   sing N N 378 
VO4 V   O4   sing N N 379 
# 
_pdbx_audit_support.funding_organization   'Ministry of Science and Technology (MoST, Taiwan)' 
_pdbx_audit_support.country                Taiwan 
_pdbx_audit_support.grant_number           ? 
_pdbx_audit_support.ordinal                1 
# 
_pdbx_entity_instance_feature.ordinal        1 
_pdbx_entity_instance_feature.comp_id        VO4 
_pdbx_entity_instance_feature.asym_id        ? 
_pdbx_entity_instance_feature.seq_num        ? 
_pdbx_entity_instance_feature.auth_comp_id   VO4 
_pdbx_entity_instance_feature.auth_asym_id   ? 
_pdbx_entity_instance_feature.auth_seq_num   ? 
_pdbx_entity_instance_feature.feature_type   'SUBJECT OF INVESTIGATION' 
_pdbx_entity_instance_feature.details        ? 
# 
loop_
_pdbx_entity_nonpoly.entity_id 
_pdbx_entity_nonpoly.name 
_pdbx_entity_nonpoly.comp_id 
2 'VANADATE ION' VO4 
3 water          HOH 
# 
_pdbx_initial_refinement_model.id               1 
_pdbx_initial_refinement_model.entity_id_list   ? 
_pdbx_initial_refinement_model.type             'experimental model' 
_pdbx_initial_refinement_model.source_name      PDB 
_pdbx_initial_refinement_model.accession_code   1WRM 
_pdbx_initial_refinement_model.details          ? 
# 
_pdbx_struct_assembly_auth_evidence.id                     1 
_pdbx_struct_assembly_auth_evidence.assembly_id            1 
_pdbx_struct_assembly_auth_evidence.experimental_support   none 
_pdbx_struct_assembly_auth_evidence.details                ? 
# 
